data_4J3N
#
_entry.id   4J3N
#
_cell.length_a   79.953
_cell.length_b   176.368
_cell.length_c   94.225
_cell.angle_alpha   90.00
_cell.angle_beta   112.06
_cell.angle_gamma   90.00
#
_symmetry.space_group_name_H-M   'P 1 21 1'
#
loop_
_entity.id
_entity.type
_entity.pdbx_description
1 polymer 'DNA topoisomerase 2-beta'
2 polymer "DNA (5'-D(P*AP*GP*CP*CP*GP*AP*GP*C)-3')"
3 polymer "DNA (5'-D(P*TP*GP*CP*AP*GP*CP*TP*CP*GP*GP*CP*T)-3')"
4 non-polymer 'MAGNESIUM ION'
5 water water
#
loop_
_entity_poly.entity_id
_entity_poly.type
_entity_poly.pdbx_seq_one_letter_code
_entity_poly.pdbx_strand_id
1 'polypeptide(L)'
;MASWSHPQFEKGADDDDKVPDPTSVDSVKYSKIKGIPKLDDANDAGGKHSLECTLILTEGDSAKSLAVSGLGVIGRDRYG
VFPLRGKILNVREASHKQIMENAEINNIIKIVGLQYKKSYDDAESLKTLRYGKIMIMTDQDQDGSHIKGLLINFIHHNWP
SLLKHGFLEEFITPIVKASKNKQELSFYSIPEFDEWKKHIENQKAWKIKYYKGLGTSTAKEAKEYFADMERHRILFRYAG
PEDDAAITLAFSKKKIDDRKEWLTNFMEDRRQRRLHGLPEQFLYGTATKHLTYNDFINKELILFSNSDNERSIPSLVDGF
KPGQRKVLFTCFKRNDKREVKVAQLAGSVAEMSAYHHGEQALMMTIVNLAQNFVGSNNINLLQPIGQFGTRLHGGKDAAS
PRYIFTMLSTLARLLFPAVDDNLLKFLYDDNQRVEPEWYIPIIPMVLINGAEGIGTGWACKLPNYDAREIVNNVRRMLDG
LDPHPMLPNYKNFKGTIQELGQNQYAVSGEIFVVDRNTVEITELPVRTWTQVYKEQVLEPMLNGTDKTPALISDYKEYHT
DTTVKFVVKMTEEKLAQAEAAGLHKVFKLQTTLTCNSMVLFDHMGCLKKYETVQDILKEFFDLRLSYYGLRKEWLVGMLG
AESTKLNNQARFILEKIQGKITIENRSKKDLIQMLVQRGYESDPVKAWKEAQEKAAEEDETQNQHDDSSSDSGTPSGPDF
NYILNMSLWSLTKEKVEELIKQRDAKGREVNDLKRKSPSDLWKEDLAAFVEELDKVESQEREDGAPGFSSISAHHHHHHH
HHH
;
A,B
2 'polydeoxyribonucleotide' (DA)(DG)(DC)(DC)(DG)(DA)(DG)(DC) C,E
3 'polydeoxyribonucleotide' (DT)(DG)(DC)(DA)(DG)(DC)(DT)(DC)(DG)(DG)(DC)(DT) D,F
#
loop_
_chem_comp.id
_chem_comp.type
_chem_comp.name
_chem_comp.formula
DA DNA linking 2'-DEOXYADENOSINE-5'-MONOPHOSPHATE 'C10 H14 N5 O6 P'
DC DNA linking 2'-DEOXYCYTIDINE-5'-MONOPHOSPHATE 'C9 H14 N3 O7 P'
DG DNA linking 2'-DEOXYGUANOSINE-5'-MONOPHOSPHATE 'C10 H14 N5 O7 P'
DT DNA linking THYMIDINE-5'-MONOPHOSPHATE 'C10 H15 N2 O8 P'
MG non-polymer 'MAGNESIUM ION' 'Mg 2'
#
# COMPACT_ATOMS: atom_id res chain seq x y z
N PRO A 37 10.37 21.33 -19.14
CA PRO A 37 10.62 19.90 -18.85
C PRO A 37 9.32 19.13 -18.59
N LYS A 38 8.62 19.47 -17.50
CA LYS A 38 7.27 18.96 -17.31
C LYS A 38 6.30 19.88 -18.04
N LEU A 39 6.86 20.87 -18.73
CA LEU A 39 6.09 21.90 -19.43
C LEU A 39 5.56 21.47 -20.80
N ASP A 40 4.31 21.83 -21.07
CA ASP A 40 3.74 21.68 -22.41
C ASP A 40 3.39 23.08 -22.91
N ASP A 41 4.39 23.79 -23.42
CA ASP A 41 4.23 25.17 -23.85
C ASP A 41 3.15 25.31 -24.93
N ALA A 42 2.41 26.42 -24.89
CA ALA A 42 1.41 26.67 -25.91
C ALA A 42 2.11 27.07 -27.21
N ASN A 43 1.68 26.48 -28.31
CA ASN A 43 2.29 26.77 -29.61
C ASN A 43 2.57 28.26 -29.81
N ASP A 44 1.54 29.09 -29.61
CA ASP A 44 1.61 30.54 -29.85
C ASP A 44 2.34 31.33 -28.76
N ALA A 45 2.73 30.66 -27.68
CA ALA A 45 3.42 31.32 -26.57
C ALA A 45 4.77 31.88 -27.01
N GLY A 46 4.97 33.18 -26.80
CA GLY A 46 6.17 33.87 -27.25
C GLY A 46 5.90 34.76 -28.46
N GLY A 47 4.94 34.36 -29.30
CA GLY A 47 4.64 35.04 -30.54
C GLY A 47 3.84 36.32 -30.39
N LYS A 48 3.19 36.73 -31.48
CA LYS A 48 2.38 37.94 -31.48
C LYS A 48 1.07 37.72 -30.72
N HIS A 49 0.68 36.47 -30.61
CA HIS A 49 -0.55 36.11 -29.89
C HIS A 49 -0.30 35.75 -28.43
N SER A 50 0.88 36.12 -27.92
CA SER A 50 1.26 35.86 -26.54
C SER A 50 0.15 36.21 -25.56
N LEU A 51 -0.18 37.50 -25.51
CA LEU A 51 -1.14 38.02 -24.55
C LEU A 51 -2.52 37.37 -24.64
N GLU A 52 -2.73 36.55 -25.67
CA GLU A 52 -3.98 35.80 -25.81
C GLU A 52 -3.79 34.36 -25.39
N CYS A 53 -2.59 34.05 -24.92
CA CYS A 53 -2.30 32.71 -24.42
C CYS A 53 -2.47 32.58 -22.90
N THR A 54 -2.97 31.43 -22.48
CA THR A 54 -3.21 31.14 -21.06
C THR A 54 -2.29 30.03 -20.59
N LEU A 55 -1.56 30.28 -19.50
CA LEU A 55 -0.80 29.20 -18.86
C LEU A 55 -1.66 28.56 -17.77
N ILE A 56 -1.96 27.28 -17.91
CA ILE A 56 -2.67 26.52 -16.89
C ILE A 56 -1.68 25.91 -15.91
N LEU A 57 -1.67 26.39 -14.66
CA LEU A 57 -0.89 25.77 -13.59
C LEU A 57 -1.78 24.80 -12.82
N THR A 58 -1.40 23.52 -12.82
CA THR A 58 -2.22 22.49 -12.21
C THR A 58 -1.66 22.02 -10.88
N GLU A 59 -2.53 21.44 -10.07
CA GLU A 59 -2.10 20.84 -8.82
C GLU A 59 -1.61 19.43 -9.08
N GLY A 60 -0.31 19.29 -9.31
CA GLY A 60 0.29 17.97 -9.52
C GLY A 60 0.20 17.49 -10.96
N ASP A 61 1.01 16.48 -11.27
CA ASP A 61 1.19 16.03 -12.66
C ASP A 61 -0.06 15.34 -13.18
N SER A 62 -0.72 14.58 -12.32
CA SER A 62 -1.92 13.87 -12.73
C SER A 62 -2.94 14.86 -13.31
N ALA A 63 -3.19 15.93 -12.56
CA ALA A 63 -4.10 16.98 -13.00
C ALA A 63 -3.66 17.56 -14.34
N LYS A 64 -2.35 17.73 -14.51
CA LYS A 64 -1.77 18.21 -15.75
C LYS A 64 -2.30 17.36 -16.90
N SER A 65 -2.19 16.05 -16.77
CA SER A 65 -2.66 15.10 -17.78
C SER A 65 -4.10 15.35 -18.19
N LEU A 66 -5.00 15.39 -17.22
CA LEU A 66 -6.42 15.61 -17.48
C LEU A 66 -6.64 16.96 -18.15
N ALA A 67 -5.69 17.86 -17.98
CA ALA A 67 -5.76 19.16 -18.63
C ALA A 67 -5.32 19.02 -20.09
N VAL A 68 -4.31 18.20 -20.33
CA VAL A 68 -3.83 17.99 -21.70
C VAL A 68 -4.86 17.18 -22.49
N SER A 69 -5.45 16.18 -21.85
CA SER A 69 -6.54 15.41 -22.43
C SER A 69 -7.72 16.31 -22.82
N GLY A 70 -8.19 17.11 -21.87
CA GLY A 70 -9.33 17.96 -22.11
C GLY A 70 -9.05 19.12 -23.05
N LEU A 71 -7.77 19.34 -23.34
CA LEU A 71 -7.35 20.50 -24.11
C LEU A 71 -7.24 20.24 -25.62
N GLY A 72 -6.30 19.37 -26.00
CA GLY A 72 -6.05 19.07 -27.40
C GLY A 72 -7.29 18.66 -28.18
N VAL A 73 -7.23 18.79 -29.50
CA VAL A 73 -6.02 19.25 -30.19
C VAL A 73 -6.05 20.76 -30.42
N ILE A 74 -7.25 21.31 -30.61
CA ILE A 74 -7.42 22.75 -30.85
C ILE A 74 -6.88 23.59 -29.69
N GLY A 75 -7.09 23.12 -28.47
CA GLY A 75 -6.70 23.87 -27.29
C GLY A 75 -5.21 24.09 -27.16
N ARG A 76 -4.44 23.29 -27.90
CA ARG A 76 -2.99 23.30 -27.77
C ARG A 76 -2.33 24.60 -28.26
N ASP A 77 -3.04 25.35 -29.10
CA ASP A 77 -2.48 26.59 -29.65
C ASP A 77 -2.42 27.74 -28.64
N ARG A 78 -3.48 27.93 -27.86
CA ARG A 78 -3.59 29.07 -26.95
C ARG A 78 -3.49 28.72 -25.46
N TYR A 79 -3.22 27.46 -25.14
CA TYR A 79 -3.10 27.02 -23.74
C TYR A 79 -1.85 26.21 -23.44
N GLY A 80 -1.05 26.69 -22.49
CA GLY A 80 0.03 25.89 -21.93
C GLY A 80 -0.40 25.16 -20.66
N VAL A 81 0.32 24.10 -20.30
CA VAL A 81 0.03 23.33 -19.09
C VAL A 81 1.31 23.01 -18.34
N PHE A 82 1.37 23.42 -17.07
CA PHE A 82 2.53 23.18 -16.21
C PHE A 82 2.07 22.74 -14.82
N PRO A 83 2.75 21.75 -14.23
CA PRO A 83 2.31 21.18 -12.95
C PRO A 83 3.06 21.74 -11.75
N LEU A 84 2.34 22.12 -10.71
CA LEU A 84 2.96 22.47 -9.44
C LEU A 84 3.05 21.21 -8.60
N ARG A 85 4.11 21.07 -7.82
CA ARG A 85 4.28 19.88 -6.96
C ARG A 85 3.26 19.86 -5.84
N GLY A 86 3.00 21.01 -5.27
CA GLY A 86 2.01 21.14 -4.22
C GLY A 86 2.06 22.56 -3.69
N LYS A 87 2.13 22.70 -2.37
CA LYS A 87 2.26 24.02 -1.81
C LYS A 87 3.50 24.68 -2.39
N ILE A 88 3.35 25.94 -2.77
CA ILE A 88 4.41 26.78 -3.33
C ILE A 88 5.05 27.66 -2.24
N LEU A 89 6.31 28.01 -2.43
CA LEU A 89 6.98 28.93 -1.53
C LEU A 89 6.17 30.21 -1.31
N ASN A 90 5.99 30.60 -0.06
CA ASN A 90 5.42 31.89 0.28
C ASN A 90 6.53 32.93 0.16
N VAL A 91 6.54 33.68 -0.93
CA VAL A 91 7.65 34.60 -1.21
C VAL A 91 7.60 35.93 -0.47
N ARG A 92 6.43 36.27 0.05
CA ARG A 92 6.21 37.58 0.67
C ARG A 92 7.38 38.01 1.56
N GLU A 93 7.79 37.15 2.48
CA GLU A 93 8.91 37.45 3.37
C GLU A 93 10.01 36.38 3.35
N ALA A 94 10.06 35.57 2.30
CA ALA A 94 11.12 34.57 2.18
C ALA A 94 12.44 35.26 1.84
N SER A 95 13.55 34.65 2.26
CA SER A 95 14.87 35.22 1.98
C SER A 95 15.18 35.22 0.49
N HIS A 96 16.12 36.07 0.09
CA HIS A 96 16.48 36.18 -1.32
C HIS A 96 17.07 34.88 -1.85
N LYS A 97 17.93 34.25 -1.07
CA LYS A 97 18.54 32.99 -1.49
C LYS A 97 17.47 31.92 -1.71
N GLN A 98 16.48 31.91 -0.82
CA GLN A 98 15.40 30.93 -0.90
C GLN A 98 14.54 31.14 -2.15
N ILE A 99 14.22 32.40 -2.43
CA ILE A 99 13.45 32.73 -3.61
C ILE A 99 14.24 32.43 -4.88
N MET A 100 15.50 32.84 -4.91
CA MET A 100 16.32 32.67 -6.10
C MET A 100 16.60 31.21 -6.42
N GLU A 101 16.66 30.38 -5.37
CA GLU A 101 16.94 28.96 -5.54
C GLU A 101 15.71 28.08 -5.78
N ASN A 102 14.51 28.65 -5.65
CA ASN A 102 13.30 27.85 -5.85
C ASN A 102 13.05 27.48 -7.31
N ALA A 103 13.36 26.24 -7.65
CA ALA A 103 13.22 25.74 -9.01
C ALA A 103 11.84 26.03 -9.61
N GLU A 104 10.80 25.78 -8.82
CA GLU A 104 9.43 25.87 -9.29
C GLU A 104 9.07 27.30 -9.70
N ILE A 105 9.40 28.24 -8.84
CA ILE A 105 9.08 29.63 -9.09
C ILE A 105 9.91 30.20 -10.25
N ASN A 106 11.15 29.74 -10.38
CA ASN A 106 11.97 30.11 -11.52
C ASN A 106 11.41 29.57 -12.82
N ASN A 107 10.93 28.33 -12.79
CA ASN A 107 10.33 27.73 -13.97
C ASN A 107 9.11 28.52 -14.41
N ILE A 108 8.31 28.93 -13.43
CA ILE A 108 7.09 29.68 -13.74
C ILE A 108 7.47 31.00 -14.39
N ILE A 109 8.42 31.68 -13.80
CA ILE A 109 8.91 32.95 -14.28
C ILE A 109 9.38 32.86 -15.74
N LYS A 110 10.24 31.88 -16.02
CA LYS A 110 10.73 31.68 -17.37
C LYS A 110 9.59 31.38 -18.33
N ILE A 111 8.67 30.51 -17.93
CA ILE A 111 7.58 30.10 -18.80
C ILE A 111 6.66 31.26 -19.16
N VAL A 112 6.28 32.02 -18.14
CA VAL A 112 5.42 33.17 -18.34
C VAL A 112 6.18 34.26 -19.09
N GLY A 113 7.47 34.39 -18.80
CA GLY A 113 8.29 35.46 -19.33
C GLY A 113 8.28 36.64 -18.38
N LEU A 114 8.29 36.36 -17.09
CA LEU A 114 8.25 37.39 -16.08
C LEU A 114 9.65 37.89 -15.74
N GLN A 115 9.72 39.05 -15.12
CA GLN A 115 10.98 39.65 -14.76
C GLN A 115 10.78 40.47 -13.50
N TYR A 116 11.66 40.28 -12.52
CA TYR A 116 11.51 40.95 -11.24
C TYR A 116 11.64 42.47 -11.35
N LYS A 117 10.84 43.17 -10.56
CA LYS A 117 10.91 44.64 -10.45
C LYS A 117 10.32 45.38 -11.63
N LYS A 118 10.12 44.69 -12.75
CA LYS A 118 9.46 45.29 -13.90
C LYS A 118 7.99 45.59 -13.61
N SER A 119 7.60 46.86 -13.70
CA SER A 119 6.21 47.24 -13.60
C SER A 119 5.51 46.88 -14.92
N TYR A 120 4.20 46.63 -14.83
CA TYR A 120 3.40 46.25 -15.99
C TYR A 120 2.17 47.15 -16.12
N ASP A 121 2.40 48.46 -16.03
CA ASP A 121 1.33 49.46 -16.03
C ASP A 121 0.70 49.71 -17.39
N ASP A 122 1.54 49.84 -18.41
CA ASP A 122 1.07 50.19 -19.76
C ASP A 122 0.93 48.99 -20.67
N ALA A 123 0.95 49.24 -21.97
CA ALA A 123 0.85 48.17 -22.96
C ALA A 123 2.21 47.86 -23.57
N GLU A 124 3.16 48.77 -23.39
CA GLU A 124 4.53 48.57 -23.87
C GLU A 124 5.26 47.56 -22.98
N SER A 125 4.80 47.44 -21.74
CA SER A 125 5.38 46.50 -20.79
C SER A 125 4.83 45.08 -21.00
N LEU A 126 3.51 44.97 -21.13
CA LEU A 126 2.86 43.67 -21.31
C LEU A 126 3.36 42.90 -22.53
N LYS A 127 4.20 43.54 -23.33
CA LYS A 127 4.65 42.96 -24.60
C LYS A 127 5.70 41.88 -24.41
N THR A 128 6.40 41.91 -23.29
CA THR A 128 7.48 40.95 -23.03
C THR A 128 7.00 39.62 -22.43
N LEU A 129 5.70 39.50 -22.19
CA LEU A 129 5.14 38.27 -21.62
C LEU A 129 4.89 37.22 -22.70
N ARG A 130 5.18 35.97 -22.38
CA ARG A 130 4.93 34.85 -23.28
C ARG A 130 3.50 34.33 -23.17
N TYR A 131 2.84 34.65 -22.05
CA TYR A 131 1.44 34.29 -21.79
C TYR A 131 0.71 35.50 -21.24
N GLY A 132 -0.57 35.65 -21.61
CA GLY A 132 -1.35 36.80 -21.22
C GLY A 132 -2.09 36.64 -19.92
N LYS A 133 -2.41 35.39 -19.57
CA LYS A 133 -3.01 35.12 -18.28
C LYS A 133 -2.64 33.73 -17.69
N ILE A 134 -2.68 33.63 -16.37
CA ILE A 134 -2.45 32.34 -15.69
C ILE A 134 -3.77 31.77 -15.18
N MET A 135 -4.04 30.53 -15.54
CA MET A 135 -5.23 29.86 -15.06
C MET A 135 -4.86 28.74 -14.08
N ILE A 136 -5.21 28.94 -12.82
CA ILE A 136 -4.91 27.98 -11.77
CA ILE A 136 -4.93 27.99 -11.74
C ILE A 136 -5.95 26.87 -11.76
N MET A 137 -5.49 25.63 -11.86
CA MET A 137 -6.39 24.48 -11.86
C MET A 137 -6.05 23.49 -10.72
N THR A 138 -6.78 23.61 -9.62
CA THR A 138 -6.52 22.79 -8.44
C THR A 138 -7.69 21.91 -8.11
N ASP A 139 -7.50 21.05 -7.11
CA ASP A 139 -8.61 20.36 -6.48
C ASP A 139 -9.62 21.37 -5.97
N GLN A 140 -10.88 20.99 -6.05
CA GLN A 140 -11.97 21.77 -5.48
C GLN A 140 -12.02 21.52 -3.97
N ASP A 141 -10.90 21.72 -3.28
CA ASP A 141 -10.86 21.46 -1.85
C ASP A 141 -10.00 22.48 -1.15
N GLN A 142 -9.87 22.35 0.17
CA GLN A 142 -9.23 23.38 0.96
C GLN A 142 -7.75 23.53 0.65
N ASP A 143 -7.06 22.41 0.43
CA ASP A 143 -5.64 22.49 0.12
C ASP A 143 -5.45 23.10 -1.27
N GLY A 144 -6.34 22.73 -2.19
CA GLY A 144 -6.38 23.38 -3.48
C GLY A 144 -6.52 24.88 -3.34
N SER A 145 -7.39 25.33 -2.43
CA SER A 145 -7.58 26.77 -2.20
C SER A 145 -6.33 27.42 -1.65
N HIS A 146 -5.60 26.66 -0.82
CA HIS A 146 -4.35 27.18 -0.28
C HIS A 146 -3.33 27.45 -1.41
N ILE A 147 -3.23 26.52 -2.34
CA ILE A 147 -2.32 26.70 -3.48
C ILE A 147 -2.74 27.92 -4.33
N LYS A 148 -4.04 28.03 -4.63
CA LYS A 148 -4.56 29.24 -5.29
C LYS A 148 -4.04 30.48 -4.57
N GLY A 149 -4.29 30.52 -3.26
CA GLY A 149 -3.86 31.63 -2.42
C GLY A 149 -2.38 31.93 -2.49
N LEU A 150 -1.55 30.88 -2.50
CA LEU A 150 -0.10 31.08 -2.56
C LEU A 150 0.35 31.60 -3.94
N LEU A 151 -0.31 31.17 -5.01
CA LEU A 151 0.00 31.69 -6.34
CA LEU A 151 0.00 31.69 -6.32
C LEU A 151 -0.37 33.17 -6.39
N ILE A 152 -1.59 33.49 -5.95
CA ILE A 152 -2.01 34.88 -5.86
C ILE A 152 -0.99 35.68 -5.07
N ASN A 153 -0.65 35.21 -3.88
CA ASN A 153 0.36 35.87 -3.05
C ASN A 153 1.64 36.16 -3.83
N PHE A 154 2.08 35.19 -4.61
CA PHE A 154 3.26 35.30 -5.46
C PHE A 154 3.22 36.50 -6.42
N ILE A 155 2.16 36.55 -7.23
CA ILE A 155 1.93 37.62 -8.19
C ILE A 155 1.72 38.98 -7.52
N HIS A 156 0.89 39.02 -6.48
CA HIS A 156 0.60 40.26 -5.75
C HIS A 156 1.84 40.91 -5.14
N HIS A 157 2.76 40.07 -4.67
CA HIS A 157 3.96 40.57 -4.03
C HIS A 157 4.92 41.14 -5.05
N ASN A 158 5.05 40.45 -6.17
CA ASN A 158 6.05 40.79 -7.16
C ASN A 158 5.56 41.73 -8.27
N TRP A 159 4.29 41.61 -8.63
CA TRP A 159 3.77 42.34 -9.75
C TRP A 159 2.31 42.74 -9.55
N PRO A 160 2.05 43.56 -8.52
CA PRO A 160 0.68 43.95 -8.18
C PRO A 160 -0.01 44.58 -9.38
N SER A 161 0.78 45.23 -10.22
CA SER A 161 0.28 45.88 -11.43
C SER A 161 -0.37 44.87 -12.36
N LEU A 162 0.19 43.66 -12.41
CA LEU A 162 -0.39 42.60 -13.21
C LEU A 162 -1.79 42.19 -12.74
N LEU A 163 -2.09 42.43 -11.47
CA LEU A 163 -3.38 42.02 -10.92
C LEU A 163 -4.48 42.98 -11.32
N LYS A 164 -4.11 44.25 -11.52
CA LYS A 164 -5.07 45.26 -11.92
C LYS A 164 -5.58 45.03 -13.36
N HIS A 165 -4.85 44.22 -14.12
CA HIS A 165 -5.24 43.92 -15.50
C HIS A 165 -6.18 42.72 -15.58
N GLY A 166 -6.19 41.90 -14.53
CA GLY A 166 -6.92 40.65 -14.57
C GLY A 166 -6.02 39.57 -15.14
N PHE A 167 -4.87 39.38 -14.51
CA PHE A 167 -3.90 38.40 -14.95
C PHE A 167 -4.31 36.98 -14.54
N LEU A 168 -4.82 36.84 -13.30
CA LEU A 168 -5.13 35.53 -12.74
C LEU A 168 -6.59 35.12 -12.87
N GLU A 169 -6.81 33.87 -13.21
CA GLU A 169 -8.14 33.29 -13.21
C GLU A 169 -8.02 31.86 -12.72
N GLU A 170 -9.15 31.17 -12.60
CA GLU A 170 -9.16 29.83 -12.08
C GLU A 170 -10.10 28.96 -12.88
N PHE A 171 -9.83 27.66 -12.90
CA PHE A 171 -10.69 26.69 -13.55
C PHE A 171 -11.33 25.78 -12.50
N ILE A 172 -12.65 25.86 -12.38
CA ILE A 172 -13.40 25.14 -11.36
C ILE A 172 -13.87 23.76 -11.82
N THR A 173 -13.80 22.77 -10.94
CA THR A 173 -14.19 21.40 -11.27
C THR A 173 -15.33 20.86 -10.41
N ALA A 222 -13.85 15.03 -18.88
CA ALA A 222 -12.87 16.10 -18.73
C ALA A 222 -12.78 16.96 -19.99
N LYS A 223 -12.83 16.30 -21.15
CA LYS A 223 -12.90 17.02 -22.42
C LYS A 223 -14.21 17.78 -22.45
N GLU A 224 -15.15 17.35 -21.59
CA GLU A 224 -16.44 18.01 -21.44
C GLU A 224 -16.37 19.30 -20.60
N TYR A 225 -15.54 19.32 -19.56
CA TYR A 225 -15.36 20.54 -18.77
C TYR A 225 -14.82 21.64 -19.67
N PHE A 226 -13.86 21.27 -20.51
CA PHE A 226 -13.18 22.24 -21.36
C PHE A 226 -14.05 22.74 -22.52
N ALA A 227 -14.98 21.92 -22.97
CA ALA A 227 -15.94 22.34 -23.99
C ALA A 227 -16.91 23.34 -23.37
N ASP A 228 -17.31 23.08 -22.13
CA ASP A 228 -18.14 24.00 -21.35
C ASP A 228 -17.22 24.97 -20.61
N MET A 229 -16.16 25.39 -21.29
CA MET A 229 -15.09 26.19 -20.72
C MET A 229 -15.54 27.35 -19.86
N GLU A 230 -16.28 28.27 -20.46
CA GLU A 230 -16.52 29.54 -19.80
C GLU A 230 -17.33 29.35 -18.53
N ARG A 231 -18.11 28.27 -18.49
CA ARG A 231 -18.92 27.96 -17.31
C ARG A 231 -18.07 27.45 -16.14
N HIS A 232 -16.80 27.13 -16.41
CA HIS A 232 -15.88 26.63 -15.39
C HIS A 232 -14.77 27.63 -15.07
N ARG A 233 -14.67 28.68 -15.88
CA ARG A 233 -13.62 29.68 -15.74
C ARG A 233 -14.09 30.87 -14.89
N ILE A 234 -13.32 31.19 -13.85
CA ILE A 234 -13.65 32.30 -12.99
C ILE A 234 -12.47 33.23 -13.01
N LEU A 235 -12.71 34.52 -13.04
CA LEU A 235 -11.61 35.48 -13.09
C LEU A 235 -11.53 36.23 -11.79
N PHE A 236 -10.31 36.33 -11.26
CA PHE A 236 -10.10 37.13 -10.08
C PHE A 236 -10.04 38.59 -10.46
N ARG A 237 -10.55 39.43 -9.58
CA ARG A 237 -10.69 40.85 -9.84
C ARG A 237 -10.04 41.63 -8.72
N TYR A 238 -9.14 42.53 -9.08
CA TYR A 238 -8.64 43.49 -8.09
C TYR A 238 -9.68 44.61 -7.99
N ALA A 239 -10.08 44.94 -6.77
CA ALA A 239 -11.19 45.87 -6.58
C ALA A 239 -10.80 47.11 -5.79
N GLY A 240 -9.76 47.00 -4.97
CA GLY A 240 -9.34 48.14 -4.17
C GLY A 240 -8.31 47.76 -3.12
N PRO A 241 -8.06 48.67 -2.18
CA PRO A 241 -7.04 48.47 -1.14
C PRO A 241 -7.42 47.32 -0.20
N GLU A 242 -8.73 47.05 -0.08
CA GLU A 242 -9.20 45.96 0.77
C GLU A 242 -8.80 44.59 0.20
N ASP A 243 -8.50 44.56 -1.10
CA ASP A 243 -7.94 43.34 -1.68
C ASP A 243 -6.49 43.15 -1.25
N ASP A 244 -5.76 44.26 -1.16
CA ASP A 244 -4.38 44.17 -0.73
C ASP A 244 -4.34 43.67 0.71
N ALA A 245 -5.21 44.22 1.53
CA ALA A 245 -5.18 43.97 2.97
C ALA A 245 -5.51 42.51 3.27
N ALA A 246 -6.33 41.90 2.42
CA ALA A 246 -6.77 40.53 2.60
C ALA A 246 -5.66 39.52 2.25
N ILE A 247 -5.02 39.73 1.11
CA ILE A 247 -3.89 38.91 0.70
C ILE A 247 -2.80 38.98 1.77
N THR A 248 -2.61 40.18 2.32
CA THR A 248 -1.59 40.41 3.33
C THR A 248 -1.99 39.78 4.66
N LEU A 249 -3.28 39.86 4.97
CA LEU A 249 -3.79 39.21 6.16
C LEU A 249 -3.40 37.74 6.12
N ALA A 250 -3.59 37.11 4.96
CA ALA A 250 -3.44 35.67 4.84
C ALA A 250 -1.99 35.20 4.81
N PHE A 251 -1.09 35.99 4.24
CA PHE A 251 0.23 35.46 3.87
C PHE A 251 1.41 36.21 4.44
N SER A 252 1.19 37.28 5.19
CA SER A 252 2.32 37.98 5.76
C SER A 252 2.71 37.43 7.12
N LYS A 253 3.99 37.13 7.27
CA LYS A 253 4.54 36.65 8.54
CA LYS A 253 4.48 36.63 8.55
C LYS A 253 4.28 37.67 9.65
N LYS A 254 3.91 38.89 9.25
CA LYS A 254 3.69 39.97 10.21
C LYS A 254 2.24 40.06 10.69
N LYS A 255 1.36 39.26 10.09
CA LYS A 255 -0.07 39.34 10.42
C LYS A 255 -0.63 38.17 11.23
N ILE A 256 0.21 37.52 12.04
CA ILE A 256 -0.24 36.38 12.82
C ILE A 256 -1.39 36.73 13.78
N ASP A 257 -1.20 37.77 14.58
CA ASP A 257 -2.23 38.15 15.54
C ASP A 257 -3.53 38.50 14.84
N ASP A 258 -3.41 39.07 13.65
CA ASP A 258 -4.57 39.38 12.83
C ASP A 258 -5.28 38.11 12.37
N ARG A 259 -4.50 37.09 11.99
CA ARG A 259 -5.11 35.83 11.57
C ARG A 259 -5.86 35.15 12.72
N LYS A 260 -5.28 35.25 13.93
CA LYS A 260 -5.95 34.75 15.12
C LYS A 260 -7.33 35.39 15.28
N GLU A 261 -7.39 36.70 15.11
CA GLU A 261 -8.65 37.43 15.27
C GLU A 261 -9.57 37.06 14.12
N TRP A 262 -8.98 37.02 12.93
CA TRP A 262 -9.65 36.65 11.70
C TRP A 262 -10.37 35.34 11.89
N LEU A 263 -9.61 34.33 12.32
CA LEU A 263 -10.17 32.98 12.54
C LEU A 263 -11.09 32.92 13.76
N THR A 264 -10.78 33.69 14.80
CA THR A 264 -11.64 33.71 15.97
C THR A 264 -13.05 34.15 15.57
N ASN A 265 -13.13 35.24 14.81
CA ASN A 265 -14.43 35.70 14.32
C ASN A 265 -15.12 34.59 13.53
N PHE A 266 -14.38 33.96 12.63
CA PHE A 266 -14.94 32.89 11.81
C PHE A 266 -15.49 31.75 12.65
N MET A 267 -14.68 31.27 13.60
CA MET A 267 -15.12 30.13 14.41
C MET A 267 -16.37 30.47 15.23
N GLU A 268 -16.40 31.67 15.79
CA GLU A 268 -17.54 32.12 16.57
C GLU A 268 -18.78 32.23 15.68
N ASP A 269 -18.62 32.80 14.50
CA ASP A 269 -19.75 33.00 13.58
C ASP A 269 -20.31 31.67 13.07
N ARG A 270 -19.44 30.74 12.69
CA ARG A 270 -19.93 29.43 12.26
C ARG A 270 -20.56 28.67 13.43
N ARG A 271 -20.01 28.89 14.63
CA ARG A 271 -20.58 28.30 15.84
C ARG A 271 -22.00 28.81 16.09
N GLN A 272 -22.26 30.06 15.69
CA GLN A 272 -23.58 30.68 15.82
C GLN A 272 -24.63 30.02 14.92
N ARG A 273 -24.26 29.76 13.66
CA ARG A 273 -25.19 29.17 12.71
C ARG A 273 -25.39 27.67 12.97
N ARG A 274 -24.36 27.03 13.54
CA ARG A 274 -24.43 25.61 13.90
C ARG A 274 -25.58 25.38 14.87
N LEU A 275 -26.01 26.44 15.54
CA LEU A 275 -27.15 26.39 16.44
C LEU A 275 -28.43 26.81 15.72
N HIS A 276 -28.28 27.40 14.55
CA HIS A 276 -29.41 27.91 13.78
C HIS A 276 -29.48 27.28 12.39
N GLY A 277 -29.01 28.00 11.37
CA GLY A 277 -29.10 27.50 10.00
C GLY A 277 -27.93 27.78 9.07
N LEU A 278 -27.65 26.78 8.21
CA LEU A 278 -26.65 26.86 7.13
C LEU A 278 -25.49 27.82 7.36
N LYS A 289 -17.73 34.96 -14.77
CA LYS A 289 -18.00 35.28 -13.37
C LYS A 289 -16.74 35.75 -12.65
N HIS A 290 -16.92 36.68 -11.71
CA HIS A 290 -15.80 37.39 -11.12
C HIS A 290 -15.69 37.18 -9.61
N LEU A 291 -14.47 37.29 -9.11
CA LEU A 291 -14.20 37.02 -7.71
C LEU A 291 -13.11 37.95 -7.23
N THR A 292 -13.45 38.81 -6.29
CA THR A 292 -12.48 39.72 -5.72
C THR A 292 -11.52 38.92 -4.82
N TYR A 293 -10.28 39.40 -4.71
CA TYR A 293 -9.31 38.73 -3.85
C TYR A 293 -9.77 38.77 -2.41
N ASN A 294 -10.49 39.83 -2.04
CA ASN A 294 -11.03 39.96 -0.70
C ASN A 294 -12.07 38.88 -0.41
N ASP A 295 -12.88 38.53 -1.40
CA ASP A 295 -13.87 37.45 -1.23
C ASP A 295 -13.25 36.05 -1.26
N PHE A 296 -12.28 35.85 -2.16
CA PHE A 296 -11.53 34.61 -2.17
C PHE A 296 -10.91 34.32 -0.78
N ILE A 297 -10.15 35.28 -0.28
CA ILE A 297 -9.51 35.14 1.02
C ILE A 297 -10.51 34.93 2.15
N ASN A 298 -11.54 35.77 2.19
CA ASN A 298 -12.47 35.77 3.32
C ASN A 298 -13.60 34.77 3.21
N LYS A 299 -13.80 34.22 2.02
CA LYS A 299 -14.87 33.24 1.85
C LYS A 299 -14.36 31.85 1.48
N GLU A 300 -13.15 31.75 0.93
CA GLU A 300 -12.65 30.45 0.49
C GLU A 300 -11.38 29.98 1.21
N LEU A 301 -10.34 30.81 1.14
CA LEU A 301 -9.07 30.44 1.76
C LEU A 301 -9.27 30.19 3.26
N ILE A 302 -10.16 30.96 3.88
CA ILE A 302 -10.35 30.88 5.33
C ILE A 302 -10.85 29.49 5.71
N LEU A 303 -11.47 28.80 4.77
CA LEU A 303 -11.88 27.42 4.98
C LEU A 303 -10.64 26.51 5.09
N PHE A 304 -9.62 26.76 4.27
CA PHE A 304 -8.38 26.04 4.45
C PHE A 304 -7.73 26.36 5.80
N SER A 305 -7.72 27.63 6.17
CA SER A 305 -7.04 28.04 7.38
C SER A 305 -7.69 27.39 8.59
N ASN A 306 -9.02 27.36 8.62
CA ASN A 306 -9.70 26.71 9.71
C ASN A 306 -9.49 25.20 9.69
N SER A 307 -9.58 24.63 8.50
CA SER A 307 -9.41 23.20 8.32
C SER A 307 -7.97 22.79 8.64
N ASP A 308 -7.05 23.74 8.54
CA ASP A 308 -5.65 23.49 8.82
C ASP A 308 -5.50 23.32 10.34
N ASN A 309 -6.22 24.14 11.11
CA ASN A 309 -6.22 24.03 12.56
C ASN A 309 -6.88 22.74 13.05
N GLU A 310 -7.97 22.35 12.40
CA GLU A 310 -8.72 21.18 12.85
C GLU A 310 -7.95 19.89 12.63
N ARG A 311 -7.02 19.90 11.68
CA ARG A 311 -6.23 18.70 11.43
C ARG A 311 -4.86 18.74 12.11
N SER A 312 -4.42 19.92 12.52
CA SER A 312 -3.07 20.11 13.00
C SER A 312 -3.00 20.28 14.50
N ILE A 313 -4.11 20.70 15.09
CA ILE A 313 -4.13 20.98 16.51
C ILE A 313 -4.99 19.96 17.27
N PRO A 314 -4.37 19.26 18.21
CA PRO A 314 -5.02 18.10 18.84
C PRO A 314 -6.18 18.44 19.77
N SER A 315 -6.97 17.44 20.09
CA SER A 315 -8.02 17.59 21.07
C SER A 315 -7.43 17.40 22.48
N LEU A 316 -7.96 18.14 23.44
CA LEU A 316 -7.52 18.01 24.83
C LEU A 316 -7.93 16.66 25.36
N VAL A 317 -9.06 16.17 24.86
CA VAL A 317 -9.70 14.99 25.43
C VAL A 317 -8.84 13.75 25.23
N ASP A 318 -8.40 13.51 24.00
CA ASP A 318 -7.60 12.31 23.75
C ASP A 318 -6.18 12.52 23.28
N GLY A 319 -5.77 13.77 23.09
CA GLY A 319 -4.44 14.05 22.55
C GLY A 319 -4.27 13.80 21.04
N PHE A 320 -5.32 13.37 20.35
CA PHE A 320 -5.19 13.07 18.91
C PHE A 320 -5.62 14.22 18.03
N LYS A 321 -5.06 14.25 16.82
CA LYS A 321 -5.66 14.98 15.70
C LYS A 321 -6.50 13.96 14.92
N PRO A 322 -7.35 14.43 13.99
CA PRO A 322 -8.28 13.49 13.34
C PRO A 322 -7.60 12.33 12.59
N GLY A 323 -6.52 12.59 11.86
CA GLY A 323 -5.81 11.52 11.18
C GLY A 323 -5.33 10.45 12.14
N GLN A 324 -4.68 10.86 13.22
CA GLN A 324 -4.23 9.91 14.24
C GLN A 324 -5.41 9.15 14.77
N ARG A 325 -6.51 9.86 14.97
CA ARG A 325 -7.70 9.24 15.55
C ARG A 325 -8.28 8.20 14.60
N LYS A 326 -8.24 8.49 13.31
CA LYS A 326 -8.68 7.54 12.30
C LYS A 326 -7.80 6.30 12.34
N VAL A 327 -6.49 6.49 12.52
CA VAL A 327 -5.60 5.36 12.66
C VAL A 327 -5.96 4.43 13.85
N LEU A 328 -6.20 5.00 15.05
CA LEU A 328 -6.53 4.17 16.20
CA LEU A 328 -6.54 4.18 16.21
C LEU A 328 -7.90 3.52 16.01
N PHE A 329 -8.86 4.28 15.50
CA PHE A 329 -10.18 3.73 15.23
C PHE A 329 -10.10 2.47 14.37
N THR A 330 -9.34 2.57 13.28
CA THR A 330 -9.12 1.44 12.37
C THR A 330 -8.39 0.28 13.00
N CYS A 331 -7.39 0.55 13.84
CA CYS A 331 -6.70 -0.53 14.52
C CYS A 331 -7.63 -1.24 15.48
N PHE A 332 -8.49 -0.48 16.15
CA PHE A 332 -9.41 -1.05 17.12
C PHE A 332 -10.43 -1.93 16.40
N LYS A 333 -10.90 -1.45 15.27
CA LYS A 333 -11.88 -2.17 14.48
C LYS A 333 -11.27 -3.44 13.85
N ARG A 334 -10.05 -3.34 13.35
CA ARG A 334 -9.38 -4.49 12.75
C ARG A 334 -9.07 -5.51 13.81
N ASN A 335 -8.70 -5.03 15.00
CA ASN A 335 -8.34 -5.90 16.11
C ASN A 335 -7.30 -6.94 15.71
N ASP A 336 -6.24 -6.48 15.05
CA ASP A 336 -5.18 -7.39 14.59
C ASP A 336 -4.44 -8.09 15.73
N LYS A 337 -4.26 -9.40 15.61
CA LYS A 337 -3.56 -10.18 16.62
C LYS A 337 -2.13 -10.45 16.18
N ARG A 338 -1.86 -10.24 14.89
CA ARG A 338 -0.51 -10.34 14.35
C ARG A 338 -0.17 -9.07 13.56
N GLU A 339 1.11 -8.83 13.32
CA GLU A 339 1.52 -7.58 12.74
C GLU A 339 1.08 -7.42 11.29
N VAL A 340 0.84 -6.18 10.90
CA VAL A 340 0.44 -5.88 9.54
C VAL A 340 1.39 -4.85 8.97
N LYS A 341 1.68 -4.94 7.67
CA LYS A 341 2.52 -3.96 7.03
C LYS A 341 1.91 -2.56 7.22
N VAL A 342 2.76 -1.60 7.51
CA VAL A 342 2.29 -0.24 7.70
C VAL A 342 1.54 0.24 6.47
N ALA A 343 2.16 0.04 5.31
CA ALA A 343 1.54 0.46 4.05
C ALA A 343 0.13 -0.13 3.90
N GLN A 344 -0.05 -1.36 4.34
CA GLN A 344 -1.37 -1.99 4.22
CA GLN A 344 -1.36 -2.00 4.24
C GLN A 344 -2.33 -1.47 5.28
N LEU A 345 -1.83 -1.24 6.50
CA LEU A 345 -2.67 -0.63 7.53
C LEU A 345 -3.19 0.71 7.01
N ALA A 346 -2.32 1.49 6.38
CA ALA A 346 -2.73 2.78 5.84
C ALA A 346 -3.89 2.66 4.85
N GLY A 347 -3.79 1.67 3.95
CA GLY A 347 -4.81 1.47 2.94
C GLY A 347 -6.11 1.16 3.64
N SER A 348 -5.99 0.31 4.65
CA SER A 348 -7.10 -0.06 5.49
C SER A 348 -7.74 1.17 6.17
N VAL A 349 -6.91 2.09 6.68
CA VAL A 349 -7.43 3.29 7.34
C VAL A 349 -8.19 4.19 6.37
N ALA A 350 -7.63 4.37 5.18
CA ALA A 350 -8.32 5.11 4.14
C ALA A 350 -9.69 4.51 3.87
N GLU A 351 -9.77 3.19 3.73
CA GLU A 351 -11.05 2.55 3.45
C GLU A 351 -12.06 2.56 4.62
N MET A 352 -11.63 2.16 5.81
CA MET A 352 -12.53 2.04 6.95
C MET A 352 -12.89 3.35 7.65
N SER A 353 -12.11 4.40 7.45
CA SER A 353 -12.33 5.62 8.22
C SER A 353 -12.46 6.86 7.35
N ALA A 354 -12.62 6.66 6.04
CA ALA A 354 -12.81 7.78 5.11
C ALA A 354 -11.72 8.82 5.26
N TYR A 355 -10.46 8.40 5.20
CA TYR A 355 -9.36 9.33 5.20
C TYR A 355 -9.11 9.81 3.77
N HIS A 356 -9.16 11.12 3.56
CA HIS A 356 -9.22 11.66 2.20
C HIS A 356 -7.92 12.28 1.70
N HIS A 357 -6.79 11.88 2.24
CA HIS A 357 -5.54 12.53 1.85
C HIS A 357 -4.54 11.55 1.26
N GLY A 358 -3.44 12.07 0.73
CA GLY A 358 -2.37 11.24 0.20
C GLY A 358 -1.92 10.24 1.26
N GLU A 359 -1.47 9.08 0.82
CA GLU A 359 -1.18 8.05 1.79
C GLU A 359 0.21 8.22 2.40
N GLN A 360 1.03 9.09 1.82
CA GLN A 360 2.36 9.40 2.38
CA GLN A 360 2.35 9.39 2.37
C GLN A 360 2.22 10.00 3.77
N ALA A 361 1.37 11.02 3.90
CA ALA A 361 1.11 11.65 5.18
C ALA A 361 0.58 10.62 6.17
N LEU A 362 -0.39 9.82 5.73
CA LEU A 362 -0.97 8.78 6.57
C LEU A 362 0.11 7.83 7.09
N MET A 363 1.02 7.43 6.21
CA MET A 363 2.02 6.45 6.64
C MET A 363 3.01 7.04 7.62
N MET A 364 3.36 8.31 7.46
CA MET A 364 4.23 9.02 8.40
CA MET A 364 4.25 8.91 8.42
C MET A 364 3.53 9.16 9.76
N THR A 365 2.21 9.32 9.73
CA THR A 365 1.43 9.45 10.95
C THR A 365 1.53 8.15 11.71
N ILE A 366 1.35 7.04 10.99
CA ILE A 366 1.45 5.74 11.61
C ILE A 366 2.81 5.50 12.23
N VAL A 367 3.86 5.83 11.50
CA VAL A 367 5.22 5.70 11.99
C VAL A 367 5.42 6.54 13.26
N ASN A 368 4.95 7.78 13.22
CA ASN A 368 5.05 8.68 14.36
C ASN A 368 4.36 8.11 15.62
N LEU A 369 3.23 7.45 15.43
CA LEU A 369 2.49 6.83 16.54
C LEU A 369 3.17 5.61 17.14
N ALA A 370 4.10 5.01 16.40
CA ALA A 370 4.71 3.77 16.86
C ALA A 370 6.09 4.01 17.48
N GLN A 371 6.66 5.18 17.22
CA GLN A 371 8.02 5.45 17.63
C GLN A 371 8.19 5.45 19.14
N ASN A 372 9.33 4.92 19.58
CA ASN A 372 9.55 4.74 21.00
C ASN A 372 10.96 5.06 21.45
N PHE A 373 11.70 5.84 20.67
CA PHE A 373 13.04 6.23 21.10
C PHE A 373 12.94 7.42 22.05
N VAL A 374 14.04 7.72 22.73
CA VAL A 374 14.03 8.82 23.70
C VAL A 374 13.68 10.13 23.02
N GLY A 375 12.69 10.83 23.55
CA GLY A 375 12.27 12.08 22.95
C GLY A 375 11.05 11.94 22.08
N SER A 376 10.58 10.71 21.84
CA SER A 376 9.35 10.52 21.06
C SER A 376 8.11 10.31 21.97
N ASN A 377 7.55 9.11 21.95
CA ASN A 377 6.36 8.82 22.73
C ASN A 377 6.73 8.21 24.08
N ASN A 378 6.18 8.75 25.17
CA ASN A 378 6.28 8.08 26.46
C ASN A 378 5.51 6.77 26.46
N ILE A 379 4.38 6.75 25.77
CA ILE A 379 3.64 5.51 25.54
C ILE A 379 3.19 5.38 24.08
N ASN A 380 3.93 4.63 23.27
CA ASN A 380 3.53 4.41 21.89
C ASN A 380 2.34 3.49 21.83
N LEU A 381 1.25 3.94 21.22
CA LEU A 381 0.02 3.16 21.12
C LEU A 381 0.10 2.08 20.03
N LEU A 382 1.08 2.20 19.15
CA LEU A 382 1.33 1.21 18.10
C LEU A 382 2.72 0.66 18.32
N GLN A 383 2.91 -0.62 18.06
CA GLN A 383 4.24 -1.23 18.20
C GLN A 383 5.06 -1.05 16.92
N PRO A 384 6.31 -0.62 17.08
CA PRO A 384 7.24 -0.48 15.95
C PRO A 384 7.92 -1.81 15.68
N ILE A 385 7.29 -2.65 14.87
CA ILE A 385 7.91 -3.91 14.47
CA ILE A 385 7.94 -3.90 14.48
C ILE A 385 8.72 -3.66 13.20
N GLY A 386 10.01 -3.41 13.37
CA GLY A 386 10.89 -3.10 12.25
C GLY A 386 11.66 -1.84 12.54
N GLN A 387 12.28 -1.26 11.51
CA GLN A 387 13.05 -0.03 11.68
C GLN A 387 12.12 1.18 11.57
N PHE A 388 11.66 1.68 12.71
CA PHE A 388 10.80 2.87 12.77
C PHE A 388 11.57 4.15 13.09
N GLY A 389 12.88 4.06 13.15
CA GLY A 389 13.70 5.21 13.43
C GLY A 389 14.34 5.12 14.81
N THR A 390 15.42 5.85 15.00
CA THR A 390 16.14 5.81 16.25
C THR A 390 16.48 7.22 16.68
N ARG A 391 17.05 7.36 17.87
CA ARG A 391 17.49 8.66 18.40
C ARG A 391 18.77 9.13 17.70
N LEU A 392 19.37 8.23 16.93
CA LEU A 392 20.56 8.56 16.16
CA LEU A 392 20.57 8.57 16.17
C LEU A 392 20.24 9.67 15.15
N HIS A 393 19.08 9.56 14.51
CA HIS A 393 18.66 10.54 13.51
C HIS A 393 17.29 11.11 13.81
N GLY A 394 16.85 11.02 15.07
CA GLY A 394 15.54 11.53 15.44
C GLY A 394 14.43 10.97 14.57
N GLY A 395 14.56 9.69 14.23
CA GLY A 395 13.50 9.01 13.53
C GLY A 395 13.55 9.07 12.02
N LYS A 396 14.37 9.97 11.48
CA LYS A 396 14.48 10.14 10.02
C LYS A 396 15.04 8.88 9.35
N ASP A 397 15.62 8.00 10.15
CA ASP A 397 16.19 6.76 9.65
C ASP A 397 15.18 5.62 9.58
N ALA A 398 13.89 5.92 9.66
CA ALA A 398 12.90 4.86 9.60
C ALA A 398 12.93 4.25 8.20
N ALA A 399 12.71 2.95 8.11
CA ALA A 399 12.65 2.29 6.81
C ALA A 399 11.31 2.62 6.15
N SER A 400 11.19 2.26 4.87
CA SER A 400 9.98 2.54 4.12
C SER A 400 8.80 1.77 4.71
N PRO A 401 7.61 2.37 4.70
CA PRO A 401 6.39 1.75 5.26
C PRO A 401 6.07 0.46 4.54
N ARG A 402 6.62 0.32 3.34
CA ARG A 402 6.49 -0.89 2.53
CA ARG A 402 6.42 -0.90 2.57
C ARG A 402 7.06 -2.09 3.27
N TYR A 403 8.07 -1.84 4.11
CA TYR A 403 8.80 -2.93 4.77
C TYR A 403 8.77 -2.94 6.29
N ILE A 404 7.81 -2.24 6.89
CA ILE A 404 7.71 -2.24 8.34
C ILE A 404 6.31 -2.59 8.82
N PHE A 405 6.24 -3.13 10.03
CA PHE A 405 5.01 -3.70 10.56
C PHE A 405 4.59 -3.05 11.86
N THR A 406 3.32 -3.18 12.17
CA THR A 406 2.83 -2.65 13.42
C THR A 406 1.54 -3.36 13.83
N MET A 407 1.15 -3.09 15.06
CA MET A 407 -0.09 -3.55 15.66
C MET A 407 -0.27 -2.75 16.95
N LEU A 408 -1.45 -2.85 17.56
CA LEU A 408 -1.70 -2.18 18.82
C LEU A 408 -0.71 -2.63 19.90
N SER A 409 -0.24 -1.69 20.70
CA SER A 409 0.37 -2.01 21.97
C SER A 409 -0.69 -2.64 22.87
N THR A 410 -0.28 -3.52 23.79
CA THR A 410 -1.24 -4.05 24.78
C THR A 410 -1.80 -2.94 25.66
N LEU A 411 -1.08 -1.82 25.75
CA LEU A 411 -1.55 -0.71 26.56
C LEU A 411 -2.73 0.02 25.90
N ALA A 412 -2.89 -0.13 24.58
CA ALA A 412 -3.86 0.70 23.86
C ALA A 412 -5.28 0.61 24.42
N ARG A 413 -5.81 -0.61 24.46
CA ARG A 413 -7.16 -0.84 24.97
C ARG A 413 -7.28 -0.75 26.50
N LEU A 414 -6.16 -0.79 27.22
CA LEU A 414 -6.17 -0.43 28.64
C LEU A 414 -6.34 1.08 28.81
N LEU A 415 -5.78 1.87 27.88
CA LEU A 415 -5.88 3.32 27.97
C LEU A 415 -7.22 3.84 27.40
N PHE A 416 -7.78 3.09 26.45
CA PHE A 416 -9.02 3.45 25.74
C PHE A 416 -9.97 2.26 25.81
N PRO A 417 -10.61 2.05 26.96
CA PRO A 417 -11.37 0.80 27.11
C PRO A 417 -12.52 0.66 26.09
N ALA A 418 -12.66 -0.55 25.53
CA ALA A 418 -13.70 -0.88 24.55
C ALA A 418 -15.08 -0.51 25.05
N VAL A 419 -15.35 -0.78 26.32
CA VAL A 419 -16.69 -0.52 26.86
C VAL A 419 -17.08 0.94 26.63
N ASP A 420 -16.10 1.84 26.71
CA ASP A 420 -16.35 3.28 26.53
C ASP A 420 -16.74 3.66 25.09
N ASP A 421 -16.38 2.80 24.13
CA ASP A 421 -16.81 3.00 22.75
C ASP A 421 -18.32 3.28 22.70
N ASN A 422 -19.07 2.62 23.57
CA ASN A 422 -20.51 2.81 23.64
C ASN A 422 -20.97 4.19 24.05
N LEU A 423 -20.04 5.03 24.51
CA LEU A 423 -20.39 6.34 25.05
C LEU A 423 -20.01 7.46 24.10
N LEU A 424 -19.32 7.09 23.02
CA LEU A 424 -18.71 8.06 22.15
C LEU A 424 -19.68 8.54 21.07
N LYS A 425 -19.28 9.59 20.37
CA LYS A 425 -20.09 10.08 19.28
C LYS A 425 -19.33 9.82 17.97
N PHE A 426 -19.73 8.79 17.24
CA PHE A 426 -19.05 8.45 16.01
C PHE A 426 -19.54 9.33 14.88
N LEU A 427 -18.58 9.81 14.07
CA LEU A 427 -18.88 10.69 12.95
C LEU A 427 -19.32 9.91 11.71
N TYR A 428 -19.88 10.62 10.74
CA TYR A 428 -20.31 10.01 9.49
C TYR A 428 -19.68 10.74 8.31
N ASP A 429 -19.08 9.97 7.42
CA ASP A 429 -18.61 10.55 6.17
C ASP A 429 -19.30 9.87 5.00
N ASP A 430 -20.35 10.52 4.49
CA ASP A 430 -21.20 9.98 3.43
C ASP A 430 -21.81 8.60 3.80
N ASN A 431 -22.58 8.58 4.88
CA ASN A 431 -23.34 7.39 5.28
C ASN A 431 -22.51 6.23 5.85
N GLN A 432 -21.18 6.36 5.78
CA GLN A 432 -20.31 5.43 6.47
C GLN A 432 -20.04 5.96 7.87
N ARG A 433 -20.25 5.13 8.88
CA ARG A 433 -19.89 5.55 10.21
C ARG A 433 -18.37 5.39 10.33
N VAL A 434 -17.71 6.46 10.76
CA VAL A 434 -16.26 6.48 10.82
C VAL A 434 -15.81 6.75 12.26
N GLU A 435 -14.70 7.46 12.47
CA GLU A 435 -14.15 7.58 13.82
C GLU A 435 -14.91 8.58 14.72
N PRO A 436 -14.74 8.48 16.05
CA PRO A 436 -15.49 9.39 16.94
C PRO A 436 -14.90 10.80 16.98
N GLU A 437 -15.66 11.76 17.48
CA GLU A 437 -15.13 13.10 17.56
C GLU A 437 -13.94 13.08 18.50
N TRP A 438 -14.05 12.31 19.58
CA TRP A 438 -12.88 11.95 20.38
C TRP A 438 -13.06 10.65 21.15
N TYR A 439 -11.95 9.97 21.38
CA TYR A 439 -11.95 8.91 22.38
C TYR A 439 -11.87 9.58 23.77
N ILE A 440 -12.03 8.79 24.81
CA ILE A 440 -12.01 9.31 26.17
C ILE A 440 -11.14 8.39 27.01
N PRO A 441 -9.80 8.56 26.93
CA PRO A 441 -8.85 7.67 27.62
C PRO A 441 -8.93 7.84 29.14
N ILE A 442 -8.27 6.95 29.89
CA ILE A 442 -8.37 6.92 31.35
C ILE A 442 -7.44 7.90 32.07
N ILE A 443 -6.43 8.41 31.35
CA ILE A 443 -5.56 9.49 31.82
C ILE A 443 -5.42 10.46 30.63
N PRO A 444 -4.94 11.71 30.88
CA PRO A 444 -4.88 12.64 29.75
C PRO A 444 -3.69 12.37 28.82
N MET A 445 -3.94 11.56 27.79
CA MET A 445 -2.95 11.20 26.79
C MET A 445 -2.31 12.41 26.14
N VAL A 446 -3.07 13.51 26.02
CA VAL A 446 -2.50 14.77 25.48
C VAL A 446 -1.24 15.22 26.22
N LEU A 447 -1.15 14.87 27.50
CA LEU A 447 0.02 15.24 28.32
C LEU A 447 1.13 14.19 28.21
N ILE A 448 0.76 12.96 27.91
CA ILE A 448 1.70 11.84 27.97
C ILE A 448 2.68 11.81 26.80
N ASN A 449 2.19 12.05 25.60
CA ASN A 449 3.03 11.92 24.43
C ASN A 449 3.40 13.23 23.76
N GLY A 450 3.05 14.34 24.41
CA GLY A 450 3.49 15.64 23.94
C GLY A 450 2.86 16.08 22.63
N ALA A 451 1.56 16.33 22.69
CA ALA A 451 0.81 16.78 21.52
C ALA A 451 1.37 18.08 20.97
N GLU A 452 1.68 18.09 19.68
CA GLU A 452 2.11 19.31 19.00
C GLU A 452 1.64 19.40 17.54
N GLY A 453 1.50 20.62 17.04
CA GLY A 453 1.10 20.84 15.67
C GLY A 453 1.11 22.31 15.30
N ILE A 454 1.25 22.58 14.01
CA ILE A 454 1.23 23.95 13.50
C ILE A 454 0.07 24.14 12.57
N GLY A 455 -0.82 25.06 12.89
CA GLY A 455 -1.96 25.35 12.04
C GLY A 455 -1.80 26.73 11.43
N THR A 456 -2.91 27.44 11.29
CA THR A 456 -2.89 28.85 10.88
C THR A 456 -3.41 29.72 12.02
N GLY A 457 -2.68 30.78 12.34
CA GLY A 457 -3.02 31.59 13.50
C GLY A 457 -2.37 31.02 14.75
N TRP A 458 -2.67 29.78 15.06
CA TRP A 458 -2.10 29.16 16.25
C TRP A 458 -1.22 27.95 15.95
N ALA A 459 -0.48 27.54 16.97
CA ALA A 459 0.20 26.26 16.97
C ALA A 459 0.13 25.72 18.39
N CYS A 460 0.34 24.42 18.51
CA CYS A 460 0.33 23.75 19.81
C CYS A 460 1.67 23.08 20.09
N LYS A 461 2.16 23.22 21.31
CA LYS A 461 3.31 22.44 21.77
C LYS A 461 3.18 22.08 23.23
N LEU A 462 3.17 20.77 23.49
CA LEU A 462 3.20 20.22 24.82
C LEU A 462 4.36 19.25 24.89
N PRO A 463 5.15 19.33 25.97
CA PRO A 463 6.20 18.33 26.20
C PRO A 463 5.57 17.07 26.77
N ASN A 464 6.36 16.01 26.92
CA ASN A 464 5.90 14.74 27.50
C ASN A 464 5.80 14.88 29.02
N TYR A 465 4.86 14.15 29.62
CA TYR A 465 4.72 14.05 31.07
C TYR A 465 4.70 12.58 31.49
N ASP A 466 5.15 12.30 32.70
CA ASP A 466 5.28 10.92 33.16
C ASP A 466 3.94 10.27 33.42
N ALA A 467 3.73 9.08 32.85
CA ALA A 467 2.45 8.39 32.96
C ALA A 467 2.04 8.07 34.42
N ARG A 468 3.00 7.59 35.20
CA ARG A 468 2.73 7.24 36.60
C ARG A 468 2.42 8.47 37.44
N GLU A 469 3.18 9.54 37.29
CA GLU A 469 2.86 10.78 38.00
CA GLU A 469 2.86 10.77 38.00
C GLU A 469 1.42 11.21 37.68
N ILE A 470 1.04 11.08 36.42
CA ILE A 470 -0.30 11.50 36.01
C ILE A 470 -1.37 10.62 36.64
N VAL A 471 -1.10 9.32 36.70
CA VAL A 471 -2.02 8.36 37.29
C VAL A 471 -2.19 8.74 38.76
N ASN A 472 -1.07 8.97 39.43
CA ASN A 472 -1.08 9.42 40.84
CA ASN A 472 -1.12 9.40 40.84
C ASN A 472 -1.89 10.70 41.05
N ASN A 473 -1.64 11.70 40.21
CA ASN A 473 -2.44 12.91 40.29
C ASN A 473 -3.92 12.66 40.05
N VAL A 474 -4.24 11.70 39.19
CA VAL A 474 -5.64 11.38 38.96
C VAL A 474 -6.24 10.74 40.24
N ARG A 475 -5.48 9.86 40.85
CA ARG A 475 -5.89 9.22 42.08
C ARG A 475 -6.08 10.27 43.19
N ARG A 476 -5.19 11.24 43.27
CA ARG A 476 -5.32 12.34 44.24
C ARG A 476 -6.62 13.12 44.05
N MET A 477 -6.93 13.47 42.80
CA MET A 477 -8.15 14.23 42.52
C MET A 477 -9.40 13.42 42.79
N LEU A 478 -9.31 12.09 42.68
CA LEU A 478 -10.44 11.23 43.01
C LEU A 478 -10.64 11.20 44.53
N ASP A 479 -9.58 11.49 45.28
CA ASP A 479 -9.70 11.57 46.73
C ASP A 479 -10.15 12.94 47.20
N GLY A 480 -10.36 13.85 46.26
CA GLY A 480 -10.78 15.20 46.59
C GLY A 480 -9.63 16.17 46.86
N LEU A 481 -8.40 15.70 46.68
CA LEU A 481 -7.20 16.49 46.92
C LEU A 481 -6.75 17.24 45.66
N ASP A 482 -5.90 18.25 45.83
CA ASP A 482 -5.35 18.98 44.68
C ASP A 482 -4.22 18.17 44.04
N PRO A 483 -4.13 18.22 42.70
CA PRO A 483 -2.99 17.55 42.05
C PRO A 483 -1.69 18.26 42.37
N HIS A 484 -0.61 17.50 42.46
CA HIS A 484 0.70 18.10 42.60
C HIS A 484 1.10 18.71 41.25
N PRO A 485 1.96 19.73 41.27
CA PRO A 485 2.51 20.29 40.03
C PRO A 485 3.38 19.24 39.34
N MET A 486 3.45 19.29 38.02
CA MET A 486 4.22 18.30 37.29
C MET A 486 5.27 18.97 36.44
N LEU A 487 6.47 18.40 36.44
CA LEU A 487 7.48 18.80 35.47
C LEU A 487 7.40 17.88 34.26
N PRO A 488 7.77 18.39 33.09
CA PRO A 488 7.90 17.54 31.92
C PRO A 488 8.85 16.38 32.23
N ASN A 489 8.54 15.22 31.69
CA ASN A 489 9.34 14.04 31.96
C ASN A 489 9.38 13.13 30.75
N TYR A 490 10.58 12.75 30.32
CA TYR A 490 10.69 11.96 29.10
C TYR A 490 11.19 10.58 29.43
N LYS A 491 10.42 9.56 29.03
CA LYS A 491 10.79 8.20 29.32
C LYS A 491 12.20 7.87 28.83
N ASN A 492 12.97 7.25 29.70
CA ASN A 492 14.33 6.79 29.41
C ASN A 492 15.36 7.91 29.30
N PHE A 493 14.90 9.15 29.47
CA PHE A 493 15.80 10.29 29.46
C PHE A 493 16.59 10.33 30.78
N LYS A 494 17.92 10.38 30.71
CA LYS A 494 18.77 10.31 31.90
C LYS A 494 19.21 11.69 32.42
N GLY A 495 18.79 12.75 31.74
CA GLY A 495 19.22 14.08 32.12
C GLY A 495 18.31 14.74 33.15
N THR A 496 18.38 16.05 33.23
CA THR A 496 17.52 16.77 34.16
C THR A 496 16.68 17.80 33.44
N ILE A 497 15.47 18.00 33.97
CA ILE A 497 14.60 19.06 33.51
C ILE A 497 14.25 19.89 34.72
N GLN A 498 14.64 21.16 34.71
CA GLN A 498 14.41 22.02 35.87
CA GLN A 498 14.42 22.02 35.87
C GLN A 498 13.61 23.25 35.49
N GLU A 499 12.62 23.57 36.30
CA GLU A 499 11.80 24.73 36.04
C GLU A 499 12.63 25.99 36.23
N LEU A 500 12.61 26.88 35.24
CA LEU A 500 13.35 28.14 35.29
C LEU A 500 12.39 29.29 35.55
N GLY A 501 11.18 29.14 35.02
CA GLY A 501 10.13 30.13 35.16
C GLY A 501 8.84 29.45 34.77
N GLN A 502 7.77 30.23 34.59
CA GLN A 502 6.50 29.61 34.25
C GLN A 502 6.49 29.12 32.79
N ASN A 503 6.27 27.82 32.63
CA ASN A 503 6.29 27.20 31.32
C ASN A 503 7.65 27.32 30.63
N GLN A 504 8.71 27.40 31.42
CA GLN A 504 10.05 27.46 30.86
C GLN A 504 11.01 26.56 31.65
N TYR A 505 11.78 25.74 30.93
CA TYR A 505 12.57 24.70 31.57
C TYR A 505 13.96 24.59 30.98
N ALA A 506 14.93 24.28 31.84
CA ALA A 506 16.23 23.88 31.36
C ALA A 506 16.31 22.35 31.27
N VAL A 507 16.68 21.85 30.09
CA VAL A 507 16.83 20.43 29.82
C VAL A 507 18.30 20.17 29.60
N SER A 508 18.89 19.33 30.45
CA SER A 508 20.34 19.15 30.41
C SER A 508 20.71 17.69 30.26
N GLY A 509 21.69 17.43 29.41
CA GLY A 509 22.28 16.11 29.29
C GLY A 509 23.27 15.85 30.41
N GLU A 510 24.11 14.84 30.23
CA GLU A 510 25.09 14.45 31.22
C GLU A 510 26.48 14.46 30.65
N ILE A 511 27.37 15.17 31.33
CA ILE A 511 28.78 15.13 30.99
C ILE A 511 29.56 15.11 32.31
N PHE A 512 30.54 14.22 32.43
CA PHE A 512 31.35 14.13 33.64
CA PHE A 512 31.36 14.21 33.63
C PHE A 512 32.84 14.11 33.33
N VAL A 513 33.65 14.80 34.13
CA VAL A 513 35.10 14.71 34.02
C VAL A 513 35.58 13.35 34.52
N VAL A 514 36.32 12.64 33.70
CA VAL A 514 36.84 11.33 34.06
C VAL A 514 38.26 11.47 34.64
N ASP A 515 39.18 11.98 33.81
CA ASP A 515 40.49 12.40 34.29
C ASP A 515 40.80 13.77 33.71
N ARG A 516 42.04 14.23 33.90
CA ARG A 516 42.39 15.58 33.49
C ARG A 516 42.43 15.78 31.97
N ASN A 517 42.42 14.69 31.21
CA ASN A 517 42.39 14.73 29.74
C ASN A 517 41.07 14.26 29.14
N THR A 518 40.12 13.82 29.97
CA THR A 518 38.99 13.09 29.45
C THR A 518 37.66 13.56 30.04
N VAL A 519 36.66 13.77 29.19
CA VAL A 519 35.30 13.90 29.67
C VAL A 519 34.44 12.89 28.95
N GLU A 520 33.33 12.54 29.58
CA GLU A 520 32.44 11.52 29.06
C GLU A 520 31.03 12.11 28.96
N ILE A 521 30.39 11.88 27.83
CA ILE A 521 29.04 12.40 27.62
C ILE A 521 28.12 11.20 27.49
N THR A 522 27.13 11.10 28.37
CA THR A 522 26.31 9.90 28.42
C THR A 522 24.83 10.18 28.21
N GLU A 523 24.49 11.45 28.05
CA GLU A 523 23.13 11.82 27.71
C GLU A 523 23.13 13.14 26.96
N LEU A 524 22.24 13.26 25.98
CA LEU A 524 22.07 14.51 25.24
C LEU A 524 20.70 15.06 25.59
N PRO A 525 20.57 16.39 25.62
CA PRO A 525 19.24 16.91 25.98
C PRO A 525 18.14 16.37 25.06
N VAL A 526 16.95 16.23 25.62
CA VAL A 526 15.82 15.69 24.88
C VAL A 526 15.70 16.33 23.50
N ARG A 527 15.57 15.51 22.47
CA ARG A 527 15.41 15.99 21.09
C ARG A 527 16.71 16.43 20.42
N THR A 528 17.84 16.29 21.12
CA THR A 528 19.13 16.39 20.47
C THR A 528 19.52 14.99 19.96
N TRP A 529 19.62 14.83 18.65
CA TRP A 529 19.90 13.52 18.09
C TRP A 529 21.40 13.25 18.01
N THR A 530 21.78 11.98 18.13
CA THR A 530 23.19 11.67 18.32
C THR A 530 24.07 12.11 17.14
N GLN A 531 23.61 11.81 15.93
CA GLN A 531 24.36 12.10 14.72
C GLN A 531 24.45 13.62 14.49
N VAL A 532 23.37 14.34 14.79
CA VAL A 532 23.36 15.78 14.67
C VAL A 532 24.32 16.40 15.68
N TYR A 533 24.31 15.88 16.89
CA TYR A 533 25.20 16.41 17.91
C TYR A 533 26.65 16.15 17.49
N LYS A 534 26.90 15.00 16.92
CA LYS A 534 28.25 14.67 16.52
C LYS A 534 28.73 15.62 15.40
N GLU A 535 27.84 15.89 14.44
CA GLU A 535 28.18 16.69 13.27
C GLU A 535 28.23 18.19 13.54
N GLN A 536 27.33 18.68 14.37
CA GLN A 536 27.27 20.11 14.62
C GLN A 536 28.01 20.57 15.87
N VAL A 537 28.37 19.64 16.74
CA VAL A 537 29.09 20.04 17.95
C VAL A 537 30.50 19.44 18.06
N LEU A 538 30.60 18.12 18.04
CA LEU A 538 31.92 17.50 18.29
C LEU A 538 32.89 17.65 17.10
N GLU A 539 32.41 17.45 15.88
CA GLU A 539 33.26 17.61 14.70
C GLU A 539 33.88 19.02 14.64
N PRO A 540 33.05 20.08 14.75
CA PRO A 540 33.57 21.44 14.81
C PRO A 540 34.52 21.66 15.99
N MET A 541 34.27 21.00 17.13
CA MET A 541 35.17 21.13 18.28
C MET A 541 36.50 20.46 18.02
N LEU A 542 36.47 19.39 17.23
CA LEU A 542 37.69 18.66 16.94
C LEU A 542 38.52 19.38 15.89
N ASN A 543 37.84 19.86 14.86
CA ASN A 543 38.49 20.35 13.64
C ASN A 543 38.68 21.87 13.59
N GLY A 544 37.97 22.56 14.45
CA GLY A 544 37.80 23.99 14.30
C GLY A 544 36.93 24.27 13.09
N THR A 545 36.64 25.55 12.85
CA THR A 545 35.98 25.99 11.64
C THR A 545 36.63 27.27 11.15
N ASP A 546 36.01 27.90 10.16
CA ASP A 546 36.49 29.19 9.67
C ASP A 546 36.35 30.25 10.76
N LYS A 547 35.33 30.07 11.62
CA LYS A 547 34.97 31.04 12.64
C LYS A 547 35.17 30.60 14.10
N THR A 548 35.66 29.39 14.34
CA THR A 548 35.97 28.95 15.72
C THR A 548 37.19 28.05 15.78
N PRO A 549 37.90 28.08 16.92
CA PRO A 549 39.06 27.19 17.09
C PRO A 549 38.64 25.79 17.53
N ALA A 550 39.59 24.87 17.51
CA ALA A 550 39.37 23.53 18.04
C ALA A 550 39.40 23.58 19.56
N LEU A 551 38.59 22.74 20.20
CA LEU A 551 38.59 22.67 21.66
C LEU A 551 39.07 21.31 22.15
N ILE A 552 38.89 20.28 21.34
CA ILE A 552 39.19 18.93 21.80
C ILE A 552 40.21 18.28 20.90
N SER A 553 40.86 17.23 21.39
CA SER A 553 41.92 16.54 20.65
C SER A 553 41.41 15.29 19.98
N ASP A 554 40.32 14.73 20.51
CA ASP A 554 39.79 13.48 19.96
C ASP A 554 38.46 13.15 20.62
N TYR A 555 37.74 12.23 20.02
CA TYR A 555 36.57 11.68 20.66
C TYR A 555 36.26 10.36 20.02
N LYS A 556 35.66 9.46 20.81
CA LYS A 556 35.25 8.13 20.36
C LYS A 556 33.79 7.91 20.72
N GLU A 557 33.10 7.11 19.92
CA GLU A 557 31.69 6.83 20.13
C GLU A 557 31.46 5.41 20.67
N TYR A 558 30.63 5.29 21.71
CA TYR A 558 30.28 3.96 22.20
C TYR A 558 28.77 3.80 22.36
N HIS A 559 28.03 4.31 21.38
CA HIS A 559 26.57 4.33 21.46
C HIS A 559 26.01 2.93 21.24
N THR A 560 24.81 2.70 21.78
CA THR A 560 24.00 1.60 21.33
C THR A 560 22.86 2.29 20.58
N ASP A 561 21.85 1.53 20.18
CA ASP A 561 20.76 2.11 19.40
C ASP A 561 19.91 3.07 20.23
N THR A 562 19.96 2.91 21.55
CA THR A 562 19.09 3.68 22.43
C THR A 562 19.87 4.50 23.46
N THR A 563 21.19 4.45 23.41
CA THR A 563 21.99 5.18 24.40
C THR A 563 23.07 6.00 23.73
N VAL A 564 23.55 6.99 24.47
CA VAL A 564 24.59 7.87 23.98
C VAL A 564 25.84 7.72 24.84
N LYS A 565 26.99 7.50 24.19
CA LYS A 565 28.27 7.56 24.91
C LYS A 565 29.42 8.09 24.05
N PHE A 566 29.86 9.30 24.38
CA PHE A 566 31.03 9.89 23.75
C PHE A 566 32.13 9.99 24.78
N VAL A 567 33.32 9.52 24.42
CA VAL A 567 34.50 9.79 25.25
C VAL A 567 35.39 10.84 24.56
N VAL A 568 35.62 11.96 25.24
CA VAL A 568 36.29 13.09 24.64
C VAL A 568 37.65 13.41 25.29
N LYS A 569 38.69 13.56 24.46
CA LYS A 569 40.03 13.91 24.91
C LYS A 569 40.33 15.40 24.74
N MET A 570 40.97 16.00 25.73
CA MET A 570 41.33 17.41 25.71
C MET A 570 42.65 17.61 26.42
N THR A 571 43.28 18.75 26.21
CA THR A 571 44.48 19.11 26.97
C THR A 571 44.02 19.55 28.35
N GLU A 572 44.84 19.35 29.36
CA GLU A 572 44.53 19.82 30.71
C GLU A 572 44.08 21.28 30.67
N GLU A 573 44.79 22.07 29.88
CA GLU A 573 44.51 23.49 29.75
CA GLU A 573 44.49 23.49 29.78
C GLU A 573 43.08 23.72 29.22
N LYS A 574 42.79 23.10 28.09
CA LYS A 574 41.47 23.23 27.47
C LYS A 574 40.34 22.77 28.38
N LEU A 575 40.52 21.63 29.04
CA LEU A 575 39.48 21.10 29.93
C LEU A 575 39.22 22.10 31.05
N ALA A 576 40.30 22.62 31.63
CA ALA A 576 40.21 23.62 32.69
C ALA A 576 39.40 24.84 32.23
N GLN A 577 39.69 25.33 31.02
CA GLN A 577 38.92 26.44 30.48
C GLN A 577 37.43 26.08 30.39
N ALA A 578 37.14 24.92 29.80
CA ALA A 578 35.77 24.47 29.59
C ALA A 578 34.99 24.35 30.91
N GLU A 579 35.62 23.76 31.93
CA GLU A 579 35.00 23.73 33.26
C GLU A 579 34.66 25.13 33.73
N ALA A 580 35.60 26.06 33.57
CA ALA A 580 35.42 27.41 34.11
C ALA A 580 34.21 28.05 33.48
N ALA A 581 33.96 27.71 32.22
CA ALA A 581 32.85 28.32 31.48
C ALA A 581 31.53 27.58 31.67
N GLY A 582 31.60 26.38 32.24
CA GLY A 582 30.43 25.51 32.38
C GLY A 582 30.44 24.38 31.35
N LEU A 583 30.73 23.16 31.79
CA LEU A 583 30.90 22.04 30.87
C LEU A 583 29.65 21.82 30.01
N HIS A 584 28.48 21.90 30.62
CA HIS A 584 27.23 21.71 29.91
C HIS A 584 27.03 22.77 28.85
N LYS A 585 27.45 23.99 29.18
CA LYS A 585 27.26 25.13 28.32
C LYS A 585 28.19 24.98 27.12
N VAL A 586 29.46 24.70 27.40
CA VAL A 586 30.48 24.59 26.35
C VAL A 586 30.15 23.47 25.38
N PHE A 587 29.64 22.37 25.92
CA PHE A 587 29.38 21.20 25.10
C PHE A 587 27.94 21.14 24.54
N LYS A 588 27.20 22.25 24.67
CA LYS A 588 25.85 22.35 24.11
C LYS A 588 24.94 21.24 24.64
N LEU A 589 24.94 21.06 25.94
CA LEU A 589 24.17 19.99 26.54
C LEU A 589 23.04 20.54 27.40
N GLN A 590 22.67 21.80 27.14
CA GLN A 590 21.51 22.39 27.80
C GLN A 590 20.72 23.15 26.77
N THR A 591 19.44 22.81 26.66
CA THR A 591 18.55 23.60 25.83
C THR A 591 17.40 24.09 26.66
N THR A 592 16.69 25.07 26.14
CA THR A 592 15.54 25.62 26.83
C THR A 592 14.27 25.04 26.23
N LEU A 593 13.30 24.76 27.09
CA LEU A 593 12.00 24.27 26.67
C LEU A 593 10.94 25.25 27.15
N THR A 594 10.29 25.91 26.20
CA THR A 594 9.33 26.97 26.48
C THR A 594 7.96 26.59 25.95
N CYS A 595 6.97 26.64 26.85
CA CYS A 595 5.65 26.13 26.53
C CYS A 595 4.57 27.16 26.79
N ASN A 596 4.56 28.20 25.96
CA ASN A 596 3.57 29.25 26.07
C ASN A 596 2.52 29.18 25.00
N SER A 597 2.44 28.05 24.33
CA SER A 597 1.50 27.90 23.25
C SER A 597 0.79 26.56 23.36
N MET A 598 0.25 26.31 24.56
CA MET A 598 -0.51 25.11 24.83
C MET A 598 -1.95 25.30 24.36
N VAL A 599 -2.13 25.20 23.04
CA VAL A 599 -3.42 25.44 22.40
C VAL A 599 -4.03 24.13 21.98
N LEU A 600 -5.28 23.90 22.38
CA LEU A 600 -5.96 22.64 22.16
C LEU A 600 -7.40 22.91 21.78
N PHE A 601 -8.06 21.93 21.16
CA PHE A 601 -9.51 21.96 21.05
C PHE A 601 -10.08 21.35 22.33
N ASP A 602 -11.07 22.01 22.94
CA ASP A 602 -11.71 21.44 24.12
C ASP A 602 -12.79 20.47 23.71
N HIS A 603 -13.46 19.87 24.69
CA HIS A 603 -14.40 18.80 24.40
C HIS A 603 -15.62 19.27 23.62
N MET A 604 -15.86 20.58 23.61
CA MET A 604 -16.96 21.13 22.83
C MET A 604 -16.49 21.40 21.40
N GLY A 605 -15.18 21.35 21.20
CA GLY A 605 -14.61 21.61 19.89
C GLY A 605 -14.17 23.07 19.74
N CYS A 606 -13.99 23.76 20.86
CA CYS A 606 -13.57 25.16 20.82
C CYS A 606 -12.07 25.29 21.05
N LEU A 607 -11.40 26.04 20.18
CA LEU A 607 -9.97 26.27 20.33
C LEU A 607 -9.76 27.06 21.61
N LYS A 608 -8.79 26.63 22.40
CA LYS A 608 -8.55 27.23 23.70
C LYS A 608 -7.06 27.24 23.98
N LYS A 609 -6.61 28.28 24.67
CA LYS A 609 -5.24 28.36 25.12
C LYS A 609 -5.21 28.04 26.61
N TYR A 610 -4.36 27.11 27.00
CA TYR A 610 -4.23 26.74 28.40
C TYR A 610 -2.90 27.25 28.93
N GLU A 611 -2.94 27.89 30.10
CA GLU A 611 -1.76 28.51 30.69
C GLU A 611 -0.89 27.52 31.46
N THR A 612 -1.51 26.51 32.05
CA THR A 612 -0.79 25.50 32.82
C THR A 612 -1.30 24.10 32.48
N VAL A 613 -0.44 23.10 32.69
CA VAL A 613 -0.81 21.71 32.47
CA VAL A 613 -0.87 21.74 32.43
C VAL A 613 -1.87 21.28 33.48
N GLN A 614 -1.81 21.87 34.67
CA GLN A 614 -2.80 21.60 35.71
CA GLN A 614 -2.80 21.59 35.71
C GLN A 614 -4.20 21.96 35.21
N ASP A 615 -4.30 23.02 34.40
CA ASP A 615 -5.59 23.39 33.84
C ASP A 615 -6.11 22.34 32.87
N ILE A 616 -5.22 21.81 32.02
CA ILE A 616 -5.57 20.74 31.11
C ILE A 616 -5.99 19.50 31.90
N LEU A 617 -5.16 19.10 32.86
CA LEU A 617 -5.46 17.97 33.73
C LEU A 617 -6.83 18.09 34.38
N LYS A 618 -7.16 19.27 34.88
CA LYS A 618 -8.43 19.46 35.59
C LYS A 618 -9.64 19.36 34.67
N GLU A 619 -9.56 20.01 33.53
CA GLU A 619 -10.63 19.98 32.56
C GLU A 619 -10.79 18.52 32.09
N PHE A 620 -9.68 17.84 31.85
CA PHE A 620 -9.76 16.45 31.47
C PHE A 620 -10.43 15.65 32.58
N PHE A 621 -10.06 15.93 33.82
CA PHE A 621 -10.54 15.13 34.94
C PHE A 621 -12.07 15.17 35.08
N ASP A 622 -12.63 16.36 35.03
CA ASP A 622 -14.09 16.50 35.16
C ASP A 622 -14.82 15.72 34.07
N LEU A 623 -14.34 15.83 32.83
CA LEU A 623 -14.96 15.16 31.72
C LEU A 623 -14.87 13.63 31.86
N ARG A 624 -13.69 13.12 32.21
CA ARG A 624 -13.51 11.68 32.37
C ARG A 624 -14.35 11.13 33.52
N LEU A 625 -14.40 11.84 34.64
CA LEU A 625 -15.22 11.40 35.78
C LEU A 625 -16.68 11.25 35.35
N SER A 626 -17.19 12.24 34.62
CA SER A 626 -18.59 12.17 34.28
C SER A 626 -18.82 11.07 33.23
N TYR A 627 -17.83 10.76 32.41
CA TYR A 627 -17.96 9.61 31.50
C TYR A 627 -17.91 8.25 32.21
N TYR A 628 -17.26 8.18 33.38
CA TYR A 628 -17.34 6.98 34.20
C TYR A 628 -18.74 6.88 34.81
N GLY A 629 -19.40 8.02 34.96
CA GLY A 629 -20.80 8.05 35.34
C GLY A 629 -21.64 7.45 34.23
N LEU A 630 -21.41 7.90 33.00
CA LEU A 630 -22.17 7.43 31.86
C LEU A 630 -21.92 5.94 31.63
N ARG A 631 -20.68 5.52 31.83
CA ARG A 631 -20.33 4.11 31.68
C ARG A 631 -21.13 3.26 32.65
N LYS A 632 -21.20 3.69 33.91
CA LYS A 632 -21.95 2.93 34.89
C LYS A 632 -23.45 2.85 34.52
N GLU A 633 -24.04 3.98 34.15
CA GLU A 633 -25.43 3.96 33.72
C GLU A 633 -25.60 2.98 32.56
N TRP A 634 -24.69 3.05 31.60
CA TRP A 634 -24.75 2.16 30.44
C TRP A 634 -24.64 0.70 30.85
N LEU A 635 -23.71 0.40 31.75
CA LEU A 635 -23.51 -0.97 32.20
C LEU A 635 -24.70 -1.52 32.98
N VAL A 636 -25.25 -0.71 33.88
CA VAL A 636 -26.44 -1.14 34.62
C VAL A 636 -27.58 -1.47 33.65
N GLY A 637 -27.75 -0.65 32.63
CA GLY A 637 -28.77 -0.92 31.64
C GLY A 637 -28.48 -2.20 30.87
N MET A 638 -27.30 -2.25 30.24
CA MET A 638 -26.97 -3.38 29.39
C MET A 638 -26.97 -4.70 30.15
N LEU A 639 -26.31 -4.73 31.31
CA LEU A 639 -26.29 -5.93 32.12
C LEU A 639 -27.69 -6.30 32.56
N GLY A 640 -28.52 -5.30 32.83
CA GLY A 640 -29.86 -5.54 33.29
C GLY A 640 -30.60 -6.32 32.22
N ALA A 641 -30.55 -5.79 31.00
CA ALA A 641 -31.22 -6.41 29.88
C ALA A 641 -30.69 -7.84 29.65
N GLU A 642 -29.39 -8.03 29.75
CA GLU A 642 -28.79 -9.35 29.58
C GLU A 642 -29.31 -10.31 30.66
N SER A 643 -29.55 -9.76 31.84
CA SER A 643 -30.06 -10.55 32.96
C SER A 643 -31.49 -10.99 32.68
N THR A 644 -32.32 -10.04 32.26
CA THR A 644 -33.70 -10.33 31.90
C THR A 644 -33.73 -11.35 30.76
N LYS A 645 -32.79 -11.19 29.82
CA LYS A 645 -32.69 -12.09 28.68
C LYS A 645 -32.47 -13.52 29.15
N LEU A 646 -31.37 -13.74 29.85
CA LEU A 646 -31.11 -15.06 30.42
C LEU A 646 -32.26 -15.60 31.27
N ASN A 647 -32.94 -14.72 32.00
CA ASN A 647 -34.02 -15.17 32.85
C ASN A 647 -35.12 -15.79 32.01
N ASN A 648 -35.41 -15.14 30.89
CA ASN A 648 -36.42 -15.61 29.98
C ASN A 648 -36.02 -16.91 29.27
N GLN A 649 -34.74 -17.00 28.87
CA GLN A 649 -34.24 -18.22 28.24
C GLN A 649 -34.27 -19.38 29.21
N ALA A 650 -33.85 -19.12 30.46
CA ALA A 650 -33.84 -20.15 31.48
C ALA A 650 -35.27 -20.61 31.76
N ARG A 651 -36.19 -19.66 31.84
CA ARG A 651 -37.57 -19.99 32.16
C ARG A 651 -38.12 -20.90 31.07
N PHE A 652 -37.94 -20.52 29.80
CA PHE A 652 -38.42 -21.33 28.70
C PHE A 652 -37.85 -22.75 28.66
N ILE A 653 -36.55 -22.88 28.93
CA ILE A 653 -35.93 -24.19 28.92
C ILE A 653 -36.49 -25.09 30.05
N LEU A 654 -36.74 -24.51 31.22
CA LEU A 654 -37.33 -25.26 32.33
C LEU A 654 -38.79 -25.64 32.08
N GLU A 655 -39.59 -24.70 31.58
CA GLU A 655 -40.96 -24.99 31.20
C GLU A 655 -41.06 -26.06 30.10
N LYS A 656 -40.02 -26.18 29.28
CA LYS A 656 -39.99 -27.16 28.20
C LYS A 656 -39.62 -28.55 28.68
N ILE A 657 -38.55 -28.66 29.48
CA ILE A 657 -38.15 -29.98 29.96
C ILE A 657 -39.08 -30.48 31.07
N GLN A 658 -40.07 -29.68 31.41
CA GLN A 658 -41.07 -30.08 32.41
C GLN A 658 -42.40 -30.30 31.74
N GLY A 659 -42.42 -30.22 30.42
CA GLY A 659 -43.65 -30.42 29.68
C GLY A 659 -44.69 -29.34 29.90
N LYS A 660 -44.31 -28.27 30.58
CA LYS A 660 -45.26 -27.18 30.83
C LYS A 660 -45.54 -26.42 29.54
N ILE A 661 -44.66 -26.59 28.57
CA ILE A 661 -44.79 -25.92 27.28
C ILE A 661 -44.25 -26.81 26.16
N THR A 662 -44.95 -26.84 25.03
CA THR A 662 -44.49 -27.58 23.87
C THR A 662 -44.51 -26.64 22.68
N ILE A 663 -43.52 -26.79 21.80
CA ILE A 663 -43.50 -26.02 20.57
C ILE A 663 -43.66 -26.96 19.37
N GLU A 664 -43.45 -28.25 19.62
CA GLU A 664 -43.48 -29.25 18.55
C GLU A 664 -44.67 -29.08 17.62
N ASN A 665 -44.36 -28.85 16.35
CA ASN A 665 -45.35 -28.71 15.29
C ASN A 665 -46.38 -27.58 15.43
N ARG A 666 -46.09 -26.59 16.28
CA ARG A 666 -46.94 -25.40 16.33
C ARG A 666 -46.53 -24.43 15.24
N SER A 667 -47.49 -23.69 14.70
CA SER A 667 -47.18 -22.67 13.71
C SER A 667 -46.46 -21.51 14.38
N LYS A 668 -45.75 -20.73 13.58
CA LYS A 668 -45.04 -19.56 14.09
C LYS A 668 -45.99 -18.63 14.84
N LYS A 669 -47.09 -18.23 14.21
CA LYS A 669 -48.05 -17.32 14.84
C LYS A 669 -48.59 -17.86 16.16
N ASP A 670 -48.98 -19.13 16.19
CA ASP A 670 -49.53 -19.68 17.41
C ASP A 670 -48.49 -19.72 18.52
N LEU A 671 -47.22 -19.91 18.12
CA LEU A 671 -46.13 -20.03 19.08
C LEU A 671 -45.81 -18.68 19.72
N ILE A 672 -45.78 -17.63 18.92
CA ILE A 672 -45.51 -16.30 19.42
C ILE A 672 -46.64 -15.83 20.33
N GLN A 673 -47.87 -15.93 19.82
CA GLN A 673 -49.06 -15.58 20.57
C GLN A 673 -49.06 -16.29 21.91
N MET A 674 -48.56 -17.52 21.92
CA MET A 674 -48.52 -18.31 23.14
C MET A 674 -47.50 -17.74 24.11
N LEU A 675 -46.33 -17.39 23.60
CA LEU A 675 -45.25 -16.86 24.43
C LEU A 675 -45.67 -15.54 25.10
N VAL A 676 -46.34 -14.69 24.33
CA VAL A 676 -46.89 -13.46 24.88
C VAL A 676 -47.83 -13.77 26.05
N GLN A 677 -48.76 -14.70 25.83
CA GLN A 677 -49.74 -15.03 26.84
C GLN A 677 -49.13 -15.65 28.10
N ARG A 678 -47.97 -16.28 27.96
CA ARG A 678 -47.29 -16.77 29.15
C ARG A 678 -46.39 -15.69 29.73
N GLY A 679 -46.48 -14.50 29.17
CA GLY A 679 -45.72 -13.36 29.64
C GLY A 679 -44.21 -13.41 29.43
N TYR A 680 -43.76 -14.04 28.35
CA TYR A 680 -42.35 -13.96 28.00
C TYR A 680 -42.04 -12.58 27.41
N GLU A 681 -40.84 -12.07 27.69
CA GLU A 681 -40.48 -10.74 27.23
C GLU A 681 -39.81 -10.70 25.86
N SER A 682 -40.27 -9.80 25.00
CA SER A 682 -39.61 -9.55 23.73
C SER A 682 -38.14 -9.23 24.01
N ASP A 683 -37.26 -9.66 23.09
CA ASP A 683 -35.82 -9.53 23.28
C ASP A 683 -35.48 -8.27 24.07
N PRO A 684 -35.11 -8.43 25.35
CA PRO A 684 -34.83 -7.32 26.27
C PRO A 684 -33.58 -6.54 25.87
N VAL A 685 -32.56 -7.24 25.40
CA VAL A 685 -31.33 -6.58 24.99
C VAL A 685 -31.53 -5.71 23.75
N LYS A 686 -32.21 -6.25 22.75
CA LYS A 686 -32.56 -5.49 21.55
CA LYS A 686 -32.51 -5.46 21.57
C LYS A 686 -33.48 -4.33 21.91
N ALA A 687 -34.40 -4.60 22.82
CA ALA A 687 -35.31 -3.55 23.30
C ALA A 687 -34.48 -2.41 23.90
N TRP A 688 -33.50 -2.77 24.72
CA TRP A 688 -32.66 -1.80 25.39
C TRP A 688 -31.85 -0.93 24.42
N LYS A 689 -31.13 -1.57 23.49
CA LYS A 689 -30.39 -0.82 22.48
C LYS A 689 -31.33 0.05 21.64
N GLU A 690 -32.56 -0.42 21.47
CA GLU A 690 -33.55 0.37 20.73
C GLU A 690 -33.86 1.65 21.48
N ALA A 691 -34.20 1.52 22.76
CA ALA A 691 -34.51 2.66 23.60
C ALA A 691 -33.36 3.67 23.60
N GLN A 692 -32.13 3.17 23.64
CA GLN A 692 -30.96 4.04 23.60
C GLN A 692 -30.85 4.71 22.24
N GLU A 693 -31.81 5.59 21.93
CA GLU A 693 -31.79 6.49 20.78
C GLU A 693 -33.20 6.90 20.36
N GLY A 717 -43.26 -5.99 16.25
CA GLY A 717 -43.78 -7.23 16.80
C GLY A 717 -42.85 -7.80 17.86
N PRO A 718 -43.39 -8.59 18.80
CA PRO A 718 -42.54 -9.20 19.82
C PRO A 718 -41.50 -10.12 19.19
N ASP A 719 -40.26 -10.03 19.66
CA ASP A 719 -39.14 -10.75 19.07
C ASP A 719 -38.63 -11.81 20.04
N PHE A 720 -38.89 -13.07 19.72
CA PHE A 720 -38.53 -14.16 20.62
C PHE A 720 -37.44 -15.03 20.02
N ASN A 721 -36.79 -14.52 18.98
CA ASN A 721 -35.70 -15.26 18.36
C ASN A 721 -34.60 -15.64 19.36
N TYR A 722 -34.38 -14.81 20.38
CA TYR A 722 -33.31 -15.10 21.32
C TYR A 722 -33.55 -16.41 22.06
N ILE A 723 -34.80 -16.81 22.14
CA ILE A 723 -35.17 -18.09 22.77
C ILE A 723 -35.15 -19.21 21.73
N LEU A 724 -35.91 -19.03 20.65
CA LEU A 724 -36.09 -20.07 19.65
C LEU A 724 -34.86 -20.36 18.77
N ASN A 725 -33.93 -19.43 18.69
CA ASN A 725 -32.65 -19.67 18.02
C ASN A 725 -31.72 -20.53 18.87
N MET A 726 -32.10 -20.77 20.12
CA MET A 726 -31.27 -21.68 20.93
C MET A 726 -31.23 -23.04 20.24
N SER A 727 -30.10 -23.72 20.33
CA SER A 727 -29.97 -25.03 19.73
C SER A 727 -30.72 -26.10 20.56
N LEU A 728 -30.99 -27.24 19.94
CA LEU A 728 -31.63 -28.36 20.61
C LEU A 728 -30.78 -28.87 21.77
N TRP A 729 -29.47 -28.72 21.65
CA TRP A 729 -28.58 -29.02 22.78
C TRP A 729 -29.05 -28.34 24.07
N SER A 730 -29.63 -27.15 23.94
CA SER A 730 -30.11 -26.38 25.10
C SER A 730 -31.02 -27.17 26.02
N LEU A 731 -31.72 -28.16 25.47
CA LEU A 731 -32.68 -28.98 26.23
C LEU A 731 -32.02 -30.11 27.01
N THR A 732 -30.73 -30.35 26.74
CA THR A 732 -30.02 -31.44 27.43
C THR A 732 -29.51 -31.07 28.81
N LYS A 733 -29.19 -32.10 29.60
CA LYS A 733 -28.88 -31.96 31.02
C LYS A 733 -27.80 -30.94 31.33
N GLU A 734 -26.60 -31.18 30.81
CA GLU A 734 -25.47 -30.31 31.07
C GLU A 734 -25.77 -28.88 30.65
N LYS A 735 -26.53 -28.70 29.57
CA LYS A 735 -26.84 -27.37 29.06
C LYS A 735 -27.87 -26.65 29.93
N VAL A 736 -28.83 -27.38 30.46
CA VAL A 736 -29.78 -26.77 31.38
C VAL A 736 -28.99 -26.23 32.57
N GLU A 737 -28.07 -27.03 33.07
CA GLU A 737 -27.26 -26.63 34.22
C GLU A 737 -26.35 -25.46 33.89
N GLU A 738 -25.76 -25.49 32.71
CA GLU A 738 -24.93 -24.37 32.27
C GLU A 738 -25.78 -23.10 32.18
N LEU A 739 -26.95 -23.19 31.54
CA LEU A 739 -27.80 -22.01 31.38
C LEU A 739 -28.21 -21.40 32.73
N ILE A 740 -28.53 -22.23 33.71
CA ILE A 740 -28.90 -21.76 35.04
C ILE A 740 -27.75 -21.02 35.74
N LYS A 741 -26.56 -21.60 35.68
CA LYS A 741 -25.39 -20.92 36.23
C LYS A 741 -25.19 -19.55 35.58
N GLN A 742 -25.29 -19.50 34.27
CA GLN A 742 -25.08 -18.25 33.54
C GLN A 742 -26.10 -17.21 33.95
N ARG A 743 -27.36 -17.62 34.09
CA ARG A 743 -28.39 -16.70 34.51
C ARG A 743 -28.05 -16.12 35.88
N ASP A 744 -27.62 -17.00 36.78
CA ASP A 744 -27.36 -16.63 38.15
C ASP A 744 -26.13 -15.76 38.24
N ALA A 745 -25.10 -16.14 37.48
CA ALA A 745 -23.87 -15.36 37.44
C ALA A 745 -24.15 -13.93 36.97
N LYS A 746 -25.03 -13.80 35.98
CA LYS A 746 -25.28 -12.50 35.39
C LYS A 746 -26.01 -11.62 36.38
N GLY A 747 -26.88 -12.24 37.17
CA GLY A 747 -27.61 -11.55 38.21
C GLY A 747 -26.63 -10.99 39.24
N ARG A 748 -25.60 -11.77 39.56
CA ARG A 748 -24.60 -11.31 40.51
C ARG A 748 -23.77 -10.22 39.87
N GLU A 749 -23.59 -10.30 38.56
CA GLU A 749 -22.81 -9.30 37.84
C GLU A 749 -23.48 -7.93 37.90
N VAL A 750 -24.79 -7.90 37.69
CA VAL A 750 -25.55 -6.67 37.77
C VAL A 750 -25.32 -6.00 39.13
N ASN A 751 -25.44 -6.79 40.19
CA ASN A 751 -25.24 -6.29 41.55
C ASN A 751 -23.80 -5.91 41.87
N ASP A 752 -22.82 -6.69 41.41
CA ASP A 752 -21.43 -6.33 41.67
C ASP A 752 -21.15 -4.95 41.09
N LEU A 753 -21.67 -4.71 39.88
CA LEU A 753 -21.42 -3.46 39.18
C LEU A 753 -22.18 -2.34 39.85
N LYS A 754 -23.38 -2.66 40.33
CA LYS A 754 -24.19 -1.69 41.03
C LYS A 754 -23.48 -1.16 42.30
N ARG A 755 -22.70 -2.01 42.94
CA ARG A 755 -22.00 -1.62 44.15
C ARG A 755 -20.80 -0.72 43.88
N LYS A 756 -20.41 -0.63 42.61
CA LYS A 756 -19.24 0.17 42.23
C LYS A 756 -19.61 1.60 41.84
N SER A 757 -18.86 2.56 42.37
CA SER A 757 -19.02 3.95 41.99
C SER A 757 -18.23 4.20 40.69
N PRO A 758 -18.58 5.28 39.98
CA PRO A 758 -17.78 5.67 38.82
C PRO A 758 -16.29 5.72 39.17
N SER A 759 -16.02 6.18 40.38
CA SER A 759 -14.66 6.35 40.84
C SER A 759 -13.96 4.99 41.09
N ASP A 760 -14.71 4.03 41.65
CA ASP A 760 -14.25 2.63 41.73
C ASP A 760 -13.89 2.06 40.36
N LEU A 761 -14.76 2.25 39.37
CA LEU A 761 -14.50 1.80 38.00
C LEU A 761 -13.20 2.40 37.45
N TRP A 762 -13.02 3.71 37.67
CA TRP A 762 -11.81 4.38 37.19
C TRP A 762 -10.57 3.79 37.85
N LYS A 763 -10.67 3.51 39.15
CA LYS A 763 -9.53 2.99 39.90
C LYS A 763 -9.11 1.58 39.46
N GLU A 764 -10.08 0.72 39.21
CA GLU A 764 -9.81 -0.57 38.55
C GLU A 764 -9.08 -0.40 37.21
N ASP A 765 -9.54 0.55 36.39
CA ASP A 765 -8.87 0.81 35.11
C ASP A 765 -7.42 1.29 35.33
N LEU A 766 -7.25 2.19 36.29
CA LEU A 766 -5.93 2.73 36.57
C LEU A 766 -5.01 1.60 36.99
N ALA A 767 -5.51 0.75 37.88
CA ALA A 767 -4.71 -0.36 38.40
C ALA A 767 -4.34 -1.33 37.27
N ALA A 768 -5.32 -1.74 36.46
CA ALA A 768 -5.03 -2.68 35.37
C ALA A 768 -4.02 -2.06 34.40
N PHE A 769 -4.12 -0.75 34.18
CA PHE A 769 -3.19 -0.09 33.29
C PHE A 769 -1.75 -0.08 33.81
N VAL A 770 -1.59 0.28 35.08
CA VAL A 770 -0.25 0.37 35.66
C VAL A 770 0.45 -0.99 35.66
N GLU A 771 -0.30 -2.02 36.02
CA GLU A 771 0.22 -3.39 36.02
C GLU A 771 0.82 -3.74 34.65
N GLU A 772 0.08 -3.48 33.58
CA GLU A 772 0.57 -3.82 32.27
C GLU A 772 1.70 -2.88 31.88
N LEU A 773 1.61 -1.61 32.27
CA LEU A 773 2.70 -0.67 32.01
C LEU A 773 4.02 -1.14 32.66
N ASP A 774 3.93 -1.62 33.90
CA ASP A 774 5.11 -2.18 34.57
C ASP A 774 5.68 -3.36 33.79
N LYS A 775 4.81 -4.29 33.43
CA LYS A 775 5.21 -5.46 32.66
C LYS A 775 5.82 -5.07 31.29
N VAL A 776 5.15 -4.19 30.57
CA VAL A 776 5.59 -3.79 29.24
C VAL A 776 6.97 -3.11 29.28
N GLU A 777 7.13 -2.16 30.20
CA GLU A 777 8.40 -1.43 30.30
C GLU A 777 9.57 -2.27 30.82
N SER A 778 9.30 -3.27 31.65
CA SER A 778 10.38 -4.17 32.06
C SER A 778 10.78 -5.12 30.94
N GLN A 779 9.80 -5.65 30.20
CA GLN A 779 10.13 -6.37 28.97
C GLN A 779 11.03 -5.53 28.07
N GLU A 780 10.75 -4.24 27.96
CA GLU A 780 11.53 -3.36 27.08
C GLU A 780 12.98 -3.22 27.54
N ARG A 781 13.19 -3.09 28.84
CA ARG A 781 14.54 -2.99 29.38
C ARG A 781 15.33 -4.29 29.18
N GLU A 782 14.66 -5.42 29.34
CA GLU A 782 15.28 -6.73 29.14
C GLU A 782 15.72 -6.97 27.70
N ASP A 783 14.99 -6.40 26.74
CA ASP A 783 15.27 -6.61 25.31
C ASP A 783 16.47 -5.80 24.81
N SER B 31 43.71 9.66 -4.57
CA SER B 31 42.51 9.94 -5.35
C SER B 31 41.20 9.71 -4.58
N LYS B 32 40.27 10.65 -4.72
CA LYS B 32 38.94 10.54 -4.11
C LYS B 32 37.90 10.47 -5.21
N ILE B 33 36.62 10.40 -4.82
CA ILE B 33 35.54 10.24 -5.78
C ILE B 33 34.46 11.30 -5.61
N LYS B 34 34.32 12.17 -6.61
CA LYS B 34 33.51 13.38 -6.49
C LYS B 34 31.98 13.18 -6.55
N GLY B 35 31.43 12.93 -7.73
CA GLY B 35 29.99 12.99 -7.92
C GLY B 35 29.21 11.67 -7.91
N ILE B 36 29.49 10.82 -6.91
CA ILE B 36 28.75 9.57 -6.75
C ILE B 36 28.13 9.53 -5.35
N PRO B 37 26.98 10.21 -5.18
CA PRO B 37 26.36 10.48 -3.88
C PRO B 37 26.07 9.21 -3.06
N LYS B 38 25.74 8.11 -3.73
CA LYS B 38 25.35 6.91 -3.03
C LYS B 38 26.53 6.06 -2.58
N LEU B 39 27.72 6.44 -3.03
CA LEU B 39 28.94 5.76 -2.59
C LEU B 39 29.34 6.12 -1.16
N ASP B 40 29.68 5.10 -0.38
CA ASP B 40 30.37 5.27 0.89
C ASP B 40 31.79 4.73 0.72
N ASP B 41 32.70 5.61 0.32
CA ASP B 41 34.08 5.23 0.01
C ASP B 41 34.78 4.77 1.29
N ALA B 42 35.64 3.76 1.16
CA ALA B 42 36.48 3.35 2.29
C ALA B 42 37.52 4.43 2.55
N ASN B 43 37.70 4.78 3.83
CA ASN B 43 38.70 5.79 4.20
C ASN B 43 40.04 5.60 3.48
N ASP B 44 40.54 4.37 3.41
CA ASP B 44 41.84 4.11 2.78
C ASP B 44 41.81 3.87 1.27
N ALA B 45 40.66 4.04 0.64
CA ALA B 45 40.54 3.70 -0.78
C ALA B 45 41.29 4.70 -1.63
N GLY B 46 42.07 4.21 -2.58
CA GLY B 46 42.81 5.07 -3.47
C GLY B 46 44.15 5.53 -2.91
N GLY B 47 44.45 5.11 -1.68
CA GLY B 47 45.71 5.42 -1.04
C GLY B 47 46.71 4.27 -1.06
N LYS B 48 47.62 4.27 -0.10
CA LYS B 48 48.66 3.23 -0.03
C LYS B 48 48.07 1.85 0.21
N HIS B 49 46.94 1.80 0.90
CA HIS B 49 46.30 0.53 1.22
C HIS B 49 45.15 0.17 0.27
N SER B 50 45.18 0.71 -0.95
CA SER B 50 44.13 0.41 -1.92
C SER B 50 43.79 -1.09 -1.96
N LEU B 51 44.76 -1.92 -2.31
CA LEU B 51 44.52 -3.35 -2.50
C LEU B 51 44.04 -4.10 -1.27
N GLU B 52 44.06 -3.46 -0.11
CA GLU B 52 43.54 -4.13 1.08
C GLU B 52 42.11 -3.68 1.35
N CYS B 53 41.62 -2.80 0.49
CA CYS B 53 40.28 -2.27 0.60
C CYS B 53 39.28 -3.12 -0.17
N THR B 54 38.07 -3.21 0.36
CA THR B 54 37.01 -3.96 -0.29
C THR B 54 35.85 -3.07 -0.65
N LEU B 55 35.38 -3.20 -1.88
CA LEU B 55 34.16 -2.53 -2.27
C LEU B 55 32.97 -3.50 -2.22
N ILE B 56 32.04 -3.22 -1.31
CA ILE B 56 30.82 -3.99 -1.15
C ILE B 56 29.73 -3.41 -2.04
N LEU B 57 29.36 -4.15 -3.09
CA LEU B 57 28.22 -3.80 -3.95
C LEU B 57 26.99 -4.51 -3.39
N THR B 58 25.91 -3.77 -3.14
CA THR B 58 24.73 -4.37 -2.51
C THR B 58 23.52 -4.38 -3.44
N GLU B 59 22.59 -5.29 -3.17
CA GLU B 59 21.32 -5.31 -3.88
C GLU B 59 20.38 -4.26 -3.31
N GLY B 60 20.46 -3.04 -3.82
CA GLY B 60 19.53 -1.99 -3.44
C GLY B 60 20.00 -1.15 -2.25
N ASP B 61 19.35 -0.02 -2.03
CA ASP B 61 19.77 0.96 -1.02
C ASP B 61 19.58 0.45 0.42
N SER B 62 18.50 -0.27 0.63
CA SER B 62 18.23 -0.86 1.93
C SER B 62 19.38 -1.79 2.37
N ALA B 63 19.86 -2.61 1.46
CA ALA B 63 20.98 -3.50 1.77
C ALA B 63 22.23 -2.68 2.11
N LYS B 64 22.40 -1.57 1.41
CA LYS B 64 23.53 -0.69 1.67
C LYS B 64 23.50 -0.21 3.12
N SER B 65 22.33 0.23 3.59
CA SER B 65 22.19 0.67 4.98
C SER B 65 22.61 -0.40 5.98
N LEU B 66 22.13 -1.62 5.78
CA LEU B 66 22.53 -2.73 6.63
C LEU B 66 24.04 -2.91 6.65
N ALA B 67 24.66 -2.81 5.48
CA ALA B 67 26.11 -2.93 5.35
C ALA B 67 26.81 -1.82 6.15
N VAL B 68 26.32 -0.59 5.98
CA VAL B 68 26.86 0.56 6.68
C VAL B 68 26.74 0.38 8.19
N SER B 69 25.62 -0.16 8.64
CA SER B 69 25.39 -0.38 10.06
C SER B 69 26.30 -1.46 10.64
N GLY B 70 26.43 -2.57 9.92
CA GLY B 70 27.27 -3.66 10.36
C GLY B 70 28.74 -3.29 10.38
N LEU B 71 29.12 -2.35 9.51
CA LEU B 71 30.52 -1.95 9.39
C LEU B 71 30.97 -1.10 10.58
N GLY B 72 30.06 -0.29 11.10
CA GLY B 72 30.39 0.61 12.19
C GLY B 72 31.37 1.68 11.73
N VAL B 73 31.99 2.37 12.68
CA VAL B 73 33.00 3.38 12.35
C VAL B 73 34.33 2.72 12.00
N ILE B 74 34.64 1.61 12.66
CA ILE B 74 35.92 0.93 12.44
C ILE B 74 36.03 0.33 11.03
N GLY B 75 34.95 -0.31 10.56
CA GLY B 75 34.94 -0.92 9.24
C GLY B 75 34.96 0.10 8.11
N ARG B 76 34.77 1.37 8.46
CA ARG B 76 34.76 2.45 7.48
C ARG B 76 36.11 2.65 6.79
N ASP B 77 37.18 2.09 7.38
CA ASP B 77 38.53 2.24 6.85
C ASP B 77 38.81 1.43 5.57
N ARG B 78 38.56 0.13 5.62
CA ARG B 78 38.89 -0.75 4.49
C ARG B 78 37.67 -1.24 3.70
N TYR B 79 36.48 -0.78 4.07
CA TYR B 79 35.28 -1.18 3.34
C TYR B 79 34.49 -0.01 2.79
N GLY B 80 34.31 -0.04 1.48
CA GLY B 80 33.40 0.88 0.82
C GLY B 80 32.08 0.19 0.52
N VAL B 81 31.01 0.96 0.42
CA VAL B 81 29.71 0.40 0.11
C VAL B 81 29.02 1.19 -1.00
N PHE B 82 28.52 0.48 -2.00
CA PHE B 82 27.80 1.11 -3.09
C PHE B 82 26.60 0.26 -3.52
N PRO B 83 25.40 0.86 -3.59
CA PRO B 83 24.21 0.09 -3.95
C PRO B 83 23.97 -0.03 -5.45
N LEU B 84 23.62 -1.23 -5.89
CA LEU B 84 23.15 -1.43 -7.26
C LEU B 84 21.64 -1.33 -7.24
N ARG B 85 21.06 -0.77 -8.29
CA ARG B 85 19.61 -0.71 -8.39
C ARG B 85 19.00 -2.12 -8.45
N GLY B 86 19.58 -2.97 -9.29
CA GLY B 86 19.00 -4.31 -9.51
C GLY B 86 19.80 -5.07 -10.56
N LYS B 87 19.14 -5.61 -11.55
CA LYS B 87 19.85 -6.29 -12.63
C LYS B 87 20.76 -5.26 -13.33
N ILE B 88 22.00 -5.63 -13.60
CA ILE B 88 22.91 -4.73 -14.29
C ILE B 88 23.09 -5.16 -15.74
N LEU B 89 23.56 -4.23 -16.56
CA LEU B 89 23.74 -4.45 -17.98
C LEU B 89 24.48 -5.75 -18.22
N ASN B 90 24.00 -6.58 -19.14
CA ASN B 90 24.82 -7.69 -19.64
C ASN B 90 25.77 -7.17 -20.71
N VAL B 91 27.01 -6.92 -20.33
CA VAL B 91 27.93 -6.21 -21.23
C VAL B 91 28.55 -7.07 -22.31
N ARG B 92 28.41 -8.39 -22.19
CA ARG B 92 29.14 -9.32 -23.07
C ARG B 92 28.94 -9.05 -24.57
N GLU B 93 27.72 -8.71 -24.95
CA GLU B 93 27.42 -8.43 -26.35
C GLU B 93 26.55 -7.18 -26.52
N ALA B 94 26.49 -6.36 -25.46
CA ALA B 94 25.79 -5.08 -25.54
C ALA B 94 26.51 -4.16 -26.53
N SER B 95 25.81 -3.18 -27.05
CA SER B 95 26.41 -2.23 -27.97
C SER B 95 27.39 -1.33 -27.22
N HIS B 96 28.31 -0.73 -27.95
CA HIS B 96 29.28 0.19 -27.39
C HIS B 96 28.57 1.38 -26.73
N LYS B 97 27.53 1.89 -27.38
CA LYS B 97 26.73 2.99 -26.85
C LYS B 97 26.07 2.66 -25.50
N GLN B 98 25.37 1.53 -25.45
CA GLN B 98 24.69 1.10 -24.22
C GLN B 98 25.71 0.97 -23.09
N ILE B 99 26.89 0.43 -23.38
CA ILE B 99 27.92 0.30 -22.35
C ILE B 99 28.43 1.66 -21.88
N MET B 100 28.83 2.51 -22.83
CA MET B 100 29.42 3.80 -22.50
C MET B 100 28.43 4.70 -21.76
N GLU B 101 27.13 4.46 -21.97
CA GLU B 101 26.11 5.32 -21.37
C GLU B 101 25.52 4.77 -20.08
N ASN B 102 25.93 3.58 -19.69
CA ASN B 102 25.37 2.96 -18.48
C ASN B 102 25.95 3.58 -17.21
N ALA B 103 25.14 4.34 -16.50
CA ALA B 103 25.63 5.10 -15.35
C ALA B 103 26.18 4.19 -14.24
N GLU B 104 25.52 3.06 -14.02
CA GLU B 104 25.92 2.19 -12.91
C GLU B 104 27.29 1.58 -13.18
N ILE B 105 27.47 1.08 -14.40
CA ILE B 105 28.72 0.46 -14.76
C ILE B 105 29.87 1.46 -14.75
N ASN B 106 29.60 2.67 -15.24
CA ASN B 106 30.61 3.73 -15.20
C ASN B 106 30.96 4.10 -13.78
N ASN B 107 29.96 4.09 -12.92
CA ASN B 107 30.18 4.35 -11.51
C ASN B 107 31.12 3.33 -10.89
N ILE B 108 30.87 2.05 -11.16
CA ILE B 108 31.70 1.00 -10.58
C ILE B 108 33.14 1.15 -11.05
N ILE B 109 33.30 1.41 -12.34
CA ILE B 109 34.61 1.65 -12.93
C ILE B 109 35.36 2.82 -12.24
N LYS B 110 34.68 3.94 -12.06
CA LYS B 110 35.26 5.09 -11.36
C LYS B 110 35.65 4.75 -9.92
N ILE B 111 34.76 4.08 -9.20
CA ILE B 111 34.99 3.79 -7.79
C ILE B 111 36.21 2.90 -7.59
N VAL B 112 36.35 1.90 -8.45
CA VAL B 112 37.40 0.91 -8.33
C VAL B 112 38.68 1.36 -9.04
N GLY B 113 38.53 2.24 -10.03
CA GLY B 113 39.68 2.75 -10.75
C GLY B 113 40.04 1.91 -11.97
N LEU B 114 39.11 1.05 -12.39
CA LEU B 114 39.31 0.21 -13.56
C LEU B 114 39.50 1.00 -14.86
N GLN B 115 40.21 0.39 -15.81
CA GLN B 115 40.31 0.93 -17.16
C GLN B 115 40.06 -0.16 -18.17
N TYR B 116 39.17 0.11 -19.10
CA TYR B 116 38.97 -0.78 -20.22
C TYR B 116 40.29 -1.07 -20.89
N LYS B 117 40.42 -2.30 -21.38
CA LYS B 117 41.57 -2.73 -22.18
C LYS B 117 42.86 -3.00 -21.41
N LYS B 118 42.85 -2.77 -20.10
CA LYS B 118 44.04 -2.99 -19.30
C LYS B 118 44.14 -4.40 -18.76
N SER B 119 45.35 -4.96 -18.80
CA SER B 119 45.59 -6.28 -18.24
C SER B 119 46.13 -6.15 -16.84
N TYR B 120 45.50 -6.83 -15.89
CA TYR B 120 45.96 -6.80 -14.50
C TYR B 120 46.69 -8.09 -14.13
N ASP B 121 47.70 -8.43 -14.91
CA ASP B 121 48.53 -9.60 -14.65
C ASP B 121 49.57 -9.37 -13.55
N ASP B 122 50.38 -8.31 -13.68
CA ASP B 122 51.43 -7.97 -12.71
C ASP B 122 50.87 -7.66 -11.32
N ALA B 123 51.77 -7.38 -10.39
CA ALA B 123 51.41 -6.70 -9.16
C ALA B 123 51.59 -5.21 -9.43
N GLU B 124 52.42 -4.92 -10.43
CA GLU B 124 52.64 -3.54 -10.86
CA GLU B 124 52.65 -3.54 -10.87
C GLU B 124 51.35 -2.95 -11.42
N SER B 125 50.73 -3.66 -12.35
CA SER B 125 49.47 -3.22 -12.96
C SER B 125 48.37 -2.96 -11.93
N LEU B 126 48.41 -3.67 -10.81
CA LEU B 126 47.39 -3.53 -9.77
C LEU B 126 47.47 -2.22 -8.99
N LYS B 127 48.57 -1.49 -9.17
CA LYS B 127 48.82 -0.28 -8.38
C LYS B 127 47.89 0.86 -8.76
N THR B 128 47.12 0.66 -9.82
CA THR B 128 46.28 1.71 -10.34
C THR B 128 44.80 1.57 -9.93
N LEU B 129 44.52 0.66 -9.00
CA LEU B 129 43.16 0.42 -8.51
C LEU B 129 42.96 1.00 -7.11
N ARG B 130 41.76 1.51 -6.84
CA ARG B 130 41.45 2.09 -5.53
C ARG B 130 40.96 1.06 -4.53
N TYR B 131 40.57 -0.11 -5.04
CA TYR B 131 40.13 -1.22 -4.21
C TYR B 131 40.78 -2.49 -4.74
N GLY B 132 41.04 -3.44 -3.85
CA GLY B 132 41.70 -4.68 -4.24
C GLY B 132 40.72 -5.79 -4.52
N LYS B 133 39.48 -5.61 -4.07
CA LYS B 133 38.46 -6.61 -4.33
C LYS B 133 37.06 -6.01 -4.26
N ILE B 134 36.12 -6.72 -4.89
CA ILE B 134 34.71 -6.38 -4.80
C ILE B 134 33.97 -7.51 -4.09
N MET B 135 33.16 -7.16 -3.10
CA MET B 135 32.37 -8.15 -2.38
C MET B 135 30.89 -7.93 -2.70
N ILE B 136 30.26 -8.91 -3.33
CA ILE B 136 28.84 -8.78 -3.68
CA ILE B 136 28.85 -8.81 -3.69
C ILE B 136 27.95 -9.20 -2.53
N MET B 137 27.03 -8.33 -2.15
CA MET B 137 26.10 -8.62 -1.07
C MET B 137 24.66 -8.47 -1.56
N THR B 138 24.06 -9.59 -1.97
CA THR B 138 22.67 -9.66 -2.42
C THR B 138 21.86 -10.52 -1.45
N ASP B 139 20.54 -10.46 -1.56
CA ASP B 139 19.66 -11.48 -0.99
C ASP B 139 20.16 -12.87 -1.37
N GLN B 140 19.89 -13.85 -0.51
CA GLN B 140 20.24 -15.23 -0.85
C GLN B 140 19.06 -15.90 -1.54
N ASP B 141 18.56 -15.24 -2.58
CA ASP B 141 17.49 -15.77 -3.40
C ASP B 141 17.96 -15.80 -4.84
N GLN B 142 17.10 -16.31 -5.73
CA GLN B 142 17.48 -16.52 -7.12
C GLN B 142 17.82 -15.21 -7.84
N ASP B 143 17.10 -14.14 -7.55
CA ASP B 143 17.43 -12.90 -8.22
C ASP B 143 18.77 -12.38 -7.71
N GLY B 144 19.03 -12.56 -6.42
CA GLY B 144 20.33 -12.25 -5.88
C GLY B 144 21.42 -12.91 -6.70
N SER B 145 21.24 -14.20 -7.00
CA SER B 145 22.24 -14.99 -7.72
C SER B 145 22.43 -14.45 -9.12
N HIS B 146 21.34 -13.95 -9.70
CA HIS B 146 21.43 -13.45 -11.04
C HIS B 146 22.31 -12.21 -11.05
N ILE B 147 22.14 -11.36 -10.03
CA ILE B 147 22.96 -10.16 -9.94
C ILE B 147 24.43 -10.54 -9.73
N LYS B 148 24.71 -11.56 -8.92
CA LYS B 148 26.09 -11.99 -8.74
C LYS B 148 26.67 -12.41 -10.08
N GLY B 149 25.91 -13.18 -10.85
CA GLY B 149 26.34 -13.66 -12.15
C GLY B 149 26.59 -12.54 -13.14
N LEU B 150 25.69 -11.56 -13.15
CA LEU B 150 25.89 -10.41 -14.02
C LEU B 150 27.18 -9.64 -13.64
N LEU B 151 27.44 -9.48 -12.34
CA LEU B 151 28.69 -8.85 -11.91
CA LEU B 151 28.69 -8.85 -11.91
C LEU B 151 29.90 -9.66 -12.33
N ILE B 152 29.84 -10.97 -12.13
CA ILE B 152 30.90 -11.86 -12.54
C ILE B 152 31.11 -11.72 -14.04
N ASN B 153 30.00 -11.66 -14.78
CA ASN B 153 30.04 -11.55 -16.24
C ASN B 153 30.76 -10.26 -16.70
N PHE B 154 30.47 -9.17 -16.01
CA PHE B 154 31.08 -7.87 -16.27
C PHE B 154 32.61 -7.92 -16.09
N ILE B 155 33.06 -8.46 -14.97
CA ILE B 155 34.50 -8.58 -14.74
C ILE B 155 35.16 -9.58 -15.68
N HIS B 156 34.52 -10.73 -15.88
CA HIS B 156 35.10 -11.74 -16.76
C HIS B 156 35.26 -11.24 -18.20
N HIS B 157 34.26 -10.53 -18.70
CA HIS B 157 34.28 -10.06 -20.07
C HIS B 157 35.36 -9.03 -20.36
N ASN B 158 35.53 -8.08 -19.42
CA ASN B 158 36.43 -6.93 -19.58
C ASN B 158 37.82 -7.16 -18.99
N TRP B 159 37.89 -7.90 -17.88
CA TRP B 159 39.14 -8.07 -17.16
C TRP B 159 39.31 -9.49 -16.63
N PRO B 160 39.42 -10.47 -17.52
CA PRO B 160 39.58 -11.85 -17.05
C PRO B 160 40.81 -11.99 -16.15
N SER B 161 41.85 -11.23 -16.46
CA SER B 161 43.06 -11.25 -15.66
C SER B 161 42.76 -11.03 -14.18
N LEU B 162 41.81 -10.17 -13.88
CA LEU B 162 41.45 -9.89 -12.50
C LEU B 162 40.94 -11.12 -11.78
N LEU B 163 40.14 -11.92 -12.47
CA LEU B 163 39.56 -13.11 -11.86
C LEU B 163 40.62 -14.07 -11.34
N LYS B 164 41.83 -13.99 -11.91
CA LYS B 164 42.92 -14.88 -11.51
C LYS B 164 43.60 -14.41 -10.23
N HIS B 165 43.29 -13.21 -9.76
CA HIS B 165 43.84 -12.71 -8.51
C HIS B 165 42.84 -12.79 -7.38
N GLY B 166 41.73 -13.50 -7.59
CA GLY B 166 40.71 -13.58 -6.56
C GLY B 166 40.12 -12.21 -6.25
N PHE B 167 39.61 -11.54 -7.29
CA PHE B 167 39.14 -10.17 -7.18
C PHE B 167 37.69 -10.10 -6.67
N LEU B 168 36.91 -11.14 -6.96
CA LEU B 168 35.50 -11.20 -6.58
C LEU B 168 35.23 -12.07 -5.37
N GLU B 169 34.37 -11.59 -4.48
CA GLU B 169 33.96 -12.28 -3.26
C GLU B 169 32.49 -12.03 -3.07
N GLU B 170 31.87 -12.78 -2.17
CA GLU B 170 30.49 -12.51 -1.78
C GLU B 170 30.29 -12.64 -0.28
N PHE B 171 29.26 -11.98 0.21
CA PHE B 171 28.88 -11.99 1.62
C PHE B 171 27.48 -12.56 1.71
N ILE B 172 27.36 -13.75 2.31
CA ILE B 172 26.07 -14.43 2.38
C ILE B 172 25.36 -14.15 3.70
N THR B 173 24.03 -14.09 3.62
CA THR B 173 23.19 -13.86 4.78
C THR B 173 22.15 -14.98 4.88
N PRO B 174 21.46 -15.09 6.04
CA PRO B 174 20.43 -16.10 6.28
C PRO B 174 19.41 -16.27 5.15
N ALA B 219 19.77 -5.22 11.51
CA ALA B 219 20.19 -4.17 12.45
C ALA B 219 21.18 -4.70 13.48
N LYS B 220 20.68 -5.45 14.46
CA LYS B 220 21.55 -6.18 15.39
C LYS B 220 22.21 -7.33 14.62
N GLU B 221 21.38 -8.10 13.93
CA GLU B 221 21.83 -9.22 13.11
C GLU B 221 22.91 -8.75 12.14
N ALA B 222 22.76 -7.54 11.61
CA ALA B 222 23.73 -6.96 10.69
C ALA B 222 25.10 -6.83 11.34
N LYS B 223 25.13 -6.22 12.54
CA LYS B 223 26.37 -6.00 13.28
C LYS B 223 27.01 -7.31 13.71
N GLU B 224 26.17 -8.33 13.88
CA GLU B 224 26.64 -9.67 14.21
C GLU B 224 27.22 -10.38 12.99
N TYR B 225 26.56 -10.24 11.84
CA TYR B 225 27.04 -10.83 10.59
C TYR B 225 28.44 -10.34 10.29
N PHE B 226 28.65 -9.04 10.44
CA PHE B 226 29.95 -8.42 10.15
C PHE B 226 30.98 -8.70 11.23
N ALA B 227 30.54 -8.83 12.47
CA ALA B 227 31.44 -9.26 13.54
C ALA B 227 32.04 -10.62 13.17
N ASP B 228 31.18 -11.50 12.67
CA ASP B 228 31.56 -12.84 12.24
C ASP B 228 31.83 -12.79 10.73
N MET B 229 32.28 -11.62 10.27
CA MET B 229 32.47 -11.34 8.84
C MET B 229 33.03 -12.52 8.04
N GLU B 230 34.00 -13.21 8.62
CA GLU B 230 34.73 -14.22 7.88
C GLU B 230 33.89 -15.46 7.59
N ARG B 231 32.97 -15.78 8.48
CA ARG B 231 32.14 -16.97 8.31
C ARG B 231 31.08 -16.77 7.22
N HIS B 232 30.76 -15.51 6.94
CA HIS B 232 29.81 -15.15 5.89
C HIS B 232 30.49 -14.82 4.57
N ARG B 233 31.81 -14.94 4.54
CA ARG B 233 32.59 -14.51 3.38
C ARG B 233 33.03 -15.69 2.52
N ILE B 234 32.61 -15.68 1.26
CA ILE B 234 32.99 -16.73 0.32
C ILE B 234 33.79 -16.10 -0.79
N LEU B 235 34.84 -16.78 -1.23
CA LEU B 235 35.67 -16.30 -2.32
C LEU B 235 35.42 -17.03 -3.61
N PHE B 236 35.15 -16.28 -4.67
CA PHE B 236 35.04 -16.90 -5.99
C PHE B 236 36.43 -17.28 -6.46
N ARG B 237 36.50 -18.43 -7.12
CA ARG B 237 37.76 -18.99 -7.53
C ARG B 237 37.74 -19.36 -9.01
N TYR B 238 38.77 -18.94 -9.72
CA TYR B 238 38.95 -19.37 -11.10
C TYR B 238 39.85 -20.59 -11.13
N ALA B 239 39.36 -21.67 -11.71
CA ALA B 239 40.11 -22.92 -11.69
C ALA B 239 40.62 -23.33 -13.06
N GLY B 240 40.02 -22.78 -14.11
CA GLY B 240 40.39 -23.15 -15.47
C GLY B 240 39.28 -22.86 -16.46
N PRO B 241 39.46 -23.31 -17.71
CA PRO B 241 38.58 -22.96 -18.84
C PRO B 241 37.13 -23.45 -18.68
N GLU B 242 36.89 -24.38 -17.76
CA GLU B 242 35.52 -24.75 -17.46
C GLU B 242 34.76 -23.54 -16.88
N ASP B 243 35.45 -22.72 -16.10
CA ASP B 243 34.88 -21.48 -15.58
C ASP B 243 34.50 -20.50 -16.70
N ASP B 244 35.38 -20.35 -17.68
CA ASP B 244 35.09 -19.51 -18.82
C ASP B 244 33.86 -20.01 -19.56
N ALA B 245 33.81 -21.32 -19.79
CA ALA B 245 32.70 -21.93 -20.52
C ALA B 245 31.38 -21.76 -19.78
N ALA B 246 31.41 -21.89 -18.46
CA ALA B 246 30.20 -21.77 -17.66
C ALA B 246 29.63 -20.34 -17.69
N ILE B 247 30.51 -19.34 -17.58
CA ILE B 247 30.08 -17.93 -17.58
C ILE B 247 29.53 -17.55 -18.94
N THR B 248 30.25 -17.94 -19.98
CA THR B 248 29.80 -17.76 -21.35
C THR B 248 28.47 -18.46 -21.62
N LEU B 249 28.31 -19.65 -21.06
CA LEU B 249 27.10 -20.40 -21.27
C LEU B 249 25.91 -19.64 -20.68
N ALA B 250 26.13 -19.04 -19.51
CA ALA B 250 25.06 -18.35 -18.84
C ALA B 250 24.72 -17.00 -19.49
N PHE B 251 25.72 -16.32 -20.05
CA PHE B 251 25.56 -14.92 -20.43
C PHE B 251 25.77 -14.52 -21.88
N SER B 252 26.17 -15.47 -22.73
CA SER B 252 26.37 -15.14 -24.14
C SER B 252 25.10 -15.28 -24.95
N LYS B 253 24.79 -14.25 -25.73
CA LYS B 253 23.67 -14.24 -26.68
C LYS B 253 23.81 -15.35 -27.71
N LYS B 254 25.02 -15.88 -27.86
CA LYS B 254 25.25 -16.92 -28.86
C LYS B 254 24.99 -18.31 -28.31
N LYS B 255 24.68 -18.40 -27.02
CA LYS B 255 24.57 -19.70 -26.36
C LYS B 255 23.13 -20.07 -25.95
N ILE B 256 22.14 -19.55 -26.66
CA ILE B 256 20.74 -19.84 -26.34
C ILE B 256 20.46 -21.33 -26.40
N ASP B 257 20.89 -21.98 -27.49
CA ASP B 257 20.68 -23.42 -27.64
C ASP B 257 21.30 -24.17 -26.47
N ASP B 258 22.55 -23.83 -26.16
CA ASP B 258 23.23 -24.45 -25.04
C ASP B 258 22.44 -24.29 -23.75
N ARG B 259 21.87 -23.12 -23.54
CA ARG B 259 21.03 -22.88 -22.36
C ARG B 259 19.78 -23.79 -22.32
N LYS B 260 19.16 -24.01 -23.48
CA LYS B 260 18.02 -24.92 -23.53
C LYS B 260 18.43 -26.32 -23.08
N GLU B 261 19.56 -26.78 -23.60
CA GLU B 261 20.09 -28.09 -23.23
C GLU B 261 20.48 -28.13 -21.75
N TRP B 262 21.25 -27.14 -21.34
CA TRP B 262 21.65 -26.95 -19.95
C TRP B 262 20.45 -27.09 -19.01
N LEU B 263 19.36 -26.40 -19.33
CA LEU B 263 18.18 -26.45 -18.45
C LEU B 263 17.29 -27.67 -18.67
N THR B 264 17.37 -28.27 -19.86
CA THR B 264 16.60 -29.48 -20.13
C THR B 264 17.12 -30.59 -19.25
N ASN B 265 18.44 -30.74 -19.21
CA ASN B 265 19.06 -31.70 -18.32
C ASN B 265 18.72 -31.40 -16.86
N PHE B 266 18.73 -30.13 -16.49
CA PHE B 266 18.46 -29.77 -15.09
C PHE B 266 17.06 -30.19 -14.69
N MET B 267 16.08 -29.89 -15.54
CA MET B 267 14.70 -30.21 -15.21
C MET B 267 14.48 -31.73 -15.13
N GLU B 268 15.03 -32.45 -16.09
CA GLU B 268 14.90 -33.89 -16.11
C GLU B 268 15.62 -34.48 -14.91
N ASP B 269 16.83 -34.02 -14.68
CA ASP B 269 17.60 -34.50 -13.55
C ASP B 269 16.84 -34.27 -12.24
N ARG B 270 16.20 -33.11 -12.12
CA ARG B 270 15.43 -32.80 -10.94
CA ARG B 270 15.43 -32.78 -10.94
C ARG B 270 14.17 -33.66 -10.87
N ARG B 271 13.55 -33.87 -12.02
CA ARG B 271 12.37 -34.72 -12.11
CA ARG B 271 12.36 -34.73 -12.11
C ARG B 271 12.67 -36.12 -11.58
N GLN B 272 13.84 -36.64 -11.96
CA GLN B 272 14.28 -37.95 -11.48
C GLN B 272 14.40 -37.94 -9.97
N ARG B 273 15.27 -37.10 -9.45
CA ARG B 273 15.48 -37.00 -8.01
C ARG B 273 14.15 -36.99 -7.24
N ARG B 274 13.12 -36.38 -7.84
CA ARG B 274 11.83 -36.21 -7.16
C ARG B 274 10.97 -37.47 -7.20
N LEU B 275 11.43 -38.47 -7.95
CA LEU B 275 10.81 -39.80 -7.90
C LEU B 275 11.45 -40.61 -6.78
N HIS B 276 12.34 -39.96 -6.03
CA HIS B 276 13.06 -40.60 -4.94
C HIS B 276 13.38 -39.54 -3.87
N GLY B 277 14.68 -39.22 -3.72
CA GLY B 277 15.11 -38.24 -2.75
C GLY B 277 16.32 -37.43 -3.21
N THR B 288 33.64 -25.30 2.22
CA THR B 288 34.02 -24.60 0.99
C THR B 288 34.02 -23.09 1.16
N LYS B 289 35.20 -22.55 1.46
CA LYS B 289 35.40 -21.11 1.56
C LYS B 289 35.52 -20.55 0.16
N HIS B 290 35.84 -21.42 -0.79
CA HIS B 290 36.17 -21.04 -2.15
C HIS B 290 35.27 -21.73 -3.17
N LEU B 291 34.46 -20.92 -3.85
CA LEU B 291 33.47 -21.44 -4.80
C LEU B 291 33.95 -21.12 -6.19
N THR B 292 34.12 -22.13 -7.03
CA THR B 292 34.54 -21.90 -8.41
C THR B 292 33.41 -21.32 -9.26
N TYR B 293 33.77 -20.60 -10.31
CA TYR B 293 32.76 -19.98 -11.15
C TYR B 293 31.90 -21.05 -11.75
N ASN B 294 32.53 -22.14 -12.19
CA ASN B 294 31.83 -23.27 -12.76
C ASN B 294 30.75 -23.82 -11.81
N ASP B 295 31.09 -24.01 -10.54
CA ASP B 295 30.09 -24.46 -9.56
C ASP B 295 29.02 -23.41 -9.25
N PHE B 296 29.41 -22.13 -9.23
CA PHE B 296 28.43 -21.08 -9.02
C PHE B 296 27.39 -21.12 -10.13
N ILE B 297 27.86 -21.21 -11.38
CA ILE B 297 26.99 -21.21 -12.52
C ILE B 297 26.06 -22.42 -12.53
N ASN B 298 26.64 -23.61 -12.43
CA ASN B 298 25.92 -24.87 -12.58
C ASN B 298 25.13 -25.34 -11.36
N LYS B 299 25.36 -24.74 -10.21
CA LYS B 299 24.66 -25.16 -9.00
C LYS B 299 23.84 -24.05 -8.36
N GLU B 300 24.22 -22.79 -8.59
CA GLU B 300 23.48 -21.66 -8.02
C GLU B 300 22.72 -20.82 -9.03
N LEU B 301 23.40 -20.41 -10.09
CA LEU B 301 22.76 -19.55 -11.10
C LEU B 301 21.65 -20.29 -11.81
N ILE B 302 21.88 -21.57 -12.08
CA ILE B 302 20.92 -22.36 -12.82
C ILE B 302 19.59 -22.36 -12.08
N LEU B 303 19.65 -22.16 -10.77
CA LEU B 303 18.42 -22.14 -9.98
C LEU B 303 17.63 -20.89 -10.34
N PHE B 304 18.33 -19.78 -10.56
CA PHE B 304 17.62 -18.59 -11.04
C PHE B 304 17.04 -18.82 -12.44
N SER B 305 17.86 -19.37 -13.32
CA SER B 305 17.43 -19.60 -14.70
C SER B 305 16.16 -20.46 -14.73
N ASN B 306 16.11 -21.48 -13.89
CA ASN B 306 14.92 -22.31 -13.84
C ASN B 306 13.71 -21.57 -13.28
N SER B 307 13.87 -20.90 -12.14
CA SER B 307 12.80 -20.09 -11.54
C SER B 307 12.29 -18.99 -12.47
N ASP B 308 13.17 -18.46 -13.31
CA ASP B 308 12.84 -17.45 -14.28
C ASP B 308 11.80 -18.04 -15.25
N ASN B 309 12.07 -19.24 -15.75
CA ASN B 309 11.11 -19.95 -16.60
C ASN B 309 9.80 -20.23 -15.88
N GLU B 310 9.91 -20.71 -14.65
CA GLU B 310 8.74 -21.04 -13.83
C GLU B 310 7.86 -19.84 -13.51
N ARG B 311 8.44 -18.64 -13.51
CA ARG B 311 7.63 -17.47 -13.25
C ARG B 311 7.24 -16.73 -14.52
N SER B 312 7.94 -17.02 -15.63
CA SER B 312 7.78 -16.20 -16.85
C SER B 312 7.01 -16.89 -17.97
N ILE B 313 6.93 -18.22 -17.91
CA ILE B 313 6.32 -19.01 -18.96
C ILE B 313 4.99 -19.61 -18.49
N PRO B 314 3.91 -19.27 -19.17
CA PRO B 314 2.55 -19.60 -18.70
C PRO B 314 2.26 -21.10 -18.63
N SER B 315 1.26 -21.48 -17.85
CA SER B 315 0.71 -22.83 -17.89
C SER B 315 -0.27 -22.99 -19.06
N LEU B 316 -0.18 -24.11 -19.75
CA LEU B 316 -1.14 -24.41 -20.81
C LEU B 316 -2.55 -24.49 -20.23
N VAL B 317 -2.65 -25.00 -19.00
CA VAL B 317 -3.94 -25.32 -18.41
C VAL B 317 -4.82 -24.10 -18.15
N ASP B 318 -4.30 -23.09 -17.48
CA ASP B 318 -5.10 -21.90 -17.19
C ASP B 318 -4.60 -20.64 -17.83
N GLY B 319 -3.48 -20.75 -18.56
CA GLY B 319 -2.91 -19.60 -19.24
C GLY B 319 -2.21 -18.62 -18.30
N PHE B 320 -2.08 -18.99 -17.02
CA PHE B 320 -1.46 -18.09 -16.04
C PHE B 320 0.02 -18.41 -15.76
N LYS B 321 0.77 -17.38 -15.37
CA LYS B 321 1.99 -17.58 -14.59
C LYS B 321 1.63 -17.50 -13.09
N PRO B 322 2.50 -18.03 -12.20
CA PRO B 322 2.22 -18.06 -10.75
C PRO B 322 1.81 -16.72 -10.13
N GLY B 323 2.47 -15.62 -10.49
CA GLY B 323 2.11 -14.33 -9.96
C GLY B 323 0.65 -13.97 -10.24
N GLN B 324 0.29 -14.05 -11.52
CA GLN B 324 -1.09 -13.81 -11.96
C GLN B 324 -2.05 -14.73 -11.23
N ARG B 325 -1.63 -15.98 -11.03
CA ARG B 325 -2.50 -16.96 -10.40
C ARG B 325 -2.76 -16.58 -8.94
N LYS B 326 -1.72 -16.13 -8.25
CA LYS B 326 -1.85 -15.62 -6.88
C LYS B 326 -2.81 -14.45 -6.84
N VAL B 327 -2.73 -13.56 -7.83
CA VAL B 327 -3.67 -12.47 -7.91
C VAL B 327 -5.12 -12.98 -7.97
N LEU B 328 -5.38 -13.96 -8.83
CA LEU B 328 -6.76 -14.45 -9.02
C LEU B 328 -7.22 -15.21 -7.79
N PHE B 329 -6.35 -16.06 -7.26
CA PHE B 329 -6.66 -16.79 -6.04
C PHE B 329 -7.08 -15.80 -4.96
N THR B 330 -6.34 -14.71 -4.82
CA THR B 330 -6.62 -13.71 -3.80
C THR B 330 -7.97 -13.02 -4.06
N CYS B 331 -8.22 -12.63 -5.30
CA CYS B 331 -9.51 -12.03 -5.63
C CYS B 331 -10.67 -12.95 -5.32
N PHE B 332 -10.51 -14.23 -5.65
CA PHE B 332 -11.56 -15.21 -5.40
C PHE B 332 -11.80 -15.31 -3.91
N LYS B 333 -10.73 -15.46 -3.15
CA LYS B 333 -10.81 -15.58 -1.70
C LYS B 333 -11.48 -14.35 -1.07
N ARG B 334 -11.03 -13.15 -1.47
CA ARG B 334 -11.61 -11.91 -0.99
C ARG B 334 -13.05 -11.73 -1.41
N ASN B 335 -13.36 -12.14 -2.64
CA ASN B 335 -14.71 -12.02 -3.18
C ASN B 335 -15.33 -10.65 -2.96
N ASP B 336 -14.63 -9.61 -3.38
CA ASP B 336 -15.12 -8.24 -3.21
C ASP B 336 -16.35 -7.97 -4.05
N LYS B 337 -17.29 -7.25 -3.46
CA LYS B 337 -18.52 -6.91 -4.15
C LYS B 337 -18.46 -5.48 -4.67
N ARG B 338 -17.46 -4.74 -4.21
CA ARG B 338 -17.24 -3.37 -4.68
C ARG B 338 -15.76 -3.13 -4.99
N GLU B 339 -15.47 -2.06 -5.71
CA GLU B 339 -14.10 -1.80 -6.17
C GLU B 339 -13.08 -1.69 -5.03
N VAL B 340 -11.83 -2.00 -5.37
CA VAL B 340 -10.77 -2.01 -4.38
CA VAL B 340 -10.76 -2.06 -4.39
C VAL B 340 -9.51 -1.43 -4.99
N LYS B 341 -8.84 -0.58 -4.23
CA LYS B 341 -7.64 0.09 -4.72
C LYS B 341 -6.60 -0.94 -5.14
N VAL B 342 -5.98 -0.75 -6.29
CA VAL B 342 -5.01 -1.74 -6.73
C VAL B 342 -3.91 -2.00 -5.68
N ALA B 343 -3.39 -0.96 -5.07
CA ALA B 343 -2.33 -1.10 -4.06
C ALA B 343 -2.77 -1.95 -2.87
N GLN B 344 -4.02 -1.80 -2.43
CA GLN B 344 -4.49 -2.60 -1.32
CA GLN B 344 -4.56 -2.58 -1.33
C GLN B 344 -4.73 -4.04 -1.75
N LEU B 345 -5.19 -4.25 -2.99
CA LEU B 345 -5.34 -5.61 -3.49
C LEU B 345 -3.97 -6.27 -3.46
N ALA B 346 -2.95 -5.54 -3.91
CA ALA B 346 -1.60 -6.07 -3.99
C ALA B 346 -1.13 -6.48 -2.61
N GLY B 347 -1.33 -5.59 -1.64
CA GLY B 347 -0.97 -5.88 -0.27
C GLY B 347 -1.69 -7.14 0.18
N SER B 348 -2.95 -7.22 -0.18
CA SER B 348 -3.76 -8.38 0.17
C SER B 348 -3.21 -9.64 -0.52
N VAL B 349 -2.78 -9.51 -1.78
CA VAL B 349 -2.18 -10.63 -2.48
C VAL B 349 -0.92 -11.13 -1.77
N ALA B 350 -0.04 -10.19 -1.39
CA ALA B 350 1.20 -10.57 -0.71
C ALA B 350 0.90 -11.34 0.58
N GLU B 351 -0.07 -10.85 1.32
CA GLU B 351 -0.50 -11.45 2.57
C GLU B 351 -1.14 -12.82 2.36
N MET B 352 -2.16 -12.89 1.50
CA MET B 352 -2.95 -14.10 1.32
C MET B 352 -2.30 -15.22 0.51
N SER B 353 -1.40 -14.89 -0.42
CA SER B 353 -0.90 -15.93 -1.31
C SER B 353 0.60 -16.15 -1.28
N ALA B 354 1.28 -15.58 -0.28
CA ALA B 354 2.72 -15.75 -0.13
C ALA B 354 3.50 -15.32 -1.38
N TYR B 355 3.14 -14.15 -1.91
CA TYR B 355 3.90 -13.54 -3.00
C TYR B 355 5.12 -12.85 -2.39
N HIS B 356 6.32 -13.24 -2.83
CA HIS B 356 7.55 -12.81 -2.16
C HIS B 356 8.36 -11.79 -2.95
N HIS B 357 7.71 -11.01 -3.80
CA HIS B 357 8.44 -10.10 -4.66
C HIS B 357 8.08 -8.64 -4.42
N GLY B 358 8.78 -7.74 -5.10
CA GLY B 358 8.57 -6.32 -4.92
C GLY B 358 7.16 -5.95 -5.33
N GLU B 359 6.60 -4.93 -4.71
CA GLU B 359 5.23 -4.59 -5.06
C GLU B 359 5.07 -3.85 -6.41
N GLN B 360 6.12 -3.21 -6.92
CA GLN B 360 6.04 -2.69 -8.28
C GLN B 360 5.59 -3.78 -9.28
N ALA B 361 6.31 -4.89 -9.30
CA ALA B 361 5.99 -6.02 -10.17
C ALA B 361 4.54 -6.49 -10.01
N LEU B 362 4.07 -6.61 -8.77
CA LEU B 362 2.72 -7.12 -8.51
C LEU B 362 1.65 -6.14 -8.99
N MET B 363 1.87 -4.86 -8.78
CA MET B 363 0.92 -3.87 -9.23
C MET B 363 0.86 -3.78 -10.75
N MET B 364 2.01 -3.91 -11.40
CA MET B 364 2.04 -4.00 -12.86
C MET B 364 1.29 -5.27 -13.33
N THR B 365 1.51 -6.39 -12.65
CA THR B 365 0.81 -7.62 -13.00
C THR B 365 -0.68 -7.37 -12.96
N ILE B 366 -1.15 -6.74 -11.88
CA ILE B 366 -2.57 -6.46 -11.68
C ILE B 366 -3.12 -5.52 -12.75
N VAL B 367 -2.40 -4.44 -13.03
CA VAL B 367 -2.81 -3.55 -14.09
C VAL B 367 -2.94 -4.32 -15.42
N ASN B 368 -1.96 -5.16 -15.73
CA ASN B 368 -1.94 -5.92 -16.98
C ASN B 368 -3.17 -6.82 -17.10
N LEU B 369 -3.56 -7.46 -15.99
CA LEU B 369 -4.73 -8.33 -15.96
C LEU B 369 -6.04 -7.60 -16.20
N ALA B 370 -6.03 -6.29 -16.02
CA ALA B 370 -7.26 -5.54 -16.04
C ALA B 370 -7.46 -4.84 -17.38
N GLN B 371 -6.39 -4.75 -18.17
CA GLN B 371 -6.43 -3.91 -19.36
C GLN B 371 -7.39 -4.44 -20.42
N ASN B 372 -7.99 -3.53 -21.17
CA ASN B 372 -9.03 -3.93 -22.10
C ASN B 372 -9.09 -3.07 -23.36
N PHE B 373 -8.00 -2.39 -23.66
CA PHE B 373 -7.91 -1.66 -24.90
C PHE B 373 -7.56 -2.64 -26.03
N VAL B 374 -7.68 -2.18 -27.26
CA VAL B 374 -7.49 -3.05 -28.41
C VAL B 374 -6.04 -3.51 -28.42
N GLY B 375 -5.83 -4.82 -28.49
CA GLY B 375 -4.49 -5.37 -28.49
C GLY B 375 -4.07 -5.87 -27.12
N SER B 376 -4.92 -5.73 -26.10
CA SER B 376 -4.57 -6.29 -24.79
C SER B 376 -5.29 -7.61 -24.50
N ASN B 377 -6.22 -7.60 -23.54
CA ASN B 377 -6.95 -8.83 -23.22
C ASN B 377 -8.24 -8.93 -24.02
N ASN B 378 -8.53 -10.11 -24.56
CA ASN B 378 -9.85 -10.38 -25.14
C ASN B 378 -10.91 -10.47 -24.03
N ILE B 379 -10.52 -11.10 -22.92
CA ILE B 379 -11.34 -11.11 -21.71
C ILE B 379 -10.51 -10.72 -20.49
N ASN B 380 -10.65 -9.47 -20.06
CA ASN B 380 -9.99 -9.07 -18.83
C ASN B 380 -10.72 -9.65 -17.62
N LEU B 381 -10.00 -10.44 -16.82
CA LEU B 381 -10.57 -11.08 -15.65
C LEU B 381 -10.82 -10.12 -14.46
N LEU B 382 -10.09 -9.01 -14.46
CA LEU B 382 -10.24 -7.94 -13.46
C LEU B 382 -10.73 -6.68 -14.17
N GLN B 383 -11.51 -5.85 -13.49
CA GLN B 383 -12.08 -4.64 -14.13
C GLN B 383 -11.19 -3.42 -13.98
N PRO B 384 -10.94 -2.73 -15.09
CA PRO B 384 -10.16 -1.50 -15.05
C PRO B 384 -11.06 -0.35 -14.61
N ILE B 385 -11.13 -0.13 -13.30
CA ILE B 385 -11.90 0.99 -12.76
C ILE B 385 -11.01 2.20 -12.52
N GLY B 386 -10.91 3.04 -13.55
CA GLY B 386 -9.95 4.13 -13.56
C GLY B 386 -9.14 4.08 -14.84
N GLN B 387 -8.05 4.85 -14.86
CA GLN B 387 -7.16 4.86 -15.99
C GLN B 387 -6.10 3.75 -15.90
N PHE B 388 -6.34 2.64 -16.62
CA PHE B 388 -5.41 1.52 -16.65
C PHE B 388 -4.59 1.53 -17.94
N GLY B 389 -4.67 2.64 -18.67
CA GLY B 389 -3.91 2.79 -19.89
C GLY B 389 -4.76 2.67 -21.14
N THR B 390 -4.24 3.13 -22.26
CA THR B 390 -5.02 3.14 -23.50
C THR B 390 -4.17 2.74 -24.69
N ARG B 391 -4.82 2.57 -25.84
CA ARG B 391 -4.12 2.19 -27.05
C ARG B 391 -3.27 3.34 -27.57
N LEU B 392 -3.53 4.54 -27.04
CA LEU B 392 -2.75 5.72 -27.42
CA LEU B 392 -2.76 5.72 -27.42
C LEU B 392 -1.27 5.50 -27.11
N HIS B 393 -0.99 4.86 -25.98
CA HIS B 393 0.39 4.66 -25.53
C HIS B 393 0.68 3.21 -25.15
N GLY B 394 -0.14 2.30 -25.66
CA GLY B 394 0.01 0.90 -25.30
C GLY B 394 -0.07 0.67 -23.80
N GLY B 395 -0.90 1.45 -23.12
CA GLY B 395 -1.15 1.23 -21.71
C GLY B 395 -0.10 1.83 -20.78
N LYS B 396 0.96 2.40 -21.36
CA LYS B 396 2.02 3.03 -20.59
C LYS B 396 1.51 4.25 -19.85
N ASP B 397 0.29 4.66 -20.19
CA ASP B 397 -0.32 5.84 -19.60
C ASP B 397 -1.29 5.46 -18.49
N ALA B 398 -1.08 4.30 -17.85
CA ALA B 398 -1.92 3.94 -16.72
C ALA B 398 -1.62 4.88 -15.55
N ALA B 399 -2.66 5.36 -14.88
CA ALA B 399 -2.48 6.13 -13.66
C ALA B 399 -1.80 5.22 -12.64
N SER B 400 -1.36 5.80 -11.51
CA SER B 400 -0.59 5.01 -10.56
C SER B 400 -1.48 4.19 -9.64
N PRO B 401 -0.96 3.05 -9.18
CA PRO B 401 -1.78 2.04 -8.49
C PRO B 401 -2.47 2.48 -7.21
N ARG B 402 -2.15 3.67 -6.72
CA ARG B 402 -2.79 4.25 -5.53
CA ARG B 402 -2.86 4.13 -5.52
C ARG B 402 -4.08 4.96 -5.91
N TYR B 403 -4.24 5.25 -7.19
CA TYR B 403 -5.40 6.02 -7.63
C TYR B 403 -6.35 5.27 -8.52
N ILE B 404 -6.14 3.97 -8.68
CA ILE B 404 -7.01 3.17 -9.52
C ILE B 404 -7.58 1.98 -8.76
N PHE B 405 -8.70 1.48 -9.26
CA PHE B 405 -9.48 0.51 -8.54
C PHE B 405 -9.76 -0.70 -9.42
N THR B 406 -9.93 -1.86 -8.81
CA THR B 406 -10.32 -3.03 -9.55
C THR B 406 -11.20 -3.96 -8.74
N MET B 407 -11.81 -4.90 -9.46
CA MET B 407 -12.52 -6.04 -8.88
C MET B 407 -12.66 -7.10 -9.99
N LEU B 408 -13.11 -8.29 -9.63
CA LEU B 408 -13.31 -9.36 -10.61
C LEU B 408 -14.37 -8.96 -11.60
N SER B 409 -14.14 -9.33 -12.87
CA SER B 409 -15.19 -9.29 -13.87
C SER B 409 -16.24 -10.35 -13.50
N THR B 410 -17.50 -10.09 -13.84
CA THR B 410 -18.56 -11.10 -13.67
C THR B 410 -18.27 -12.38 -14.44
N LEU B 411 -17.35 -12.31 -15.40
CA LEU B 411 -17.00 -13.47 -16.22
C LEU B 411 -16.03 -14.40 -15.52
N ALA B 412 -15.36 -13.90 -14.49
CA ALA B 412 -14.26 -14.66 -13.90
C ALA B 412 -14.69 -16.01 -13.28
N ARG B 413 -15.73 -16.03 -12.45
CA ARG B 413 -16.15 -17.31 -11.84
C ARG B 413 -16.91 -18.21 -12.80
N LEU B 414 -17.45 -17.62 -13.86
CA LEU B 414 -18.06 -18.40 -14.95
C LEU B 414 -16.97 -19.17 -15.68
N LEU B 415 -15.82 -18.52 -15.90
CA LEU B 415 -14.70 -19.18 -16.57
C LEU B 415 -13.98 -20.14 -15.64
N PHE B 416 -13.90 -19.78 -14.35
CA PHE B 416 -13.19 -20.58 -13.36
C PHE B 416 -14.18 -20.93 -12.23
N PRO B 417 -15.05 -21.92 -12.46
CA PRO B 417 -16.16 -22.22 -11.54
C PRO B 417 -15.71 -22.66 -10.15
N ALA B 418 -16.31 -22.04 -9.12
CA ALA B 418 -16.00 -22.31 -7.72
C ALA B 418 -16.00 -23.79 -7.37
N VAL B 419 -17.00 -24.53 -7.87
CA VAL B 419 -17.08 -25.95 -7.52
C VAL B 419 -15.79 -26.68 -7.91
N ASP B 420 -15.15 -26.22 -8.98
CA ASP B 420 -13.92 -26.88 -9.43
C ASP B 420 -12.73 -26.67 -8.50
N ASP B 421 -12.78 -25.65 -7.64
CA ASP B 421 -11.73 -25.45 -6.63
C ASP B 421 -11.52 -26.76 -5.85
N ASN B 422 -12.60 -27.49 -5.64
CA ASN B 422 -12.52 -28.75 -4.93
C ASN B 422 -11.64 -29.79 -5.60
N LEU B 423 -11.27 -29.55 -6.85
CA LEU B 423 -10.52 -30.56 -7.61
C LEU B 423 -9.06 -30.19 -7.76
N LEU B 424 -8.70 -29.00 -7.33
CA LEU B 424 -7.36 -28.47 -7.53
C LEU B 424 -6.36 -28.92 -6.48
N LYS B 425 -5.09 -28.84 -6.83
CA LYS B 425 -4.02 -29.10 -5.89
C LYS B 425 -3.48 -27.77 -5.36
N PHE B 426 -3.98 -27.37 -4.20
CA PHE B 426 -3.54 -26.12 -3.58
C PHE B 426 -2.14 -26.27 -2.99
N LEU B 427 -1.30 -25.28 -3.25
CA LEU B 427 0.09 -25.28 -2.80
C LEU B 427 0.21 -24.71 -1.40
N TYR B 428 1.31 -25.06 -0.72
CA TYR B 428 1.58 -24.53 0.62
C TYR B 428 2.87 -23.74 0.65
N ASP B 429 2.81 -22.53 1.18
CA ASP B 429 4.02 -21.78 1.45
C ASP B 429 4.18 -21.65 2.95
N ASP B 430 4.97 -22.55 3.54
CA ASP B 430 5.22 -22.63 4.99
C ASP B 430 3.95 -22.61 5.83
N ASN B 431 3.22 -23.72 5.78
CA ASN B 431 2.01 -23.91 6.59
C ASN B 431 0.87 -22.97 6.20
N GLN B 432 1.08 -22.14 5.19
CA GLN B 432 -0.04 -21.42 4.60
C GLN B 432 -0.50 -22.11 3.31
N ARG B 433 -1.81 -22.29 3.18
CA ARG B 433 -2.39 -22.83 1.97
C ARG B 433 -2.58 -21.64 1.03
N VAL B 434 -1.91 -21.70 -0.11
CA VAL B 434 -1.92 -20.57 -1.03
C VAL B 434 -2.59 -20.97 -2.36
N GLU B 435 -2.14 -20.43 -3.49
CA GLU B 435 -2.83 -20.64 -4.76
C GLU B 435 -2.66 -22.07 -5.30
N PRO B 436 -3.52 -22.49 -6.23
CA PRO B 436 -3.35 -23.84 -6.78
C PRO B 436 -2.21 -23.93 -7.81
N GLU B 437 -1.72 -25.13 -8.10
CA GLU B 437 -0.70 -25.30 -9.12
C GLU B 437 -1.24 -24.85 -10.48
N TRP B 438 -2.53 -25.11 -10.70
CA TRP B 438 -3.27 -24.40 -11.75
C TRP B 438 -4.77 -24.41 -11.53
N TYR B 439 -5.42 -23.41 -12.07
CA TYR B 439 -6.85 -23.45 -12.24
C TYR B 439 -7.19 -24.25 -13.49
N ILE B 440 -8.45 -24.62 -13.65
CA ILE B 440 -8.87 -25.38 -14.81
C ILE B 440 -10.10 -24.72 -15.38
N PRO B 441 -9.89 -23.70 -16.21
CA PRO B 441 -11.01 -22.92 -16.76
C PRO B 441 -11.85 -23.76 -17.72
N ILE B 442 -13.04 -23.27 -18.07
CA ILE B 442 -13.93 -24.04 -18.92
C ILE B 442 -13.53 -23.95 -20.39
N ILE B 443 -12.73 -22.95 -20.74
CA ILE B 443 -12.11 -22.87 -22.07
C ILE B 443 -10.63 -22.52 -21.90
N PRO B 444 -9.81 -22.82 -22.93
CA PRO B 444 -8.36 -22.61 -22.79
C PRO B 444 -8.02 -21.12 -22.77
N MET B 445 -7.96 -20.54 -21.58
CA MET B 445 -7.66 -19.13 -21.43
C MET B 445 -6.28 -18.79 -21.98
N VAL B 446 -5.38 -19.78 -22.03
CA VAL B 446 -4.07 -19.54 -22.62
C VAL B 446 -4.18 -19.06 -24.08
N LEU B 447 -5.29 -19.38 -24.74
CA LEU B 447 -5.51 -18.91 -26.11
C LEU B 447 -6.21 -17.57 -26.16
N ILE B 448 -6.97 -17.26 -25.11
CA ILE B 448 -7.88 -16.11 -25.16
C ILE B 448 -7.15 -14.77 -25.05
N ASN B 449 -6.19 -14.69 -24.12
CA ASN B 449 -5.59 -13.40 -23.79
C ASN B 449 -4.13 -13.24 -24.21
N GLY B 450 -3.63 -14.17 -25.03
CA GLY B 450 -2.28 -14.01 -25.55
C GLY B 450 -1.20 -14.31 -24.54
N ALA B 451 -1.13 -15.55 -24.07
CA ALA B 451 -0.05 -15.93 -23.18
C ALA B 451 1.30 -15.51 -23.75
N GLU B 452 2.10 -14.83 -22.93
CA GLU B 452 3.34 -14.24 -23.39
C GLU B 452 4.36 -14.21 -22.25
N GLY B 453 5.62 -14.52 -22.54
CA GLY B 453 6.63 -14.50 -21.50
C GLY B 453 8.04 -14.79 -21.98
N ILE B 454 9.01 -14.13 -21.35
CA ILE B 454 10.43 -14.34 -21.61
C ILE B 454 11.16 -14.94 -20.41
N GLY B 455 11.80 -16.08 -20.62
CA GLY B 455 12.51 -16.77 -19.55
C GLY B 455 13.96 -16.84 -19.91
N THR B 456 14.62 -17.92 -19.48
CA THR B 456 16.00 -18.20 -19.88
C THR B 456 16.01 -19.47 -20.72
N GLY B 457 16.61 -19.39 -21.92
CA GLY B 457 16.58 -20.53 -22.81
C GLY B 457 15.33 -20.49 -23.69
N TRP B 458 14.16 -20.30 -23.08
CA TRP B 458 12.92 -20.24 -23.86
C TRP B 458 12.14 -18.95 -23.65
N ALA B 459 11.29 -18.63 -24.62
CA ALA B 459 10.26 -17.63 -24.43
C ALA B 459 8.96 -18.19 -24.98
N CYS B 460 7.85 -17.57 -24.63
CA CYS B 460 6.55 -17.99 -25.10
C CYS B 460 5.86 -16.79 -25.68
N LYS B 461 5.22 -16.97 -26.82
CA LYS B 461 4.31 -15.96 -27.34
C LYS B 461 3.11 -16.62 -28.03
N LEU B 462 1.91 -16.23 -27.61
CA LEU B 462 0.70 -16.62 -28.29
CA LEU B 462 0.68 -16.63 -28.27
C LEU B 462 -0.13 -15.39 -28.61
N PRO B 463 -0.71 -15.35 -29.81
CA PRO B 463 -1.63 -14.25 -30.09
C PRO B 463 -2.98 -14.49 -29.39
N ASN B 464 -3.88 -13.51 -29.44
CA ASN B 464 -5.22 -13.67 -28.88
C ASN B 464 -6.08 -14.45 -29.87
N TYR B 465 -7.00 -15.24 -29.31
CA TYR B 465 -8.03 -15.93 -30.08
C TYR B 465 -9.43 -15.56 -29.59
N ASP B 466 -10.42 -15.74 -30.46
CA ASP B 466 -11.79 -15.34 -30.16
C ASP B 466 -12.48 -16.33 -29.20
N ALA B 467 -13.11 -15.82 -28.14
CA ALA B 467 -13.73 -16.67 -27.11
C ALA B 467 -14.84 -17.52 -27.69
N ARG B 468 -15.74 -16.90 -28.43
CA ARG B 468 -16.88 -17.62 -28.99
C ARG B 468 -16.42 -18.69 -29.96
N GLU B 469 -15.44 -18.36 -30.79
CA GLU B 469 -14.91 -19.35 -31.72
C GLU B 469 -14.39 -20.53 -30.94
N ILE B 470 -13.72 -20.25 -29.83
CA ILE B 470 -13.14 -21.32 -29.04
C ILE B 470 -14.26 -22.14 -28.38
N VAL B 471 -15.28 -21.45 -27.87
CA VAL B 471 -16.43 -22.14 -27.30
C VAL B 471 -17.02 -23.09 -28.34
N ASN B 472 -17.18 -22.60 -29.56
CA ASN B 472 -17.74 -23.42 -30.64
C ASN B 472 -16.87 -24.66 -30.95
N ASN B 473 -15.55 -24.50 -30.95
CA ASN B 473 -14.68 -25.66 -31.14
C ASN B 473 -14.74 -26.71 -30.02
N VAL B 474 -14.92 -26.26 -28.78
CA VAL B 474 -15.09 -27.20 -27.68
C VAL B 474 -16.40 -27.97 -27.88
N ARG B 475 -17.47 -27.26 -28.22
CA ARG B 475 -18.74 -27.90 -28.52
C ARG B 475 -18.57 -28.94 -29.65
N ARG B 476 -17.90 -28.53 -30.73
CA ARG B 476 -17.65 -29.46 -31.82
C ARG B 476 -16.97 -30.72 -31.29
N MET B 477 -15.89 -30.54 -30.54
CA MET B 477 -15.14 -31.69 -30.05
C MET B 477 -15.98 -32.52 -29.06
N LEU B 478 -16.87 -31.87 -28.31
CA LEU B 478 -17.76 -32.60 -27.41
C LEU B 478 -18.71 -33.51 -28.21
N ASP B 479 -19.07 -33.09 -29.41
CA ASP B 479 -19.90 -33.90 -30.30
C ASP B 479 -19.06 -34.80 -31.19
N GLY B 480 -17.81 -35.03 -30.79
CA GLY B 480 -16.94 -35.90 -31.56
C GLY B 480 -16.57 -35.39 -32.96
N LEU B 481 -16.95 -34.15 -33.26
CA LEU B 481 -16.55 -33.53 -34.54
C LEU B 481 -15.11 -33.05 -34.51
N ASP B 482 -14.67 -32.47 -35.63
CA ASP B 482 -13.32 -31.94 -35.72
C ASP B 482 -13.34 -30.44 -35.47
N PRO B 483 -12.38 -29.96 -34.68
CA PRO B 483 -12.30 -28.52 -34.43
C PRO B 483 -11.87 -27.80 -35.70
N HIS B 484 -12.62 -26.79 -36.12
CA HIS B 484 -12.20 -25.89 -37.20
C HIS B 484 -10.87 -25.21 -36.88
N PRO B 485 -10.10 -24.89 -37.93
CA PRO B 485 -8.87 -24.09 -37.72
C PRO B 485 -9.23 -22.71 -37.19
N MET B 486 -8.35 -22.12 -36.39
CA MET B 486 -8.61 -20.79 -35.85
C MET B 486 -7.54 -19.77 -36.24
N LEU B 487 -7.98 -18.57 -36.57
CA LEU B 487 -7.07 -17.47 -36.79
C LEU B 487 -7.06 -16.60 -35.55
N PRO B 488 -5.91 -15.97 -35.27
CA PRO B 488 -5.88 -14.98 -34.19
C PRO B 488 -6.99 -13.95 -34.39
N ASN B 489 -7.55 -13.48 -33.29
CA ASN B 489 -8.63 -12.52 -33.33
C ASN B 489 -8.56 -11.64 -32.09
N TYR B 490 -8.53 -10.34 -32.30
CA TYR B 490 -8.40 -9.37 -31.23
C TYR B 490 -9.69 -8.58 -31.08
N LYS B 491 -10.27 -8.64 -29.89
CA LYS B 491 -11.49 -7.91 -29.60
C LYS B 491 -11.42 -6.46 -30.06
N ASN B 492 -12.44 -6.02 -30.77
CA ASN B 492 -12.58 -4.63 -31.25
C ASN B 492 -11.57 -4.18 -32.30
N PHE B 493 -10.71 -5.07 -32.74
CA PHE B 493 -9.81 -4.76 -33.84
C PHE B 493 -10.62 -4.76 -35.13
N LYS B 494 -10.50 -3.70 -35.91
CA LYS B 494 -11.33 -3.55 -37.11
C LYS B 494 -10.55 -3.96 -38.34
N GLY B 495 -9.28 -4.33 -38.16
CA GLY B 495 -8.43 -4.59 -39.28
C GLY B 495 -8.52 -6.01 -39.80
N THR B 496 -7.43 -6.48 -40.39
CA THR B 496 -7.45 -7.79 -40.99
C THR B 496 -6.27 -8.62 -40.53
N ILE B 497 -6.53 -9.90 -40.27
CA ILE B 497 -5.49 -10.86 -39.94
C ILE B 497 -5.61 -12.02 -40.92
N GLN B 498 -4.60 -12.18 -41.76
CA GLN B 498 -4.63 -13.20 -42.78
C GLN B 498 -3.56 -14.21 -42.49
N GLU B 499 -3.90 -15.49 -42.62
CA GLU B 499 -2.91 -16.54 -42.50
C GLU B 499 -2.07 -16.61 -43.77
N LEU B 500 -0.76 -16.59 -43.60
CA LEU B 500 0.17 -16.69 -44.71
C LEU B 500 0.58 -18.14 -44.82
N GLY B 501 0.73 -18.77 -43.66
CA GLY B 501 1.17 -20.15 -43.52
C GLY B 501 1.03 -20.53 -42.04
N GLN B 502 1.45 -21.73 -41.69
CA GLN B 502 1.35 -22.18 -40.33
C GLN B 502 2.05 -21.21 -39.38
N ASN B 503 1.30 -20.69 -38.41
CA ASN B 503 1.83 -19.75 -37.44
C ASN B 503 2.41 -18.46 -38.04
N GLN B 504 1.95 -18.05 -39.22
CA GLN B 504 2.43 -16.83 -39.86
C GLN B 504 1.24 -16.00 -40.34
N TYR B 505 1.16 -14.75 -39.91
CA TYR B 505 0.01 -13.92 -40.23
C TYR B 505 0.41 -12.55 -40.69
N ALA B 506 -0.43 -11.95 -41.53
CA ALA B 506 -0.24 -10.56 -41.89
C ALA B 506 -1.38 -9.81 -41.26
N VAL B 507 -1.03 -8.78 -40.48
CA VAL B 507 -2.00 -8.02 -39.72
C VAL B 507 -2.05 -6.63 -40.36
N SER B 508 -3.25 -6.19 -40.76
CA SER B 508 -3.35 -4.93 -41.49
C SER B 508 -4.30 -3.96 -40.83
N GLY B 509 -3.89 -2.70 -40.75
CA GLY B 509 -4.75 -1.62 -40.33
C GLY B 509 -5.74 -1.29 -41.45
N GLU B 510 -6.36 -0.13 -41.40
CA GLU B 510 -7.32 0.25 -42.42
C GLU B 510 -7.04 1.66 -42.94
N ILE B 511 -6.95 1.78 -44.27
CA ILE B 511 -6.72 3.06 -44.92
C ILE B 511 -7.51 3.13 -46.22
N PHE B 512 -8.23 4.23 -46.44
CA PHE B 512 -9.00 4.39 -47.67
C PHE B 512 -8.91 5.77 -48.28
N VAL B 513 -8.96 5.82 -49.61
CA VAL B 513 -8.95 7.10 -50.34
C VAL B 513 -10.30 7.80 -50.20
N VAL B 514 -10.27 9.02 -49.68
CA VAL B 514 -11.48 9.82 -49.56
C VAL B 514 -11.70 10.65 -50.82
N ASP B 515 -10.66 11.36 -51.25
CA ASP B 515 -10.64 12.06 -52.52
C ASP B 515 -9.22 12.14 -53.04
N ARG B 516 -8.98 12.91 -54.10
CA ARG B 516 -7.68 12.87 -54.76
C ARG B 516 -6.53 13.46 -53.93
N ASN B 517 -6.88 14.20 -52.87
CA ASN B 517 -5.91 14.77 -51.95
C ASN B 517 -5.94 14.16 -50.56
N THR B 518 -6.75 13.13 -50.35
CA THR B 518 -7.03 12.69 -48.99
C THR B 518 -7.12 11.18 -48.81
N VAL B 519 -6.25 10.63 -47.97
CA VAL B 519 -6.50 9.30 -47.42
C VAL B 519 -6.90 9.43 -45.96
N GLU B 520 -7.63 8.45 -45.48
CA GLU B 520 -8.06 8.39 -44.10
C GLU B 520 -7.60 7.07 -43.48
N ILE B 521 -7.08 7.14 -42.25
CA ILE B 521 -6.62 5.92 -41.57
C ILE B 521 -7.49 5.69 -40.35
N THR B 522 -8.18 4.55 -40.31
CA THR B 522 -9.16 4.31 -39.25
C THR B 522 -8.87 3.08 -38.38
N GLU B 523 -7.81 2.35 -38.71
CA GLU B 523 -7.34 1.28 -37.83
C GLU B 523 -5.83 1.08 -38.02
N LEU B 524 -5.15 0.74 -36.93
CA LEU B 524 -3.73 0.43 -36.98
C LEU B 524 -3.56 -1.04 -36.70
N PRO B 525 -2.59 -1.68 -37.35
CA PRO B 525 -2.39 -3.10 -37.04
C PRO B 525 -2.30 -3.32 -35.53
N VAL B 526 -2.67 -4.50 -35.07
CA VAL B 526 -2.70 -4.78 -33.65
C VAL B 526 -1.35 -4.56 -32.95
N ARG B 527 -1.39 -3.88 -31.81
CA ARG B 527 -0.20 -3.59 -31.03
C ARG B 527 0.65 -2.48 -31.61
N THR B 528 0.11 -1.79 -32.62
CA THR B 528 0.71 -0.52 -33.03
C THR B 528 -0.03 0.60 -32.32
N TRP B 529 0.68 1.36 -31.50
CA TRP B 529 0.01 2.32 -30.65
C TRP B 529 -0.10 3.66 -31.33
N THR B 530 -1.19 4.35 -31.08
CA THR B 530 -1.50 5.54 -31.88
C THR B 530 -0.38 6.59 -31.85
N GLN B 531 0.09 6.93 -30.65
CA GLN B 531 1.14 7.94 -30.53
C GLN B 531 2.43 7.49 -31.20
N VAL B 532 2.70 6.20 -31.14
CA VAL B 532 3.92 5.68 -31.74
C VAL B 532 3.84 5.76 -33.26
N TYR B 533 2.66 5.48 -33.80
CA TYR B 533 2.46 5.51 -35.25
C TYR B 533 2.59 6.96 -35.72
N LYS B 534 1.95 7.86 -34.98
CA LYS B 534 2.05 9.28 -35.28
C LYS B 534 3.52 9.71 -35.39
N GLU B 535 4.30 9.40 -34.36
CA GLU B 535 5.68 9.87 -34.27
C GLU B 535 6.61 9.20 -35.25
N GLN B 536 6.44 7.90 -35.47
CA GLN B 536 7.43 7.17 -36.24
C GLN B 536 7.10 7.06 -37.72
N VAL B 537 5.86 7.37 -38.08
CA VAL B 537 5.45 7.22 -39.46
C VAL B 537 4.93 8.51 -40.05
N LEU B 538 3.92 9.11 -39.41
CA LEU B 538 3.32 10.31 -39.98
C LEU B 538 4.29 11.51 -39.93
N GLU B 539 4.84 11.80 -38.75
CA GLU B 539 5.83 12.88 -38.63
C GLU B 539 6.96 12.80 -39.70
N PRO B 540 7.66 11.66 -39.77
CA PRO B 540 8.66 11.55 -40.84
C PRO B 540 8.09 11.77 -42.25
N MET B 541 6.87 11.32 -42.52
CA MET B 541 6.24 11.57 -43.81
C MET B 541 6.03 13.06 -44.07
N LEU B 542 5.62 13.78 -43.03
CA LEU B 542 5.33 15.20 -43.14
C LEU B 542 6.61 16.03 -43.30
N ASN B 543 7.61 15.74 -42.47
CA ASN B 543 8.92 16.43 -42.50
C ASN B 543 10.02 15.52 -43.05
N PRO B 549 12.69 12.76 -47.78
CA PRO B 549 11.86 13.58 -48.67
C PRO B 549 10.37 13.51 -48.30
N ALA B 550 9.80 14.64 -47.90
CA ALA B 550 8.41 14.68 -47.44
C ALA B 550 7.42 14.06 -48.44
N LEU B 551 6.40 13.40 -47.90
CA LEU B 551 5.46 12.65 -48.71
C LEU B 551 4.04 13.20 -48.57
N ILE B 552 3.75 13.82 -47.44
CA ILE B 552 2.40 14.31 -47.19
C ILE B 552 2.44 15.79 -46.90
N SER B 553 1.30 16.45 -47.05
CA SER B 553 1.22 17.90 -46.88
C SER B 553 0.81 18.24 -45.47
N ASP B 554 0.03 17.36 -44.85
CA ASP B 554 -0.51 17.59 -43.52
C ASP B 554 -1.23 16.35 -43.01
N TYR B 555 -1.58 16.36 -41.73
CA TYR B 555 -2.49 15.36 -41.21
C TYR B 555 -3.20 15.90 -40.00
N LYS B 556 -4.39 15.37 -39.72
CA LYS B 556 -5.13 15.78 -38.55
C LYS B 556 -5.63 14.56 -37.80
N GLU B 557 -5.84 14.71 -36.50
CA GLU B 557 -6.24 13.59 -35.66
C GLU B 557 -7.64 13.75 -35.10
N TYR B 558 -8.39 12.65 -35.08
CA TYR B 558 -9.73 12.63 -34.52
C TYR B 558 -9.90 11.31 -33.81
N HIS B 559 -8.89 10.93 -33.04
CA HIS B 559 -8.93 9.70 -32.27
C HIS B 559 -9.93 9.87 -31.14
N THR B 560 -10.43 8.76 -30.62
CA THR B 560 -11.04 8.78 -29.30
C THR B 560 -10.12 7.95 -28.41
N ASP B 561 -10.52 7.70 -27.18
CA ASP B 561 -9.67 6.92 -26.28
C ASP B 561 -9.45 5.52 -26.83
N THR B 562 -10.44 5.00 -27.55
CA THR B 562 -10.44 3.60 -28.01
C THR B 562 -10.42 3.43 -29.54
N THR B 563 -10.37 4.51 -30.30
CA THR B 563 -10.40 4.41 -31.75
C THR B 563 -9.34 5.28 -32.40
N VAL B 564 -9.00 4.95 -33.64
CA VAL B 564 -7.97 5.67 -34.37
C VAL B 564 -8.58 6.34 -35.61
N LYS B 565 -8.27 7.61 -35.81
CA LYS B 565 -8.65 8.28 -37.04
C LYS B 565 -7.67 9.39 -37.39
N PHE B 566 -6.84 9.14 -38.40
CA PHE B 566 -5.96 10.14 -39.00
C PHE B 566 -6.52 10.52 -40.38
N VAL B 567 -6.64 11.82 -40.66
CA VAL B 567 -6.93 12.27 -42.00
C VAL B 567 -5.68 12.91 -42.55
N VAL B 568 -5.21 12.38 -43.68
CA VAL B 568 -3.94 12.78 -44.27
C VAL B 568 -4.13 13.45 -45.64
N LYS B 569 -3.53 14.64 -45.81
CA LYS B 569 -3.57 15.35 -47.09
C LYS B 569 -2.26 15.18 -47.85
N MET B 570 -2.37 14.98 -49.16
CA MET B 570 -1.20 14.98 -50.03
C MET B 570 -1.56 15.41 -51.45
N THR B 571 -0.56 15.64 -52.27
CA THR B 571 -0.81 16.07 -53.65
C THR B 571 -1.29 14.91 -54.48
N GLU B 572 -2.21 15.19 -55.41
CA GLU B 572 -2.67 14.18 -56.37
C GLU B 572 -1.54 13.28 -56.81
N GLU B 573 -0.46 13.90 -57.29
CA GLU B 573 0.68 13.14 -57.79
C GLU B 573 1.15 12.12 -56.76
N LYS B 574 1.40 12.59 -55.54
CA LYS B 574 1.97 11.72 -54.52
C LYS B 574 0.98 10.65 -54.04
N LEU B 575 -0.29 11.00 -53.90
CA LEU B 575 -1.31 10.00 -53.61
C LEU B 575 -1.33 8.92 -54.69
N ALA B 576 -1.36 9.34 -55.95
CA ALA B 576 -1.38 8.39 -57.06
C ALA B 576 -0.20 7.42 -56.98
N GLN B 577 0.97 7.95 -56.67
CA GLN B 577 2.16 7.14 -56.48
C GLN B 577 2.02 6.23 -55.26
N ALA B 578 1.71 6.81 -54.10
CA ALA B 578 1.45 6.02 -52.91
C ALA B 578 0.46 4.91 -53.23
N GLU B 579 -0.62 5.28 -53.91
CA GLU B 579 -1.70 4.36 -54.27
C GLU B 579 -1.24 3.28 -55.26
N ALA B 580 -0.30 3.65 -56.13
CA ALA B 580 0.23 2.73 -57.13
C ALA B 580 1.04 1.66 -56.41
N ALA B 581 1.93 2.10 -55.54
CA ALA B 581 2.53 1.19 -54.58
C ALA B 581 1.39 0.87 -53.62
N GLY B 582 1.55 -0.10 -52.73
CA GLY B 582 0.49 -0.35 -51.76
C GLY B 582 0.26 0.78 -50.78
N LEU B 583 -0.98 1.24 -50.62
CA LEU B 583 -1.30 2.22 -49.59
C LEU B 583 -0.98 1.67 -48.20
N HIS B 584 -1.31 0.41 -47.96
CA HIS B 584 -1.03 -0.23 -46.68
C HIS B 584 0.47 -0.33 -46.50
N LYS B 585 1.18 -0.49 -47.61
CA LYS B 585 2.62 -0.64 -47.59
C LYS B 585 3.27 0.69 -47.27
N VAL B 586 2.88 1.70 -48.04
CA VAL B 586 3.46 3.02 -47.92
C VAL B 586 3.22 3.63 -46.54
N PHE B 587 2.06 3.36 -45.96
CA PHE B 587 1.73 3.95 -44.66
C PHE B 587 2.04 3.01 -43.50
N LYS B 588 2.79 1.96 -43.79
CA LYS B 588 3.22 1.00 -42.78
C LYS B 588 2.06 0.51 -41.93
N LEU B 589 0.98 0.08 -42.58
CA LEU B 589 -0.19 -0.42 -41.87
C LEU B 589 -0.32 -1.93 -41.92
N GLN B 590 0.79 -2.60 -42.21
CA GLN B 590 0.84 -4.05 -42.21
C GLN B 590 2.03 -4.51 -41.41
N THR B 591 1.80 -5.43 -40.50
CA THR B 591 2.90 -6.02 -39.74
C THR B 591 2.73 -7.53 -39.77
N THR B 592 3.83 -8.27 -39.62
CA THR B 592 3.75 -9.71 -39.61
C THR B 592 3.77 -10.23 -38.19
N LEU B 593 2.98 -11.26 -37.96
CA LEU B 593 2.93 -11.89 -36.65
C LEU B 593 3.29 -13.34 -36.87
N THR B 594 4.37 -13.77 -36.23
CA THR B 594 4.87 -15.12 -36.40
C THR B 594 5.00 -15.78 -35.04
N CYS B 595 4.55 -17.03 -34.93
CA CYS B 595 4.38 -17.68 -33.65
C CYS B 595 5.00 -19.06 -33.60
N ASN B 596 6.32 -19.09 -33.68
CA ASN B 596 7.05 -20.35 -33.69
C ASN B 596 7.68 -20.68 -32.35
N SER B 597 7.19 -20.05 -31.30
CA SER B 597 7.71 -20.30 -29.96
C SER B 597 6.56 -20.36 -28.96
N MET B 598 5.61 -21.25 -29.22
CA MET B 598 4.53 -21.52 -28.28
C MET B 598 5.00 -22.52 -27.25
N VAL B 599 5.71 -22.01 -26.25
CA VAL B 599 6.28 -22.84 -25.21
C VAL B 599 5.52 -22.62 -23.91
N LEU B 600 5.09 -23.72 -23.30
CA LEU B 600 4.20 -23.69 -22.15
C LEU B 600 4.55 -24.81 -21.21
N PHE B 601 4.17 -24.66 -19.94
CA PHE B 601 4.17 -25.79 -19.00
C PHE B 601 2.88 -26.60 -19.20
N ASP B 602 3.04 -27.91 -19.43
CA ASP B 602 1.88 -28.79 -19.52
C ASP B 602 1.34 -29.11 -18.11
N HIS B 603 0.27 -29.90 -18.03
CA HIS B 603 -0.40 -30.15 -16.76
C HIS B 603 0.49 -30.80 -15.68
N MET B 604 1.54 -31.49 -16.11
CA MET B 604 2.48 -32.10 -15.16
C MET B 604 3.61 -31.14 -14.81
N GLY B 605 3.55 -29.92 -15.34
CA GLY B 605 4.59 -28.95 -15.07
C GLY B 605 5.87 -29.25 -15.85
N CYS B 606 5.72 -29.89 -17.01
CA CYS B 606 6.88 -30.07 -17.88
C CYS B 606 6.87 -29.03 -18.98
N LEU B 607 8.02 -28.42 -19.23
CA LEU B 607 8.12 -27.43 -20.28
C LEU B 607 7.96 -28.14 -21.63
N LYS B 608 7.14 -27.57 -22.50
CA LYS B 608 6.83 -28.21 -23.76
C LYS B 608 6.65 -27.19 -24.88
N LYS B 609 7.09 -27.54 -26.08
CA LYS B 609 6.87 -26.72 -27.26
C LYS B 609 5.66 -27.21 -28.03
N TYR B 610 4.77 -26.30 -28.40
CA TYR B 610 3.55 -26.69 -29.11
C TYR B 610 3.61 -26.09 -30.50
N GLU B 611 3.37 -26.93 -31.52
CA GLU B 611 3.50 -26.54 -32.92
C GLU B 611 2.29 -25.78 -33.45
N THR B 612 1.09 -26.12 -32.99
CA THR B 612 -0.11 -25.43 -33.45
C THR B 612 -1.04 -25.20 -32.28
N VAL B 613 -1.91 -24.21 -32.38
CA VAL B 613 -2.89 -23.98 -31.32
C VAL B 613 -3.87 -25.14 -31.23
N GLN B 614 -4.04 -25.84 -32.34
CA GLN B 614 -4.86 -27.05 -32.35
C GLN B 614 -4.29 -28.07 -31.36
N ASP B 615 -2.97 -28.25 -31.36
CA ASP B 615 -2.36 -29.13 -30.37
C ASP B 615 -2.65 -28.67 -28.95
N ILE B 616 -2.62 -27.35 -28.73
CA ILE B 616 -2.88 -26.80 -27.40
C ILE B 616 -4.32 -27.08 -27.00
N LEU B 617 -5.24 -26.82 -27.92
CA LEU B 617 -6.67 -27.04 -27.69
C LEU B 617 -6.95 -28.48 -27.29
N LYS B 618 -6.44 -29.41 -28.09
CA LYS B 618 -6.67 -30.83 -27.86
C LYS B 618 -6.17 -31.22 -26.48
N GLU B 619 -4.95 -30.83 -26.14
CA GLU B 619 -4.38 -31.19 -24.84
C GLU B 619 -5.18 -30.57 -23.70
N PHE B 620 -5.62 -29.32 -23.89
CA PHE B 620 -6.49 -28.70 -22.91
C PHE B 620 -7.78 -29.52 -22.83
N PHE B 621 -8.36 -29.79 -23.99
CA PHE B 621 -9.65 -30.46 -24.04
C PHE B 621 -9.64 -31.79 -23.28
N ASP B 622 -8.61 -32.61 -23.48
CA ASP B 622 -8.61 -33.91 -22.82
C ASP B 622 -8.52 -33.80 -21.30
N LEU B 623 -7.73 -32.84 -20.82
CA LEU B 623 -7.60 -32.62 -19.39
C LEU B 623 -8.92 -32.10 -18.83
N ARG B 624 -9.47 -31.06 -19.47
CA ARG B 624 -10.71 -30.45 -18.99
C ARG B 624 -11.88 -31.44 -18.98
N LEU B 625 -11.97 -32.29 -20.00
CA LEU B 625 -13.05 -33.27 -20.05
C LEU B 625 -12.88 -34.21 -18.88
N SER B 626 -11.65 -34.66 -18.69
CA SER B 626 -11.37 -35.54 -17.57
C SER B 626 -11.77 -34.86 -16.25
N TYR B 627 -11.57 -33.55 -16.15
CA TYR B 627 -11.93 -32.84 -14.90
C TYR B 627 -13.44 -32.63 -14.69
N TYR B 628 -14.22 -32.57 -15.77
CA TYR B 628 -15.66 -32.59 -15.60
C TYR B 628 -16.09 -33.96 -15.06
N GLY B 629 -15.36 -35.00 -15.44
CA GLY B 629 -15.60 -36.32 -14.85
C GLY B 629 -15.38 -36.28 -13.36
N LEU B 630 -14.24 -35.73 -12.94
CA LEU B 630 -13.93 -35.57 -11.51
C LEU B 630 -14.96 -34.70 -10.79
N ARG B 631 -15.41 -33.62 -11.43
CA ARG B 631 -16.42 -32.78 -10.82
C ARG B 631 -17.69 -33.55 -10.55
N LYS B 632 -18.11 -34.36 -11.53
CA LYS B 632 -19.32 -35.17 -11.34
C LYS B 632 -19.17 -36.18 -10.19
N GLU B 633 -18.05 -36.89 -10.13
CA GLU B 633 -17.84 -37.80 -9.00
C GLU B 633 -17.87 -37.04 -7.67
N TRP B 634 -17.17 -35.92 -7.62
CA TRP B 634 -17.13 -35.13 -6.40
C TRP B 634 -18.54 -34.69 -6.00
N LEU B 635 -19.26 -34.09 -6.93
CA LEU B 635 -20.61 -33.62 -6.66
C LEU B 635 -21.58 -34.73 -6.26
N VAL B 636 -21.43 -35.90 -6.88
CA VAL B 636 -22.34 -36.99 -6.56
C VAL B 636 -22.09 -37.41 -5.12
N GLY B 637 -20.81 -37.50 -4.75
CA GLY B 637 -20.42 -37.86 -3.40
C GLY B 637 -20.89 -36.85 -2.37
N MET B 638 -20.57 -35.58 -2.58
CA MET B 638 -20.92 -34.50 -1.67
C MET B 638 -22.43 -34.31 -1.52
N LEU B 639 -23.12 -34.14 -2.64
CA LEU B 639 -24.59 -34.03 -2.63
C LEU B 639 -25.23 -35.26 -1.98
N GLY B 640 -24.63 -36.42 -2.19
CA GLY B 640 -25.09 -37.63 -1.54
C GLY B 640 -24.95 -37.55 -0.02
N ALA B 641 -23.81 -37.06 0.45
CA ALA B 641 -23.58 -36.94 1.88
C ALA B 641 -24.58 -35.94 2.46
N GLU B 642 -24.84 -34.87 1.70
CA GLU B 642 -25.76 -33.83 2.14
C GLU B 642 -27.17 -34.36 2.18
N SER B 643 -27.49 -35.26 1.27
CA SER B 643 -28.80 -35.84 1.22
C SER B 643 -28.99 -36.72 2.45
N THR B 644 -27.99 -37.53 2.76
CA THR B 644 -28.01 -38.38 3.94
C THR B 644 -28.14 -37.53 5.21
N LYS B 645 -27.36 -36.45 5.25
CA LYS B 645 -27.42 -35.49 6.34
C LYS B 645 -28.85 -34.98 6.55
N LEU B 646 -29.46 -34.47 5.47
CA LEU B 646 -30.83 -33.99 5.56
C LEU B 646 -31.82 -35.09 5.95
N ASN B 647 -31.60 -36.30 5.45
CA ASN B 647 -32.49 -37.39 5.83
C ASN B 647 -32.48 -37.57 7.34
N ASN B 648 -31.29 -37.61 7.92
CA ASN B 648 -31.16 -37.79 9.36
C ASN B 648 -31.74 -36.60 10.13
N GLN B 649 -31.48 -35.39 9.67
CA GLN B 649 -32.06 -34.23 10.33
C GLN B 649 -33.59 -34.29 10.26
N ALA B 650 -34.13 -34.63 9.11
CA ALA B 650 -35.58 -34.71 8.96
C ALA B 650 -36.15 -35.81 9.86
N ARG B 651 -35.48 -36.96 9.86
CA ARG B 651 -35.96 -38.08 10.63
C ARG B 651 -36.04 -37.64 12.08
N PHE B 652 -34.98 -36.98 12.56
CA PHE B 652 -34.93 -36.55 13.96
C PHE B 652 -36.07 -35.61 14.32
N ILE B 653 -36.30 -34.61 13.47
CA ILE B 653 -37.35 -33.65 13.69
C ILE B 653 -38.73 -34.35 13.71
N LEU B 654 -38.97 -35.23 12.75
CA LEU B 654 -40.28 -35.91 12.68
C LEU B 654 -40.52 -36.75 13.93
N GLU B 655 -39.51 -37.49 14.37
CA GLU B 655 -39.63 -38.30 15.56
C GLU B 655 -39.85 -37.43 16.79
N LYS B 656 -39.15 -36.32 16.84
CA LYS B 656 -39.28 -35.38 17.95
C LYS B 656 -40.71 -34.84 18.04
N ILE B 657 -41.23 -34.33 16.94
CA ILE B 657 -42.59 -33.79 16.98
C ILE B 657 -43.67 -34.87 17.18
N GLN B 658 -43.30 -36.14 17.02
CA GLN B 658 -44.27 -37.22 17.18
C GLN B 658 -44.22 -37.87 18.56
N GLY B 659 -43.19 -37.57 19.34
CA GLY B 659 -43.04 -38.15 20.65
C GLY B 659 -42.16 -39.38 20.62
N LYS B 660 -41.81 -39.80 19.40
CA LYS B 660 -41.00 -41.00 19.22
C LYS B 660 -39.62 -40.89 19.88
N ILE B 661 -39.12 -39.66 20.01
CA ILE B 661 -37.84 -39.45 20.70
C ILE B 661 -37.90 -38.22 21.58
N THR B 662 -37.11 -38.21 22.65
CA THR B 662 -37.04 -37.04 23.53
C THR B 662 -35.60 -36.84 23.95
N ILE B 663 -35.25 -35.58 24.19
CA ILE B 663 -33.89 -35.23 24.60
C ILE B 663 -33.91 -34.43 25.90
N GLU B 664 -35.08 -33.90 26.24
CA GLU B 664 -35.20 -33.03 27.41
C GLU B 664 -34.57 -33.67 28.64
N ASN B 665 -33.68 -32.93 29.30
CA ASN B 665 -33.01 -33.37 30.53
C ASN B 665 -32.15 -34.62 30.40
N ARG B 666 -31.86 -35.02 29.16
CA ARG B 666 -30.96 -36.14 28.93
C ARG B 666 -29.49 -35.75 29.04
N SER B 667 -28.71 -36.62 29.66
CA SER B 667 -27.28 -36.50 29.65
C SER B 667 -26.81 -36.44 28.20
N LYS B 668 -25.67 -35.81 27.96
CA LYS B 668 -25.11 -35.81 26.63
C LYS B 668 -24.69 -37.23 26.24
N LYS B 669 -24.10 -37.96 27.18
CA LYS B 669 -23.67 -39.35 26.96
C LYS B 669 -24.83 -40.23 26.54
N ASP B 670 -25.91 -40.19 27.32
CA ASP B 670 -27.11 -40.96 27.03
C ASP B 670 -27.70 -40.58 25.68
N LEU B 671 -27.57 -39.30 25.34
CA LEU B 671 -28.16 -38.79 24.13
C LEU B 671 -27.41 -39.35 22.93
N ILE B 672 -26.08 -39.33 23.00
CA ILE B 672 -25.27 -39.86 21.93
C ILE B 672 -25.60 -41.35 21.78
N GLN B 673 -25.40 -42.09 22.86
CA GLN B 673 -25.68 -43.53 22.92
C GLN B 673 -27.05 -43.86 22.34
N MET B 674 -28.08 -43.15 22.76
CA MET B 674 -29.41 -43.39 22.21
C MET B 674 -29.50 -43.17 20.70
N LEU B 675 -28.85 -42.11 20.21
CA LEU B 675 -28.91 -41.81 18.79
C LEU B 675 -28.20 -42.91 18.00
N VAL B 676 -27.08 -43.37 18.52
CA VAL B 676 -26.38 -44.49 17.91
C VAL B 676 -27.32 -45.69 17.83
N GLN B 677 -27.85 -46.10 18.97
CA GLN B 677 -28.69 -47.28 19.04
C GLN B 677 -29.90 -47.19 18.14
N ARG B 678 -30.37 -45.97 17.90
CA ARG B 678 -31.50 -45.78 17.00
C ARG B 678 -31.05 -45.65 15.54
N GLY B 679 -29.76 -45.83 15.31
CA GLY B 679 -29.23 -45.87 13.96
C GLY B 679 -29.06 -44.51 13.27
N TYR B 680 -29.05 -43.42 14.03
CA TYR B 680 -28.73 -42.14 13.42
C TYR B 680 -27.27 -42.18 13.03
N GLU B 681 -26.94 -41.48 11.95
CA GLU B 681 -25.57 -41.51 11.42
C GLU B 681 -24.75 -40.29 11.82
N SER B 682 -23.49 -40.53 12.17
CA SER B 682 -22.54 -39.48 12.47
C SER B 682 -22.44 -38.59 11.24
N ASP B 683 -22.30 -37.29 11.46
CA ASP B 683 -22.26 -36.30 10.38
C ASP B 683 -21.77 -36.86 9.05
N PRO B 684 -22.70 -37.13 8.13
CA PRO B 684 -22.37 -37.74 6.83
C PRO B 684 -21.46 -36.89 5.96
N VAL B 685 -21.67 -35.58 5.96
CA VAL B 685 -20.86 -34.68 5.14
C VAL B 685 -19.43 -34.65 5.67
N LYS B 686 -19.32 -34.54 6.98
CA LYS B 686 -18.02 -34.51 7.65
C LYS B 686 -17.29 -35.81 7.37
N ALA B 687 -17.99 -36.92 7.54
CA ALA B 687 -17.44 -38.25 7.27
C ALA B 687 -16.96 -38.42 5.83
N TRP B 688 -17.73 -37.86 4.89
CA TRP B 688 -17.37 -37.95 3.47
C TRP B 688 -16.13 -37.11 3.13
N LYS B 689 -16.02 -35.92 3.73
CA LYS B 689 -14.84 -35.08 3.51
C LYS B 689 -13.58 -35.76 4.06
N GLU B 690 -13.70 -36.34 5.24
CA GLU B 690 -12.58 -37.05 5.86
C GLU B 690 -12.17 -38.22 4.98
N ALA B 691 -13.14 -38.82 4.30
CA ALA B 691 -12.88 -39.96 3.43
C ALA B 691 -12.07 -39.58 2.19
N GLN B 692 -12.17 -38.32 1.76
CA GLN B 692 -11.33 -37.82 0.67
C GLN B 692 -9.94 -37.50 1.19
N GLY B 717 -15.43 -40.38 18.10
CA GLY B 717 -16.79 -40.85 18.34
C GLY B 717 -17.79 -40.32 17.33
N PRO B 718 -19.02 -40.83 17.36
CA PRO B 718 -20.06 -40.36 16.43
C PRO B 718 -20.38 -38.87 16.67
N ASP B 719 -20.65 -38.14 15.59
CA ASP B 719 -20.88 -36.69 15.67
C ASP B 719 -22.31 -36.32 15.28
N PHE B 720 -23.13 -35.94 16.26
CA PHE B 720 -24.52 -35.59 15.98
C PHE B 720 -24.81 -34.09 16.10
N ASN B 721 -23.75 -33.28 16.14
CA ASN B 721 -23.91 -31.82 16.22
C ASN B 721 -24.78 -31.25 15.11
N TYR B 722 -24.69 -31.83 13.91
CA TYR B 722 -25.45 -31.31 12.79
C TYR B 722 -26.95 -31.40 13.07
N ILE B 723 -27.33 -32.35 13.93
CA ILE B 723 -28.71 -32.49 14.35
C ILE B 723 -29.04 -31.59 15.56
N LEU B 724 -28.26 -31.74 16.63
CA LEU B 724 -28.51 -31.03 17.90
C LEU B 724 -28.21 -29.52 17.89
N ASN B 725 -27.38 -29.05 16.97
CA ASN B 725 -27.15 -27.63 16.76
C ASN B 725 -28.30 -26.94 16.05
N MET B 726 -29.23 -27.68 15.47
CA MET B 726 -30.40 -27.05 14.89
C MET B 726 -31.14 -26.27 15.98
N SER B 727 -31.84 -25.23 15.55
CA SER B 727 -32.49 -24.32 16.47
C SER B 727 -33.84 -24.91 16.89
N LEU B 728 -34.34 -24.48 18.05
CA LEU B 728 -35.68 -24.85 18.47
C LEU B 728 -36.73 -24.52 17.42
N TRP B 729 -36.48 -23.48 16.61
CA TRP B 729 -37.38 -23.10 15.52
C TRP B 729 -37.71 -24.29 14.62
N SER B 730 -36.75 -25.21 14.50
CA SER B 730 -36.84 -26.38 13.62
C SER B 730 -38.03 -27.29 13.95
N LEU B 731 -38.53 -27.21 15.17
CA LEU B 731 -39.61 -28.08 15.60
C LEU B 731 -40.96 -27.49 15.24
N THR B 732 -40.95 -26.30 14.65
CA THR B 732 -42.22 -25.62 14.37
C THR B 732 -42.73 -25.96 12.97
N LYS B 733 -44.03 -25.78 12.79
CA LYS B 733 -44.74 -26.20 11.59
C LYS B 733 -44.05 -25.80 10.28
N GLU B 734 -43.91 -24.49 10.07
CA GLU B 734 -43.30 -23.99 8.85
C GLU B 734 -41.93 -24.62 8.60
N LYS B 735 -41.13 -24.74 9.65
CA LYS B 735 -39.76 -25.23 9.52
C LYS B 735 -39.71 -26.73 9.29
N VAL B 736 -40.67 -27.46 9.86
CA VAL B 736 -40.77 -28.88 9.60
C VAL B 736 -41.04 -29.11 8.13
N GLU B 737 -42.03 -28.40 7.58
CA GLU B 737 -42.37 -28.50 6.17
C GLU B 737 -41.17 -28.15 5.30
N GLU B 738 -40.52 -27.04 5.66
CA GLU B 738 -39.38 -26.54 4.90
C GLU B 738 -38.22 -27.52 4.88
N LEU B 739 -37.96 -28.14 6.03
CA LEU B 739 -36.89 -29.13 6.12
C LEU B 739 -37.19 -30.33 5.21
N ILE B 740 -38.45 -30.77 5.19
CA ILE B 740 -38.87 -31.89 4.33
C ILE B 740 -38.67 -31.56 2.85
N LYS B 741 -39.08 -30.37 2.43
CA LYS B 741 -38.84 -29.94 1.05
C LYS B 741 -37.37 -29.93 0.67
N GLN B 742 -36.53 -29.42 1.57
CA GLN B 742 -35.09 -29.35 1.30
C GLN B 742 -34.48 -30.73 1.20
N ARG B 743 -34.95 -31.65 2.04
CA ARG B 743 -34.49 -33.03 1.96
C ARG B 743 -34.83 -33.63 0.60
N ASP B 744 -36.06 -33.42 0.14
CA ASP B 744 -36.51 -34.05 -1.11
C ASP B 744 -35.77 -33.41 -2.29
N ALA B 745 -35.68 -32.09 -2.30
CA ALA B 745 -34.93 -31.39 -3.35
C ALA B 745 -33.48 -31.88 -3.41
N LYS B 746 -32.87 -32.12 -2.26
CA LYS B 746 -31.51 -32.62 -2.25
C LYS B 746 -31.45 -34.00 -2.92
N GLY B 747 -32.48 -34.81 -2.67
CA GLY B 747 -32.59 -36.13 -3.30
C GLY B 747 -32.69 -36.05 -4.81
N ARG B 748 -33.56 -35.19 -5.31
CA ARG B 748 -33.69 -35.00 -6.74
C ARG B 748 -32.41 -34.46 -7.35
N GLU B 749 -31.71 -33.62 -6.59
CA GLU B 749 -30.52 -32.97 -7.11
C GLU B 749 -29.43 -34.00 -7.39
N VAL B 750 -29.18 -34.88 -6.44
CA VAL B 750 -28.18 -35.92 -6.64
C VAL B 750 -28.63 -36.84 -7.77
N ASN B 751 -29.92 -37.14 -7.83
CA ASN B 751 -30.44 -37.99 -8.91
C ASN B 751 -30.23 -37.38 -10.30
N ASP B 752 -30.65 -36.12 -10.47
CA ASP B 752 -30.48 -35.43 -11.75
C ASP B 752 -29.02 -35.38 -12.17
N LEU B 753 -28.13 -35.17 -11.21
CA LEU B 753 -26.71 -35.09 -11.52
C LEU B 753 -26.18 -36.43 -11.97
N LYS B 754 -26.66 -37.51 -11.35
CA LYS B 754 -26.15 -38.83 -11.68
C LYS B 754 -26.45 -39.20 -13.12
N ARG B 755 -27.57 -38.70 -13.61
CA ARG B 755 -28.03 -39.03 -14.96
CA ARG B 755 -28.04 -39.03 -14.96
C ARG B 755 -27.23 -38.32 -16.03
N LYS B 756 -26.66 -37.16 -15.69
CA LYS B 756 -25.94 -36.33 -16.65
C LYS B 756 -24.55 -36.83 -16.95
N SER B 757 -24.05 -36.46 -18.12
CA SER B 757 -22.66 -36.73 -18.46
C SER B 757 -21.79 -35.52 -18.15
N PRO B 758 -20.48 -35.77 -17.95
CA PRO B 758 -19.48 -34.69 -17.89
C PRO B 758 -19.63 -33.74 -19.07
N SER B 759 -19.91 -34.24 -20.26
CA SER B 759 -20.17 -33.36 -21.40
C SER B 759 -21.33 -32.41 -21.16
N ASP B 760 -22.40 -32.90 -20.54
CA ASP B 760 -23.57 -32.06 -20.28
C ASP B 760 -23.22 -30.90 -19.34
N LEU B 761 -22.42 -31.22 -18.32
CA LEU B 761 -22.02 -30.22 -17.32
C LEU B 761 -21.19 -29.13 -18.00
N TRP B 762 -20.24 -29.56 -18.82
CA TRP B 762 -19.40 -28.65 -19.58
C TRP B 762 -20.27 -27.72 -20.43
N LYS B 763 -21.28 -28.28 -21.08
CA LYS B 763 -22.16 -27.50 -21.97
C LYS B 763 -22.99 -26.49 -21.21
N GLU B 764 -23.46 -26.90 -20.04
CA GLU B 764 -24.15 -26.00 -19.13
C GLU B 764 -23.28 -24.79 -18.80
N ASP B 765 -22.03 -25.04 -18.40
CA ASP B 765 -21.09 -23.94 -18.11
C ASP B 765 -20.84 -23.03 -19.31
N LEU B 766 -20.56 -23.61 -20.47
CA LEU B 766 -20.34 -22.84 -21.70
C LEU B 766 -21.51 -21.90 -22.03
N ALA B 767 -22.73 -22.40 -21.91
CA ALA B 767 -23.93 -21.61 -22.18
C ALA B 767 -24.05 -20.49 -21.16
N ALA B 768 -23.80 -20.81 -19.89
CA ALA B 768 -23.87 -19.79 -18.84
C ALA B 768 -22.82 -18.70 -19.12
N PHE B 769 -21.62 -19.13 -19.51
CA PHE B 769 -20.56 -18.18 -19.83
C PHE B 769 -20.91 -17.25 -21.01
N VAL B 770 -21.35 -17.85 -22.12
CA VAL B 770 -21.66 -17.11 -23.35
C VAL B 770 -22.78 -16.09 -23.14
N GLU B 771 -23.79 -16.48 -22.39
CA GLU B 771 -24.89 -15.57 -22.05
C GLU B 771 -24.37 -14.33 -21.33
N GLU B 772 -23.47 -14.51 -20.37
CA GLU B 772 -22.94 -13.36 -19.65
C GLU B 772 -21.93 -12.58 -20.48
N LEU B 773 -21.17 -13.29 -21.31
CA LEU B 773 -20.25 -12.65 -22.24
C LEU B 773 -21.02 -11.73 -23.20
N ASP B 774 -22.17 -12.18 -23.67
CA ASP B 774 -23.00 -11.35 -24.54
C ASP B 774 -23.45 -10.10 -23.80
N LYS B 775 -23.96 -10.26 -22.58
CA LYS B 775 -24.42 -9.13 -21.77
C LYS B 775 -23.28 -8.16 -21.52
N VAL B 776 -22.16 -8.70 -21.06
CA VAL B 776 -21.02 -7.87 -20.67
C VAL B 776 -20.51 -7.07 -21.88
N GLU B 777 -20.32 -7.76 -23.00
CA GLU B 777 -19.77 -7.07 -24.17
C GLU B 777 -20.74 -6.05 -24.79
N SER B 778 -22.04 -6.31 -24.68
CA SER B 778 -23.04 -5.33 -25.12
C SER B 778 -22.98 -4.07 -24.26
N GLN B 779 -22.86 -4.26 -22.95
CA GLN B 779 -22.78 -3.13 -22.04
C GLN B 779 -21.54 -2.26 -22.31
N GLU B 780 -20.44 -2.90 -22.71
CA GLU B 780 -19.19 -2.16 -22.99
C GLU B 780 -19.31 -1.31 -24.25
N ARG B 781 -20.08 -1.78 -25.23
CA ARG B 781 -20.26 -0.99 -26.45
C ARG B 781 -21.22 0.17 -26.24
N GLU B 782 -22.20 -0.01 -25.35
CA GLU B 782 -23.06 1.10 -24.96
C GLU B 782 -22.28 2.13 -24.16
N ASP B 783 -21.50 1.66 -23.19
CA ASP B 783 -20.69 2.54 -22.34
C ASP B 783 -19.58 3.26 -23.11
MG MG G . -6.82 17.52 -2.69
MG MG H . 5.37 13.66 20.05
MG MG I . -0.59 25.46 6.75
MG MG J . 15.06 -10.63 -3.22
MG MG K . -2.03 -9.80 -22.52
MG MG L . 17.74 -8.19 -26.81
MG MG M . 9.40 30.10 9.44
#